data_8BXB
#
_entry.id   8BXB
#
_cell.length_a   1.00
_cell.length_b   1.00
_cell.length_c   1.00
_cell.angle_alpha   90.00
_cell.angle_beta   90.00
_cell.angle_gamma   90.00
#
_symmetry.space_group_name_H-M   'P 1'
#
loop_
_entity.id
_entity.type
_entity.pdbx_description
1 polymer 'Acetylcholine receptor'
2 non-polymer 2-acetamido-2-deoxy-beta-D-glucopyranose
3 water water
#
_entity_poly.entity_id   1
_entity_poly.type   'polypeptide(L)'
_entity_poly.pdbx_seq_one_letter_code
;MAGSKVDKTLCRLGDITGLLIVLSVLVSRGLCQDCNNTNASSMADEKRLLKCILHDYDTAIRPVQNVSDVVNVALEVTVV
KVIDLDEKEHVLTTNGWIYHEWNDFQLKWNPSDYSGLKKIRIPVDRIWTPDIVLFNNADESYRYVVDKLAVVYYTGKVMW
VPHARLRSFCVLDLSRFPFDSQMCTLVFGSWTHDVSSVNVTLRNQSKVQYMIDGKEWQVTSVQPKRYQWTYNSNENYAGI
ITGIKLKRTSIYYQYVFIMPTVLLAFLTLLMPFIPPLGKERITYGIGLVLGCTLLLMMLSDRMPTELGNVPVVAAYLAYV
FVMVAINLLFAIMAINMSMRDPKFGKVPGWVRWIFLTKLSKLVCLPVEPYTAVPADLAYEETAAARELLDMNNGTATADQ
RVSGSDTKPALDRTLEDIRRYLRLVATRTVVTPQLSHRDLVVQEWQQLTRVIDRLLFGSFLVLTVVITISMYAHY
;
_entity_poly.pdbx_strand_id   A,B,C,D,E
#
loop_
_chem_comp.id
_chem_comp.type
_chem_comp.name
_chem_comp.formula
NAG D-saccharide, beta linking 2-acetamido-2-deoxy-beta-D-glucopyranose 'C8 H15 N O6'
#
# COMPACT_ATOMS: atom_id res chain seq x y z
N ALA A 44 -14.47 -15.03 -47.33
CA ALA A 44 -15.36 -14.30 -46.43
C ALA A 44 -15.65 -12.91 -46.99
N ASP A 45 -16.52 -12.18 -46.29
CA ASP A 45 -16.88 -10.83 -46.69
C ASP A 45 -16.11 -9.76 -45.92
N GLU A 46 -16.02 -9.91 -44.60
CA GLU A 46 -15.25 -8.95 -43.79
C GLU A 46 -13.75 -9.12 -44.02
N LYS A 47 -13.29 -10.35 -44.24
CA LYS A 47 -11.87 -10.58 -44.48
C LYS A 47 -11.43 -10.02 -45.83
N ARG A 48 -12.31 -10.05 -46.83
CA ARG A 48 -12.00 -9.50 -48.15
C ARG A 48 -11.81 -7.98 -48.07
N LEU A 49 -12.66 -7.30 -47.32
CA LEU A 49 -12.51 -5.86 -47.18
C LEU A 49 -11.34 -5.51 -46.26
N LEU A 50 -11.11 -6.32 -45.24
CA LEU A 50 -10.00 -6.07 -44.32
C LEU A 50 -8.64 -6.32 -44.96
N LYS A 51 -8.57 -7.21 -45.94
CA LYS A 51 -7.32 -7.43 -46.67
C LYS A 51 -7.05 -6.35 -47.71
N CYS A 52 -7.99 -5.44 -47.96
CA CYS A 52 -7.81 -4.38 -48.94
C CYS A 52 -7.99 -2.99 -48.33
N ILE A 53 -7.80 -2.86 -47.02
CA ILE A 53 -7.91 -1.56 -46.37
C ILE A 53 -6.69 -1.23 -45.50
N LEU A 54 -5.86 -2.19 -45.14
CA LEU A 54 -4.64 -1.95 -44.37
C LEU A 54 -3.42 -2.44 -45.15
N HIS A 55 -3.40 -2.15 -46.45
CA HIS A 55 -2.31 -2.60 -47.30
C HIS A 55 -1.03 -1.85 -47.02
N ASP A 56 -1.12 -0.54 -46.82
CA ASP A 56 0.04 0.31 -46.52
C ASP A 56 -0.29 1.27 -45.39
N TYR A 57 -0.90 0.75 -44.34
CA TYR A 57 -1.33 1.55 -43.20
C TYR A 57 -0.32 1.39 -42.07
N ASP A 58 0.27 2.50 -41.64
CA ASP A 58 1.12 2.52 -40.46
C ASP A 58 0.40 3.16 -39.29
N THR A 59 0.91 2.89 -38.09
CA THR A 59 0.33 3.42 -36.87
C THR A 59 0.90 4.78 -36.48
N ALA A 60 1.49 5.50 -37.44
CA ALA A 60 2.08 6.80 -37.17
C ALA A 60 1.76 7.86 -38.21
N ILE A 61 1.26 7.47 -39.38
CA ILE A 61 0.96 8.44 -40.43
C ILE A 61 -0.35 9.14 -40.08
N ARG A 62 -0.31 10.46 -40.04
CA ARG A 62 -1.51 11.24 -39.76
C ARG A 62 -2.42 11.21 -40.98
N PRO A 63 -3.67 10.73 -40.86
CA PRO A 63 -4.54 10.59 -42.03
C PRO A 63 -5.06 11.93 -42.51
N VAL A 64 -4.52 12.40 -43.63
CA VAL A 64 -4.92 13.68 -44.22
C VAL A 64 -4.57 13.64 -45.70
N GLN A 65 -5.21 14.49 -46.48
CA GLN A 65 -4.93 14.59 -47.91
C GLN A 65 -3.89 15.68 -48.19
N ASN A 66 -4.18 16.90 -47.78
CA ASN A 66 -3.25 18.01 -47.90
C ASN A 66 -2.51 18.20 -46.58
N VAL A 67 -1.23 18.56 -46.68
CA VAL A 67 -0.38 18.67 -45.48
C VAL A 67 -0.82 19.85 -44.62
N SER A 68 -1.18 20.97 -45.25
CA SER A 68 -1.63 22.14 -44.51
C SER A 68 -3.00 21.94 -43.88
N ASP A 69 -3.78 20.99 -44.38
CA ASP A 69 -5.09 20.71 -43.79
C ASP A 69 -4.93 19.99 -42.45
N VAL A 70 -5.91 20.16 -41.58
CA VAL A 70 -5.88 19.55 -40.25
C VAL A 70 -7.02 18.55 -40.14
N VAL A 71 -7.08 17.82 -39.02
CA VAL A 71 -8.14 16.86 -38.75
C VAL A 71 -8.91 17.32 -37.52
N ASN A 72 -10.24 17.34 -37.64
CA ASN A 72 -11.11 17.78 -36.54
C ASN A 72 -11.39 16.59 -35.63
N VAL A 73 -10.45 16.33 -34.73
CA VAL A 73 -10.57 15.24 -33.77
C VAL A 73 -11.50 15.73 -32.66
N ALA A 74 -12.76 15.29 -32.70
CA ALA A 74 -13.71 15.66 -31.67
C ALA A 74 -13.46 14.84 -30.41
N LEU A 75 -14.08 15.28 -29.31
CA LEU A 75 -13.86 14.62 -28.03
C LEU A 75 -15.06 14.86 -27.14
N GLU A 76 -15.33 13.88 -26.26
CA GLU A 76 -16.35 14.03 -25.23
C GLU A 76 -15.94 13.21 -24.02
N VAL A 77 -16.19 13.73 -22.83
CA VAL A 77 -15.90 13.06 -21.58
C VAL A 77 -17.21 12.77 -20.87
N THR A 78 -17.38 11.52 -20.41
CA THR A 78 -18.61 11.15 -19.70
C THR A 78 -18.21 10.34 -18.46
N VAL A 79 -18.23 10.97 -17.30
CA VAL A 79 -17.97 10.28 -16.05
C VAL A 79 -19.23 9.51 -15.66
N VAL A 80 -19.10 8.19 -15.49
CA VAL A 80 -20.26 7.36 -15.22
C VAL A 80 -20.34 7.05 -13.74
N LYS A 81 -19.18 7.06 -13.05
CA LYS A 81 -19.13 6.73 -11.63
C LYS A 81 -17.85 7.30 -11.05
N VAL A 82 -17.98 8.21 -10.10
CA VAL A 82 -16.82 8.73 -9.38
C VAL A 82 -16.43 7.71 -8.31
N ILE A 83 -15.21 7.19 -8.41
CA ILE A 83 -14.78 6.14 -7.49
C ILE A 83 -14.42 6.73 -6.13
N ASP A 84 -13.44 7.64 -6.11
CA ASP A 84 -12.99 8.16 -4.82
C ASP A 84 -12.35 9.53 -5.02
N LEU A 85 -12.21 10.25 -3.90
CA LEU A 85 -11.48 11.51 -3.87
C LEU A 85 -10.65 11.50 -2.58
N ASP A 86 -9.34 11.33 -2.72
CA ASP A 86 -8.43 11.35 -1.58
C ASP A 86 -7.58 12.60 -1.64
N GLU A 87 -7.56 13.36 -0.56
CA GLU A 87 -6.81 14.61 -0.49
C GLU A 87 -5.40 14.42 0.06
N LYS A 88 -4.97 13.17 0.26
CA LYS A 88 -3.61 12.91 0.72
C LYS A 88 -2.59 13.28 -0.35
N GLU A 89 -2.93 13.07 -1.62
CA GLU A 89 -2.07 13.51 -2.72
C GLU A 89 -2.87 14.13 -3.85
N HIS A 90 -4.03 14.72 -3.53
CA HIS A 90 -4.91 15.43 -4.48
C HIS A 90 -5.34 14.54 -5.65
N VAL A 91 -5.79 13.32 -5.33
CA VAL A 91 -6.14 12.33 -6.34
C VAL A 91 -7.66 12.20 -6.39
N LEU A 92 -8.21 12.29 -7.59
CA LEU A 92 -9.62 12.02 -7.85
C LEU A 92 -9.69 10.86 -8.83
N THR A 93 -10.22 9.72 -8.37
CA THR A 93 -10.38 8.54 -9.21
C THR A 93 -11.82 8.47 -9.70
N THR A 94 -11.98 8.52 -11.01
CA THR A 94 -13.29 8.40 -11.66
C THR A 94 -13.24 7.29 -12.70
N ASN A 95 -14.41 6.74 -13.02
CA ASN A 95 -14.58 5.85 -14.15
C ASN A 95 -15.31 6.59 -15.24
N GLY A 96 -14.72 6.68 -16.42
CA GLY A 96 -15.27 7.53 -17.45
C GLY A 96 -15.04 7.02 -18.86
N TRP A 97 -15.94 7.42 -19.75
CA TRP A 97 -15.85 7.16 -21.18
C TRP A 97 -15.17 8.35 -21.84
N ILE A 98 -14.22 8.07 -22.72
CA ILE A 98 -13.50 9.11 -23.45
C ILE A 98 -13.86 8.92 -24.92
N TYR A 99 -14.91 9.60 -25.36
CA TYR A 99 -15.41 9.45 -26.73
C TYR A 99 -14.48 10.19 -27.69
N HIS A 100 -13.99 9.48 -28.70
CA HIS A 100 -13.20 10.05 -29.78
C HIS A 100 -13.96 9.94 -31.09
N GLU A 101 -13.78 10.93 -31.96
CA GLU A 101 -14.42 10.91 -33.27
C GLU A 101 -13.60 11.78 -34.21
N TRP A 102 -12.88 11.15 -35.14
CA TRP A 102 -12.10 11.89 -36.12
C TRP A 102 -12.43 11.37 -37.52
N ASN A 103 -12.41 12.30 -38.48
CA ASN A 103 -12.57 11.91 -39.86
C ASN A 103 -11.29 11.22 -40.35
N ASP A 104 -11.47 10.25 -41.24
CA ASP A 104 -10.37 9.52 -41.83
C ASP A 104 -10.41 9.66 -43.34
N PHE A 105 -9.24 9.63 -43.96
CA PHE A 105 -9.13 9.74 -45.41
C PHE A 105 -8.89 8.42 -46.10
N GLN A 106 -8.28 7.46 -45.41
CA GLN A 106 -7.90 6.20 -46.05
C GLN A 106 -8.88 5.07 -45.79
N LEU A 107 -9.71 5.18 -44.75
CA LEU A 107 -10.69 4.14 -44.43
C LEU A 107 -11.99 4.45 -45.17
N LYS A 108 -11.95 4.26 -46.49
CA LYS A 108 -13.10 4.51 -47.35
C LYS A 108 -13.40 3.26 -48.17
N TRP A 109 -14.67 2.88 -48.21
CA TRP A 109 -15.12 1.79 -49.07
C TRP A 109 -16.58 2.01 -49.45
N ASN A 110 -16.94 1.48 -50.62
CA ASN A 110 -18.33 1.49 -51.05
C ASN A 110 -19.05 0.28 -50.47
N PRO A 111 -20.19 0.47 -49.79
CA PRO A 111 -20.85 -0.67 -49.13
C PRO A 111 -21.59 -1.59 -50.10
N SER A 112 -22.03 -1.05 -51.24
CA SER A 112 -22.96 -1.77 -52.12
C SER A 112 -22.32 -2.98 -52.78
N ASP A 113 -21.03 -2.92 -53.10
CA ASP A 113 -20.32 -4.07 -53.62
C ASP A 113 -19.74 -4.95 -52.52
N TYR A 114 -19.94 -4.60 -51.25
CA TYR A 114 -19.46 -5.42 -50.14
C TYR A 114 -20.61 -5.95 -49.28
N SER A 115 -21.83 -5.93 -49.82
CA SER A 115 -23.05 -6.44 -49.19
C SER A 115 -23.31 -5.77 -47.85
N GLY A 116 -23.53 -4.45 -47.90
CA GLY A 116 -23.71 -3.67 -46.70
C GLY A 116 -22.41 -3.46 -45.96
N LEU A 117 -22.34 -3.96 -44.72
CA LEU A 117 -21.17 -3.86 -43.83
C LEU A 117 -20.76 -2.40 -43.62
N LYS A 118 -21.66 -1.65 -43.01
CA LYS A 118 -21.40 -0.24 -42.73
C LYS A 118 -20.55 -0.03 -41.49
N LYS A 119 -20.41 -1.04 -40.63
CA LYS A 119 -19.65 -0.94 -39.39
C LYS A 119 -18.65 -2.07 -39.33
N ILE A 120 -17.38 -1.74 -39.13
CA ILE A 120 -16.32 -2.73 -38.94
C ILE A 120 -15.65 -2.45 -37.61
N ARG A 121 -15.39 -3.51 -36.85
CA ARG A 121 -14.68 -3.39 -35.58
C ARG A 121 -13.18 -3.60 -35.82
N ILE A 122 -12.39 -2.56 -35.58
CA ILE A 122 -10.96 -2.58 -35.87
C ILE A 122 -10.20 -2.27 -34.58
N PRO A 123 -9.22 -3.08 -34.19
CA PRO A 123 -8.42 -2.77 -33.00
C PRO A 123 -7.53 -1.56 -33.23
N VAL A 124 -7.19 -0.88 -32.12
CA VAL A 124 -6.40 0.34 -32.21
C VAL A 124 -4.92 0.08 -32.48
N ASP A 125 -4.47 -1.17 -32.39
CA ASP A 125 -3.06 -1.46 -32.65
C ASP A 125 -2.73 -1.41 -34.14
N ARG A 126 -3.75 -1.50 -35.01
CA ARG A 126 -3.55 -1.48 -36.44
C ARG A 126 -4.20 -0.25 -37.09
N ILE A 127 -4.52 0.77 -36.29
CA ILE A 127 -5.14 1.98 -36.79
C ILE A 127 -4.45 3.19 -36.15
N TRP A 128 -4.62 4.35 -36.78
CA TRP A 128 -4.05 5.57 -36.25
C TRP A 128 -4.75 5.97 -34.95
N THR A 129 -3.96 6.52 -34.02
CA THR A 129 -4.46 6.83 -32.71
C THR A 129 -3.95 8.20 -32.27
N PRO A 130 -4.84 9.11 -31.86
CA PRO A 130 -4.39 10.38 -31.30
C PRO A 130 -3.73 10.17 -29.93
N ASP A 131 -2.87 11.12 -29.57
CA ASP A 131 -2.10 11.03 -28.34
C ASP A 131 -2.74 11.82 -27.21
N ILE A 132 -4.08 11.82 -27.15
CA ILE A 132 -4.78 12.61 -26.14
C ILE A 132 -4.66 11.92 -24.79
N VAL A 133 -4.44 12.71 -23.74
CA VAL A 133 -4.09 12.20 -22.42
C VAL A 133 -4.61 13.17 -21.37
N LEU A 134 -4.64 12.72 -20.12
CA LEU A 134 -4.85 13.61 -18.99
C LEU A 134 -3.63 14.49 -18.78
N PHE A 135 -3.85 15.80 -18.62
CA PHE A 135 -2.73 16.67 -18.31
C PHE A 135 -2.23 16.50 -16.89
N ASN A 136 -3.08 16.03 -15.98
CA ASN A 136 -2.72 15.77 -14.59
C ASN A 136 -3.02 14.31 -14.29
N ASN A 137 -2.04 13.45 -14.51
CA ASN A 137 -2.19 12.01 -14.29
C ASN A 137 -1.40 11.59 -13.06
N ALA A 138 -2.03 10.78 -12.21
CA ALA A 138 -1.39 10.29 -11.00
C ALA A 138 -0.75 8.92 -11.17
N ASP A 139 -1.20 8.13 -12.13
CA ASP A 139 -0.61 6.81 -12.36
C ASP A 139 0.75 6.95 -13.04
N GLU A 140 1.59 5.93 -12.86
CA GLU A 140 2.90 5.92 -13.51
C GLU A 140 2.77 5.76 -15.01
N SER A 141 1.65 5.22 -15.47
CA SER A 141 1.40 5.15 -16.94
C SER A 141 -0.09 5.35 -17.24
N TYR A 142 -0.42 5.70 -18.48
CA TYR A 142 -1.85 5.94 -18.85
C TYR A 142 -2.47 4.61 -19.29
N ARG A 143 -3.57 4.21 -18.65
CA ARG A 143 -4.18 2.88 -18.96
C ARG A 143 -5.60 3.06 -19.47
N TYR A 144 -5.97 2.28 -20.48
CA TYR A 144 -7.32 2.38 -21.08
C TYR A 144 -8.02 1.01 -21.03
N VAL A 145 -8.92 0.78 -20.06
CA VAL A 145 -9.72 -0.48 -20.02
C VAL A 145 -10.56 -0.59 -21.30
N VAL A 146 -10.70 -1.78 -21.86
CA VAL A 146 -11.38 -2.06 -23.13
C VAL A 146 -11.00 -1.01 -24.17
N ASP A 147 -9.71 -0.97 -24.51
CA ASP A 147 -9.21 -0.08 -25.56
C ASP A 147 -8.75 -0.86 -26.78
N LYS A 148 -9.12 -2.14 -26.88
CA LYS A 148 -8.61 -3.03 -27.91
C LYS A 148 -9.53 -3.12 -29.11
N LEU A 149 -10.56 -2.27 -29.19
CA LEU A 149 -11.48 -2.33 -30.32
C LEU A 149 -12.09 -0.95 -30.54
N ALA A 150 -12.38 -0.65 -31.81
CA ALA A 150 -12.88 0.65 -32.21
C ALA A 150 -13.65 0.51 -33.50
N VAL A 151 -14.87 1.04 -33.54
CA VAL A 151 -15.70 0.90 -34.72
C VAL A 151 -15.29 1.93 -35.77
N VAL A 152 -15.49 1.57 -37.04
CA VAL A 152 -15.29 2.48 -38.15
C VAL A 152 -16.52 2.44 -39.04
N TYR A 153 -16.89 3.59 -39.59
CA TYR A 153 -18.02 3.71 -40.49
C TYR A 153 -17.54 3.78 -41.93
N TYR A 154 -18.49 3.76 -42.85
CA TYR A 154 -18.16 3.74 -44.28
C TYR A 154 -17.72 5.10 -44.81
N THR A 155 -17.87 6.17 -44.03
CA THR A 155 -17.41 7.50 -44.43
C THR A 155 -16.11 7.91 -43.74
N GLY A 156 -15.44 6.97 -43.05
CA GLY A 156 -14.26 7.32 -42.29
C GLY A 156 -14.64 8.07 -41.04
N LYS A 157 -15.37 7.40 -40.14
CA LYS A 157 -15.96 8.03 -38.97
C LYS A 157 -15.65 7.17 -37.73
N VAL A 158 -14.36 6.94 -37.51
CA VAL A 158 -13.87 6.15 -36.38
C VAL A 158 -14.38 6.73 -35.06
N MET A 159 -14.97 5.86 -34.24
CA MET A 159 -15.65 6.24 -33.01
C MET A 159 -15.10 5.44 -31.84
N TRP A 160 -13.78 5.48 -31.68
CA TRP A 160 -13.12 4.79 -30.58
C TRP A 160 -13.57 5.35 -29.23
N VAL A 161 -14.12 4.48 -28.40
CA VAL A 161 -14.57 4.90 -27.07
C VAL A 161 -13.90 3.99 -26.03
N PRO A 162 -12.72 4.37 -25.55
CA PRO A 162 -12.14 3.65 -24.40
C PRO A 162 -12.75 4.13 -23.09
N HIS A 163 -12.50 3.33 -22.06
CA HIS A 163 -12.98 3.61 -20.71
C HIS A 163 -11.81 3.55 -19.76
N ALA A 164 -11.70 4.55 -18.89
CA ALA A 164 -10.51 4.68 -18.08
C ALA A 164 -10.86 5.00 -16.63
N ARG A 165 -10.00 4.55 -15.73
CA ARG A 165 -9.99 5.00 -14.34
C ARG A 165 -9.08 6.22 -14.28
N LEU A 166 -9.66 7.38 -14.54
CA LEU A 166 -8.91 8.62 -14.58
C LEU A 166 -8.56 9.06 -13.16
N ARG A 167 -7.27 9.31 -12.93
CA ARG A 167 -6.76 9.80 -11.65
C ARG A 167 -6.29 11.23 -11.87
N SER A 168 -7.12 12.19 -11.50
CA SER A 168 -6.89 13.59 -11.80
C SER A 168 -6.50 14.38 -10.55
N PHE A 169 -5.98 15.58 -10.79
CA PHE A 169 -5.53 16.49 -9.74
C PHE A 169 -6.42 17.74 -9.75
N CYS A 170 -6.98 18.06 -8.59
CA CYS A 170 -7.77 19.28 -8.45
C CYS A 170 -7.32 20.02 -7.20
N VAL A 171 -7.61 21.32 -7.19
CA VAL A 171 -7.31 22.19 -6.06
C VAL A 171 -8.53 22.18 -5.15
N LEU A 172 -8.38 21.57 -3.97
CA LEU A 172 -9.46 21.46 -3.01
C LEU A 172 -9.41 22.63 -2.05
N ASP A 173 -10.43 23.49 -2.10
CA ASP A 173 -10.54 24.60 -1.17
C ASP A 173 -11.12 24.06 0.14
N LEU A 174 -10.24 23.65 1.03
CA LEU A 174 -10.63 22.99 2.28
C LEU A 174 -10.96 23.97 3.40
N SER A 175 -11.16 25.25 3.08
CA SER A 175 -11.65 26.19 4.08
C SER A 175 -13.12 25.96 4.40
N ARG A 176 -13.86 25.31 3.51
CA ARG A 176 -15.25 24.94 3.74
C ARG A 176 -15.41 23.49 4.15
N PHE A 177 -14.31 22.82 4.50
CA PHE A 177 -14.35 21.41 4.86
C PHE A 177 -15.15 21.21 6.15
N PRO A 178 -16.04 20.21 6.21
CA PRO A 178 -16.33 19.20 5.18
C PRO A 178 -17.39 19.58 4.16
N PHE A 179 -18.15 20.65 4.41
CA PHE A 179 -19.29 21.02 3.56
C PHE A 179 -18.81 21.89 2.40
N ASP A 180 -18.04 21.27 1.50
CA ASP A 180 -17.37 21.98 0.43
C ASP A 180 -18.09 21.76 -0.90
N SER A 181 -17.75 22.62 -1.86
CA SER A 181 -18.25 22.55 -3.22
C SER A 181 -17.11 22.75 -4.21
N GLN A 182 -15.97 22.13 -3.93
CA GLN A 182 -14.77 22.31 -4.73
C GLN A 182 -14.90 21.48 -6.01
N MET A 183 -14.96 22.17 -7.16
CA MET A 183 -15.03 21.49 -8.43
C MET A 183 -13.68 20.85 -8.78
N CYS A 184 -13.74 19.86 -9.66
CA CYS A 184 -12.56 19.22 -10.21
C CYS A 184 -12.53 19.43 -11.72
N THR A 185 -11.35 19.76 -12.23
CA THR A 185 -11.16 20.01 -13.65
C THR A 185 -10.32 18.90 -14.24
N LEU A 186 -10.80 18.32 -15.33
CA LEU A 186 -10.07 17.29 -16.07
C LEU A 186 -9.69 17.86 -17.43
N VAL A 187 -8.42 17.74 -17.79
CA VAL A 187 -7.87 18.35 -18.98
C VAL A 187 -7.53 17.26 -19.98
N PHE A 188 -7.94 17.43 -21.23
CA PHE A 188 -7.65 16.49 -22.29
C PHE A 188 -7.00 17.25 -23.45
N GLY A 189 -5.79 16.83 -23.81
CA GLY A 189 -5.10 17.50 -24.90
C GLY A 189 -3.95 16.64 -25.38
N SER A 190 -3.32 17.09 -26.45
CA SER A 190 -2.19 16.40 -27.06
C SER A 190 -0.93 17.23 -26.86
N TRP A 191 0.09 16.60 -26.26
CA TRP A 191 1.38 17.26 -26.08
C TRP A 191 2.27 17.14 -27.32
N THR A 192 1.96 16.23 -28.23
CA THR A 192 2.88 15.89 -29.32
C THR A 192 2.66 16.78 -30.54
N HIS A 193 1.46 16.72 -31.11
CA HIS A 193 1.11 17.56 -32.24
C HIS A 193 0.23 18.72 -31.78
N ASP A 194 0.12 19.72 -32.65
CA ASP A 194 -0.46 21.00 -32.31
C ASP A 194 -1.61 21.31 -33.27
N VAL A 195 -2.05 22.57 -33.25
CA VAL A 195 -3.20 23.00 -34.05
C VAL A 195 -2.91 22.96 -35.56
N SER A 196 -1.63 22.86 -35.96
CA SER A 196 -1.30 22.64 -37.36
C SER A 196 -1.58 21.22 -37.82
N SER A 197 -1.79 20.27 -36.90
CA SER A 197 -2.05 18.88 -37.25
C SER A 197 -3.47 18.46 -36.90
N VAL A 198 -3.86 18.57 -35.63
CA VAL A 198 -5.20 18.19 -35.19
C VAL A 198 -5.88 19.44 -34.63
N ASN A 199 -7.21 19.35 -34.51
CA ASN A 199 -8.02 20.43 -33.93
C ASN A 199 -8.96 19.78 -32.93
N VAL A 200 -8.54 19.73 -31.66
CA VAL A 200 -9.31 19.07 -30.61
C VAL A 200 -10.52 19.93 -30.25
N THR A 201 -11.69 19.48 -30.67
CA THR A 201 -12.94 20.27 -30.47
C THR A 201 -13.90 19.56 -29.52
N LEU A 202 -15.03 20.17 -29.22
CA LEU A 202 -16.04 19.50 -28.39
C LEU A 202 -17.06 18.84 -29.32
N ARG A 203 -17.84 17.88 -28.82
CA ARG A 203 -18.79 17.10 -29.67
C ARG A 203 -19.93 17.98 -30.19
N ASN A 204 -20.35 17.76 -31.44
CA ASN A 204 -21.43 18.55 -32.04
C ASN A 204 -22.69 18.48 -31.19
N GLN A 205 -23.01 17.31 -30.67
CA GLN A 205 -24.10 17.13 -29.71
C GLN A 205 -23.48 16.99 -28.33
N SER A 206 -23.67 18.01 -27.49
CA SER A 206 -23.05 18.09 -26.18
C SER A 206 -24.05 17.77 -25.06
N LYS A 207 -24.92 16.79 -25.29
CA LYS A 207 -25.92 16.39 -24.30
C LYS A 207 -25.25 15.50 -23.24
N VAL A 208 -24.49 16.16 -22.35
CA VAL A 208 -23.80 15.50 -21.26
C VAL A 208 -24.12 16.19 -19.94
N GLN A 209 -25.31 16.79 -19.85
CA GLN A 209 -25.72 17.51 -18.64
C GLN A 209 -26.46 16.57 -17.69
N TYR A 210 -25.74 15.55 -17.23
CA TYR A 210 -26.31 14.54 -16.35
C TYR A 210 -26.09 14.94 -14.89
N MET A 211 -26.50 14.07 -13.97
CA MET A 211 -26.27 14.27 -12.54
C MET A 211 -26.17 12.88 -11.91
N ILE A 212 -24.95 12.44 -11.63
CA ILE A 212 -24.71 11.11 -11.10
C ILE A 212 -24.82 11.22 -9.59
N ASP A 213 -26.05 11.00 -9.09
CA ASP A 213 -26.31 11.08 -7.65
C ASP A 213 -25.82 9.81 -6.99
N GLY A 214 -24.70 9.90 -6.27
CA GLY A 214 -24.12 8.78 -5.57
C GLY A 214 -24.41 8.81 -4.08
N LYS A 215 -23.97 7.75 -3.41
CA LYS A 215 -24.16 7.62 -1.97
C LYS A 215 -23.13 8.39 -1.17
N GLU A 216 -22.07 8.89 -1.81
CA GLU A 216 -21.02 9.63 -1.12
C GLU A 216 -20.92 11.08 -1.55
N TRP A 217 -21.19 11.40 -2.81
CA TRP A 217 -21.10 12.75 -3.32
C TRP A 217 -22.29 13.04 -4.21
N GLN A 218 -22.57 14.33 -4.40
CA GLN A 218 -23.47 14.78 -5.45
C GLN A 218 -22.63 15.32 -6.59
N VAL A 219 -22.80 14.74 -7.78
CA VAL A 219 -21.99 15.05 -8.94
C VAL A 219 -22.77 15.98 -9.85
N THR A 220 -22.20 17.15 -10.14
CA THR A 220 -22.79 18.10 -11.07
C THR A 220 -21.86 18.23 -12.26
N SER A 221 -22.30 17.79 -13.42
CA SER A 221 -21.52 17.90 -14.64
C SER A 221 -21.54 19.34 -15.15
N VAL A 222 -20.41 19.79 -15.67
CA VAL A 222 -20.28 21.11 -16.28
C VAL A 222 -20.06 20.91 -17.76
N GLN A 223 -20.71 21.75 -18.57
CA GLN A 223 -20.54 21.71 -20.02
C GLN A 223 -19.10 22.02 -20.38
N PRO A 224 -18.42 21.16 -21.13
CA PRO A 224 -16.98 21.31 -21.33
C PRO A 224 -16.64 22.48 -22.24
N LYS A 225 -15.46 23.05 -22.00
CA LYS A 225 -14.97 24.19 -22.76
C LYS A 225 -13.64 23.83 -23.42
N ARG A 226 -13.23 24.66 -24.36
CA ARG A 226 -11.99 24.46 -25.11
C ARG A 226 -11.07 25.65 -24.90
N TYR A 227 -9.82 25.38 -24.53
CA TYR A 227 -8.83 26.43 -24.35
C TYR A 227 -7.56 26.05 -25.09
N GLN A 228 -6.84 27.06 -25.58
CA GLN A 228 -5.63 26.85 -26.38
C GLN A 228 -4.43 27.04 -25.46
N TRP A 229 -3.94 25.94 -24.90
CA TRP A 229 -2.70 25.98 -24.13
C TRP A 229 -1.51 26.19 -25.07
N THR A 230 -0.60 27.08 -24.67
CA THR A 230 0.54 27.45 -25.50
C THR A 230 1.81 26.91 -24.88
N TYR A 231 2.54 26.09 -25.65
CA TYR A 231 3.85 25.62 -25.21
C TYR A 231 4.87 26.74 -25.25
N ASN A 232 4.81 27.60 -26.26
CA ASN A 232 5.67 28.75 -26.38
C ASN A 232 4.92 29.84 -27.14
N SER A 233 5.64 30.90 -27.52
CA SER A 233 5.01 32.01 -28.22
C SER A 233 4.70 31.66 -29.67
N ASN A 234 5.61 30.96 -30.34
CA ASN A 234 5.45 30.70 -31.77
C ASN A 234 4.42 29.62 -32.04
N GLU A 235 4.37 28.58 -31.21
CA GLU A 235 3.51 27.43 -31.43
C GLU A 235 2.37 27.41 -30.42
N ASN A 236 1.18 27.02 -30.87
CA ASN A 236 0.00 26.94 -30.03
C ASN A 236 -0.64 25.57 -30.17
N TYR A 237 -1.21 25.08 -29.06
CA TYR A 237 -1.81 23.76 -28.98
C TYR A 237 -3.27 23.89 -28.60
N ALA A 238 -3.91 22.75 -28.35
CA ALA A 238 -5.33 22.70 -28.04
C ALA A 238 -5.55 21.89 -26.77
N GLY A 239 -6.68 22.14 -26.11
CA GLY A 239 -7.03 21.43 -24.90
C GLY A 239 -8.50 21.60 -24.58
N ILE A 240 -9.05 20.62 -23.87
CA ILE A 240 -10.47 20.58 -23.50
C ILE A 240 -10.56 20.43 -21.99
N ILE A 241 -11.28 21.34 -21.34
CA ILE A 241 -11.53 21.31 -19.91
C ILE A 241 -12.94 20.79 -19.68
N THR A 242 -13.08 19.76 -18.86
CA THR A 242 -14.38 19.34 -18.38
C THR A 242 -14.42 19.44 -16.86
N GLY A 243 -15.59 19.78 -16.35
CA GLY A 243 -15.75 20.08 -14.93
C GLY A 243 -16.73 19.16 -14.25
N ILE A 244 -16.35 18.69 -13.06
CA ILE A 244 -17.20 17.84 -12.24
C ILE A 244 -17.23 18.47 -10.85
N LYS A 245 -18.37 19.05 -10.48
CA LYS A 245 -18.54 19.66 -9.17
C LYS A 245 -19.00 18.59 -8.17
N LEU A 246 -18.34 18.55 -7.02
CA LEU A 246 -18.63 17.55 -5.98
C LEU A 246 -19.24 18.27 -4.79
N LYS A 247 -20.43 17.83 -4.39
CA LYS A 247 -21.10 18.33 -3.20
C LYS A 247 -21.09 17.25 -2.12
N ARG A 248 -20.57 17.60 -0.95
CA ARG A 248 -20.53 16.66 0.17
C ARG A 248 -21.92 16.53 0.79
N THR A 249 -22.37 15.29 0.97
CA THR A 249 -23.66 15.05 1.60
C THR A 249 -23.62 13.97 2.66
N SER A 250 -22.49 13.31 2.87
CA SER A 250 -22.39 12.24 3.85
C SER A 250 -22.39 12.80 5.27
N ILE A 251 -22.86 11.99 6.20
CA ILE A 251 -22.86 12.34 7.62
C ILE A 251 -21.71 11.66 8.36
N TYR A 252 -20.65 11.27 7.64
CA TYR A 252 -19.49 10.66 8.28
C TYR A 252 -18.71 11.69 9.10
N TYR A 253 -18.36 12.82 8.49
CA TYR A 253 -17.54 13.81 9.15
C TYR A 253 -18.31 14.59 10.22
N GLN A 254 -19.64 14.60 10.14
CA GLN A 254 -20.46 15.13 11.22
C GLN A 254 -20.54 14.19 12.40
N TYR A 255 -20.13 12.93 12.23
CA TYR A 255 -20.15 11.93 13.28
C TYR A 255 -18.78 11.74 13.94
N VAL A 256 -17.70 11.72 13.15
CA VAL A 256 -16.38 11.49 13.72
C VAL A 256 -15.71 12.75 14.23
N PHE A 257 -16.11 13.93 13.76
CA PHE A 257 -15.43 15.16 14.13
C PHE A 257 -16.34 16.17 14.81
N ILE A 258 -17.49 16.50 14.19
CA ILE A 258 -18.30 17.63 14.63
C ILE A 258 -18.98 17.33 15.96
N MET A 259 -19.59 16.14 16.07
CA MET A 259 -20.30 15.78 17.31
C MET A 259 -19.39 15.61 18.53
N PRO A 260 -18.24 14.89 18.47
CA PRO A 260 -17.37 14.89 19.66
C PRO A 260 -16.77 16.24 20.00
N THR A 261 -16.47 17.08 19.00
CA THR A 261 -15.91 18.40 19.30
C THR A 261 -16.96 19.31 19.95
N VAL A 262 -18.21 19.26 19.47
CA VAL A 262 -19.24 20.08 20.10
C VAL A 262 -19.62 19.51 21.47
N LEU A 263 -19.45 18.20 21.68
CA LEU A 263 -19.72 17.66 23.00
C LEU A 263 -18.61 18.04 23.99
N LEU A 264 -17.37 18.08 23.52
CA LEU A 264 -16.28 18.54 24.39
C LEU A 264 -16.41 20.03 24.67
N ALA A 265 -16.91 20.81 23.70
CA ALA A 265 -17.19 22.22 23.94
C ALA A 265 -18.31 22.39 24.97
N PHE A 266 -19.34 21.54 24.90
CA PHE A 266 -20.40 21.54 25.90
C PHE A 266 -19.87 21.16 27.28
N LEU A 267 -18.94 20.20 27.33
CA LEU A 267 -18.32 19.82 28.59
C LEU A 267 -17.48 20.93 29.18
N THR A 268 -16.74 21.65 28.36
CA THR A 268 -15.96 22.79 28.86
C THR A 268 -16.85 23.95 29.26
N LEU A 269 -18.00 24.10 28.59
CA LEU A 269 -18.99 25.09 29.01
C LEU A 269 -19.55 24.73 30.38
N LEU A 270 -19.77 23.44 30.64
CA LEU A 270 -20.25 23.00 31.94
C LEU A 270 -19.15 22.87 32.98
N MET A 271 -17.88 23.01 32.58
CA MET A 271 -16.77 22.85 33.52
C MET A 271 -16.74 23.82 34.70
N PRO A 272 -16.83 25.15 34.55
CA PRO A 272 -16.47 26.03 35.68
C PRO A 272 -17.50 26.10 36.80
N PHE A 273 -18.57 25.32 36.77
CA PHE A 273 -19.52 25.30 37.88
C PHE A 273 -19.00 24.53 39.09
N ILE A 274 -18.03 23.63 38.89
CA ILE A 274 -17.51 22.81 39.99
C ILE A 274 -16.70 23.69 40.94
N PRO A 275 -16.91 23.59 42.26
CA PRO A 275 -16.10 24.37 43.19
C PRO A 275 -14.66 23.87 43.18
N PRO A 276 -13.69 24.75 43.41
CA PRO A 276 -12.28 24.32 43.39
C PRO A 276 -11.89 23.46 44.57
N LEU A 277 -12.64 23.49 45.67
CA LEU A 277 -12.30 22.70 46.84
C LEU A 277 -12.69 21.23 46.70
N GLY A 278 -13.42 20.87 45.65
CA GLY A 278 -13.82 19.50 45.43
C GLY A 278 -12.75 18.59 44.87
N LYS A 279 -11.58 19.15 44.54
CA LYS A 279 -10.39 18.44 44.06
C LYS A 279 -10.67 17.63 42.79
N GLU A 280 -11.61 18.11 41.96
CA GLU A 280 -11.95 17.44 40.72
C GLU A 280 -11.97 18.37 39.53
N ARG A 281 -11.86 19.69 39.74
CA ARG A 281 -11.86 20.64 38.64
C ARG A 281 -10.60 20.52 37.80
N ILE A 282 -9.44 20.37 38.46
CA ILE A 282 -8.18 20.19 37.74
C ILE A 282 -8.14 18.83 37.06
N THR A 283 -8.71 17.81 37.70
CA THR A 283 -8.83 16.49 37.08
C THR A 283 -9.74 16.54 35.86
N TYR A 284 -10.80 17.31 35.98
CA TYR A 284 -11.65 17.41 34.78
C TYR A 284 -10.81 18.06 33.71
N GLY A 285 -10.22 19.22 34.01
CA GLY A 285 -9.49 19.95 33.00
C GLY A 285 -8.43 19.10 32.30
N ILE A 286 -7.71 18.28 33.07
CA ILE A 286 -6.69 17.45 32.43
C ILE A 286 -7.34 16.30 31.67
N GLY A 287 -8.51 15.83 32.09
CA GLY A 287 -9.25 14.88 31.29
C GLY A 287 -9.76 15.49 29.99
N LEU A 288 -10.15 16.75 30.05
CA LEU A 288 -10.50 17.48 28.82
C LEU A 288 -9.29 17.64 27.91
N VAL A 289 -8.11 17.85 28.49
CA VAL A 289 -6.87 17.93 27.71
C VAL A 289 -6.61 16.60 27.01
N LEU A 290 -6.78 15.48 27.73
CA LEU A 290 -6.58 14.15 27.14
C LEU A 290 -7.61 13.86 26.04
N GLY A 291 -8.87 14.24 26.26
CA GLY A 291 -9.89 14.02 25.24
C GLY A 291 -9.67 14.86 24.01
N CYS A 292 -9.29 16.13 24.19
CA CYS A 292 -8.97 16.98 23.05
C CYS A 292 -7.71 16.52 22.33
N THR A 293 -6.77 15.91 23.07
CA THR A 293 -5.57 15.34 22.43
C THR A 293 -5.93 14.12 21.60
N LEU A 294 -6.86 13.29 22.07
CA LEU A 294 -7.33 12.16 21.26
C LEU A 294 -8.09 12.65 20.03
N LEU A 295 -8.85 13.74 20.16
CA LEU A 295 -9.50 14.35 19.01
C LEU A 295 -8.48 14.88 18.00
N LEU A 296 -7.39 15.49 18.49
CA LEU A 296 -6.31 15.92 17.61
C LEU A 296 -5.62 14.73 16.96
N MET A 297 -5.52 13.60 17.67
CA MET A 297 -4.93 12.40 17.09
C MET A 297 -5.77 11.87 15.93
N MET A 298 -7.10 11.83 16.12
CA MET A 298 -8.00 11.44 15.04
C MET A 298 -7.94 12.41 13.86
N LEU A 299 -7.90 13.71 14.15
CA LEU A 299 -7.84 14.71 13.08
C LEU A 299 -6.52 14.66 12.32
N SER A 300 -5.40 14.46 13.03
CA SER A 300 -4.10 14.41 12.37
C SER A 300 -3.94 13.13 11.58
N ASP A 301 -4.54 12.02 12.03
CA ASP A 301 -4.50 10.80 11.24
C ASP A 301 -5.47 10.86 10.06
N ARG A 302 -6.51 11.71 10.13
CA ARG A 302 -7.45 11.77 9.01
C ARG A 302 -7.16 12.93 8.06
N MET A 303 -7.03 14.15 8.57
CA MET A 303 -6.85 15.32 7.70
C MET A 303 -5.45 15.32 7.11
N PRO A 304 -5.31 15.44 5.78
CA PRO A 304 -3.99 15.25 5.15
C PRO A 304 -3.02 16.41 5.36
N THR A 305 -1.82 16.27 4.78
CA THR A 305 -0.80 17.29 4.91
C THR A 305 -1.05 18.50 4.03
N GLU A 306 -1.84 18.35 2.98
CA GLU A 306 -2.17 19.47 2.10
C GLU A 306 -3.14 20.44 2.77
N LEU A 307 -2.64 21.60 3.16
CA LEU A 307 -3.46 22.68 3.71
C LEU A 307 -3.19 23.95 2.92
N GLY A 308 -4.24 24.54 2.35
CA GLY A 308 -4.16 25.88 1.83
C GLY A 308 -4.72 26.84 2.85
N ASN A 309 -5.80 26.42 3.50
CA ASN A 309 -6.40 27.14 4.61
C ASN A 309 -6.74 26.14 5.71
N VAL A 310 -6.78 26.63 6.94
CA VAL A 310 -7.08 25.78 8.10
C VAL A 310 -8.56 25.39 8.04
N PRO A 311 -8.89 24.11 8.22
CA PRO A 311 -10.30 23.70 8.28
C PRO A 311 -11.01 24.26 9.50
N VAL A 312 -12.32 24.48 9.35
CA VAL A 312 -13.11 25.09 10.41
C VAL A 312 -13.29 24.11 11.58
N VAL A 313 -13.30 22.80 11.32
CA VAL A 313 -13.34 21.83 12.39
C VAL A 313 -12.02 21.84 13.16
N ALA A 314 -10.91 22.01 12.44
CA ALA A 314 -9.60 22.17 13.08
C ALA A 314 -9.52 23.45 13.89
N ALA A 315 -10.15 24.52 13.39
CA ALA A 315 -10.20 25.77 14.14
C ALA A 315 -11.05 25.63 15.41
N TYR A 316 -12.14 24.86 15.32
CA TYR A 316 -12.96 24.59 16.51
C TYR A 316 -12.20 23.76 17.53
N LEU A 317 -11.40 22.81 17.06
CA LEU A 317 -10.59 21.99 17.97
C LEU A 317 -9.51 22.83 18.64
N ALA A 318 -9.15 23.84 17.90
CA ALA A 318 -8.21 24.74 18.55
C ALA A 318 -9.02 25.48 19.59
N TYR A 319 -10.30 25.68 19.34
CA TYR A 319 -11.02 26.51 20.33
C TYR A 319 -11.23 25.72 21.62
N VAL A 320 -11.60 24.44 21.54
CA VAL A 320 -11.91 23.75 22.81
C VAL A 320 -10.59 23.72 23.56
N PHE A 321 -9.50 23.72 22.81
CA PHE A 321 -8.22 23.60 23.49
C PHE A 321 -7.99 24.93 24.16
N VAL A 322 -8.06 25.99 23.38
CA VAL A 322 -7.68 27.27 24.04
C VAL A 322 -8.65 27.54 25.19
N MET A 323 -9.76 26.81 25.23
CA MET A 323 -10.67 26.96 26.40
C MET A 323 -10.05 26.17 27.56
N VAL A 324 -9.86 24.87 27.39
CA VAL A 324 -9.34 24.11 28.54
C VAL A 324 -8.15 24.90 29.07
N ALA A 325 -7.32 25.45 28.19
CA ALA A 325 -6.16 26.14 28.78
C ALA A 325 -6.58 27.35 29.62
N ILE A 326 -7.53 28.14 29.12
CA ILE A 326 -7.96 29.34 29.84
C ILE A 326 -8.72 28.98 31.10
N ASN A 327 -9.64 28.01 31.03
CA ASN A 327 -10.35 27.64 32.25
C ASN A 327 -9.47 26.85 33.22
N LEU A 328 -8.43 26.16 32.75
CA LEU A 328 -7.49 25.54 33.67
C LEU A 328 -6.66 26.58 34.40
N LEU A 329 -6.27 27.65 33.69
CA LEU A 329 -5.58 28.78 34.35
C LEU A 329 -6.48 29.43 35.40
N PHE A 330 -7.75 29.64 35.07
CA PHE A 330 -8.65 30.26 36.03
C PHE A 330 -8.97 29.31 37.19
N ALA A 331 -9.00 28.01 36.95
CA ALA A 331 -9.23 27.05 38.03
C ALA A 331 -8.04 26.97 38.98
N ILE A 332 -6.83 27.01 38.42
CA ILE A 332 -5.62 27.02 39.25
C ILE A 332 -5.55 28.30 40.08
N MET A 333 -5.87 29.45 39.48
CA MET A 333 -5.89 30.70 40.23
C MET A 333 -6.99 30.73 41.27
N ALA A 334 -8.14 30.09 41.00
CA ALA A 334 -9.20 30.02 41.99
C ALA A 334 -8.83 29.13 43.17
N ILE A 335 -8.18 27.99 42.91
CA ILE A 335 -7.79 27.12 44.01
C ILE A 335 -6.58 27.68 44.75
N ASN A 336 -5.81 28.57 44.12
CA ASN A 336 -4.77 29.29 44.87
C ASN A 336 -5.34 30.42 45.70
N MET A 337 -6.39 31.09 45.21
CA MET A 337 -7.04 32.13 45.98
C MET A 337 -7.85 31.56 47.15
N SER A 338 -8.36 30.34 46.99
CA SER A 338 -9.17 29.73 48.04
C SER A 338 -8.32 29.33 49.25
N MET A 339 -7.07 28.96 49.04
CA MET A 339 -6.19 28.57 50.14
C MET A 339 -5.71 29.78 50.93
N GLN A 446 -11.77 36.29 50.75
CA GLN A 446 -13.19 36.34 50.43
C GLN A 446 -13.55 35.35 49.33
N GLN A 447 -14.82 34.94 49.30
CA GLN A 447 -15.30 33.99 48.30
C GLN A 447 -15.83 34.74 47.08
N LEU A 448 -14.91 35.43 46.41
CA LEU A 448 -15.22 36.18 45.21
C LEU A 448 -15.19 35.33 43.95
N THR A 449 -14.75 34.07 44.06
CA THR A 449 -14.55 33.24 42.89
C THR A 449 -15.84 32.81 42.21
N ARG A 450 -16.97 32.83 42.94
CA ARG A 450 -18.24 32.43 42.34
C ARG A 450 -18.71 33.41 41.28
N VAL A 451 -18.58 34.72 41.56
CA VAL A 451 -18.97 35.74 40.60
C VAL A 451 -18.03 35.73 39.40
N ILE A 452 -16.74 35.50 39.64
CA ILE A 452 -15.76 35.40 38.57
C ILE A 452 -16.06 34.20 37.67
N ASP A 453 -16.41 33.06 38.27
CA ASP A 453 -16.76 31.88 37.49
C ASP A 453 -18.06 32.07 36.73
N ARG A 454 -19.01 32.81 37.30
CA ARG A 454 -20.27 33.05 36.61
C ARG A 454 -20.09 33.98 35.41
N LEU A 455 -19.32 35.06 35.58
CA LEU A 455 -19.06 35.94 34.43
C LEU A 455 -18.20 35.26 33.38
N LEU A 456 -17.27 34.40 33.81
CA LEU A 456 -16.48 33.60 32.87
C LEU A 456 -17.36 32.63 32.12
N PHE A 457 -18.33 32.02 32.80
CA PHE A 457 -19.27 31.12 32.15
C PHE A 457 -20.16 31.85 31.16
N GLY A 458 -20.59 33.07 31.49
CA GLY A 458 -21.39 33.85 30.56
C GLY A 458 -20.61 34.28 29.32
N SER A 459 -19.35 34.71 29.52
CA SER A 459 -18.50 35.08 28.40
C SER A 459 -18.21 33.86 27.51
N PHE A 460 -17.96 32.71 28.12
CA PHE A 460 -17.75 31.49 27.33
C PHE A 460 -19.03 31.04 26.64
N LEU A 461 -20.19 31.30 27.26
CA LEU A 461 -21.47 30.97 26.64
C LEU A 461 -21.70 31.78 25.37
N VAL A 462 -21.49 33.10 25.46
CA VAL A 462 -21.73 33.94 24.29
C VAL A 462 -20.67 33.70 23.22
N LEU A 463 -19.42 33.40 23.63
CA LEU A 463 -18.38 33.10 22.64
C LEU A 463 -18.63 31.77 21.93
N THR A 464 -19.06 30.75 22.68
CA THR A 464 -19.35 29.46 22.08
C THR A 464 -20.57 29.54 21.17
N VAL A 465 -21.60 30.31 21.56
CA VAL A 465 -22.78 30.39 20.71
C VAL A 465 -22.50 31.21 19.45
N VAL A 466 -21.64 32.23 19.52
CA VAL A 466 -21.35 32.96 18.30
C VAL A 466 -20.41 32.16 17.41
N ILE A 467 -19.54 31.31 17.98
CA ILE A 467 -18.72 30.44 17.17
C ILE A 467 -19.56 29.35 16.49
N THR A 468 -20.53 28.77 17.20
CA THR A 468 -21.38 27.76 16.60
C THR A 468 -22.33 28.33 15.56
N ILE A 469 -22.81 29.57 15.73
CA ILE A 469 -23.62 30.15 14.65
C ILE A 469 -22.76 30.66 13.50
N SER A 470 -21.46 30.91 13.73
CA SER A 470 -20.57 31.12 12.59
C SER A 470 -20.33 29.83 11.83
N MET A 471 -20.25 28.71 12.56
CA MET A 471 -20.07 27.41 11.92
C MET A 471 -21.33 26.97 11.17
N TYR A 472 -22.50 27.29 11.72
CA TYR A 472 -23.78 26.80 11.18
C TYR A 472 -24.17 27.44 9.85
N ALA A 473 -23.46 28.49 9.41
CA ALA A 473 -23.74 29.10 8.11
C ALA A 473 -23.37 28.17 6.95
N HIS A 474 -22.46 27.21 7.17
CA HIS A 474 -22.17 26.22 6.15
C HIS A 474 -23.34 25.28 5.92
N TYR A 475 -23.95 24.80 7.01
CA TYR A 475 -25.03 23.83 6.93
C TYR A 475 -26.35 24.44 7.39
N ALA B 44 0.10 8.75 -50.97
CA ALA B 44 0.08 9.82 -49.99
C ALA B 44 1.39 10.62 -50.05
N ASP B 45 1.46 11.68 -49.23
CA ASP B 45 2.65 12.51 -49.17
C ASP B 45 3.54 12.16 -47.98
N GLU B 46 2.95 12.00 -46.80
CA GLU B 46 3.73 11.62 -45.62
C GLU B 46 4.18 10.17 -45.69
N LYS B 47 3.36 9.29 -46.29
CA LYS B 47 3.74 7.89 -46.42
C LYS B 47 4.88 7.70 -47.40
N ARG B 48 4.93 8.53 -48.46
CA ARG B 48 6.01 8.45 -49.43
C ARG B 48 7.35 8.82 -48.81
N LEU B 49 7.36 9.86 -47.97
CA LEU B 49 8.60 10.24 -47.30
C LEU B 49 8.96 9.26 -46.19
N LEU B 50 7.94 8.73 -45.50
CA LEU B 50 8.19 7.77 -44.43
C LEU B 50 8.68 6.43 -44.94
N LYS B 51 8.31 6.05 -46.17
CA LYS B 51 8.81 4.82 -46.77
C LYS B 51 10.23 4.97 -47.31
N CYS B 52 10.79 6.18 -47.32
CA CYS B 52 12.14 6.41 -47.83
C CYS B 52 13.04 7.07 -46.79
N ILE B 53 12.73 6.92 -45.51
CA ILE B 53 13.55 7.48 -44.45
C ILE B 53 13.93 6.45 -43.38
N LEU B 54 13.25 5.31 -43.29
CA LEU B 54 13.58 4.26 -42.35
C LEU B 54 13.87 2.96 -43.09
N HIS B 55 14.62 3.07 -44.19
CA HIS B 55 14.92 1.90 -45.01
C HIS B 55 15.90 0.97 -44.32
N ASP B 56 16.92 1.52 -43.67
CA ASP B 56 17.93 0.74 -42.95
C ASP B 56 18.22 1.38 -41.60
N TYR B 57 17.16 1.74 -40.88
CA TYR B 57 17.28 2.41 -39.59
C TYR B 57 17.06 1.39 -38.48
N ASP B 58 18.05 1.24 -37.61
CA ASP B 58 17.91 0.42 -36.42
C ASP B 58 17.78 1.31 -35.19
N THR B 59 17.26 0.73 -34.11
CA THR B 59 17.05 1.45 -32.86
C THR B 59 18.27 1.39 -31.95
N ALA B 60 19.46 1.11 -32.50
CA ALA B 60 20.67 1.03 -31.71
C ALA B 60 21.87 1.73 -32.35
N ILE B 61 21.81 2.08 -33.63
CA ILE B 61 22.94 2.72 -34.29
C ILE B 61 22.97 4.18 -33.87
N ARG B 62 24.10 4.63 -33.35
CA ARG B 62 24.25 6.02 -32.97
C ARG B 62 24.38 6.89 -34.23
N PRO B 63 23.51 7.87 -34.42
CA PRO B 63 23.53 8.64 -35.67
C PRO B 63 24.70 9.63 -35.71
N VAL B 64 25.70 9.31 -36.51
CA VAL B 64 26.89 10.15 -36.64
C VAL B 64 27.53 9.83 -37.98
N GLN B 65 28.34 10.76 -38.48
CA GLN B 65 29.07 10.55 -39.74
C GLN B 65 30.46 9.98 -39.48
N ASN B 66 31.26 10.68 -38.69
CA ASN B 66 32.58 10.21 -38.29
C ASN B 66 32.49 9.57 -36.91
N VAL B 67 33.27 8.50 -36.72
CA VAL B 67 33.21 7.74 -35.47
C VAL B 67 33.74 8.56 -34.30
N SER B 68 34.83 9.30 -34.53
CA SER B 68 35.40 10.13 -33.47
C SER B 68 34.52 11.33 -33.13
N ASP B 69 33.63 11.74 -34.03
CA ASP B 69 32.72 12.84 -33.74
C ASP B 69 31.64 12.40 -32.75
N VAL B 70 31.13 13.38 -31.99
CA VAL B 70 30.12 13.11 -30.98
C VAL B 70 28.82 13.80 -31.38
N VAL B 71 27.76 13.58 -30.61
CA VAL B 71 26.47 14.22 -30.84
C VAL B 71 26.14 15.08 -29.63
N ASN B 72 25.74 16.32 -29.89
CA ASN B 72 25.42 17.28 -28.83
C ASN B 72 23.95 17.11 -28.45
N VAL B 73 23.71 16.12 -27.59
CA VAL B 73 22.37 15.82 -27.10
C VAL B 73 22.04 16.85 -26.02
N ALA B 74 21.26 17.86 -26.36
CA ALA B 74 20.86 18.87 -25.39
C ALA B 74 19.76 18.32 -24.48
N LEU B 75 19.52 19.02 -23.38
CA LEU B 75 18.54 18.57 -22.41
C LEU B 75 18.00 19.77 -21.65
N GLU B 76 16.74 19.65 -21.22
CA GLU B 76 16.13 20.63 -20.34
C GLU B 76 15.10 19.93 -19.47
N VAL B 77 15.02 20.35 -18.21
CA VAL B 77 14.06 19.81 -17.26
C VAL B 77 13.11 20.92 -16.86
N THR B 78 11.81 20.61 -16.90
CA THR B 78 10.80 21.60 -16.52
C THR B 78 9.76 20.93 -15.63
N VAL B 79 9.87 21.16 -14.32
CA VAL B 79 8.88 20.65 -13.37
C VAL B 79 7.64 21.53 -13.45
N VAL B 80 6.49 20.93 -13.74
CA VAL B 80 5.28 21.72 -13.95
C VAL B 80 4.42 21.65 -12.69
N LYS B 81 4.56 20.56 -11.91
CA LYS B 81 3.76 20.39 -10.71
C LYS B 81 4.45 19.38 -9.81
N VAL B 82 4.84 19.82 -8.61
CA VAL B 82 5.41 18.91 -7.63
C VAL B 82 4.27 18.16 -6.96
N ILE B 83 4.26 16.83 -7.09
CA ILE B 83 3.16 16.05 -6.56
C ILE B 83 3.28 15.90 -5.04
N ASP B 84 4.38 15.32 -4.57
CA ASP B 84 4.50 15.06 -3.14
C ASP B 84 5.97 14.97 -2.75
N LEU B 85 6.22 15.07 -1.45
CA LEU B 85 7.54 14.83 -0.87
C LEU B 85 7.33 14.05 0.42
N ASP B 86 7.68 12.77 0.39
CA ASP B 86 7.57 11.90 1.57
C ASP B 86 8.96 11.56 2.06
N GLU B 87 9.22 11.81 3.34
CA GLU B 87 10.51 11.55 3.95
C GLU B 87 10.62 10.17 4.55
N LYS B 88 9.61 9.30 4.34
CA LYS B 88 9.68 7.93 4.84
C LYS B 88 10.75 7.13 4.11
N GLU B 89 10.93 7.40 2.82
CA GLU B 89 12.01 6.76 2.07
C GLU B 89 12.71 7.76 1.14
N HIS B 90 12.70 9.05 1.49
CA HIS B 90 13.36 10.14 0.77
C HIS B 90 12.90 10.24 -0.69
N VAL B 91 11.58 10.21 -0.88
CA VAL B 91 11.00 10.20 -2.21
C VAL B 91 10.37 11.57 -2.49
N LEU B 92 10.73 12.14 -3.63
CA LEU B 92 10.11 13.36 -4.14
C LEU B 92 9.45 13.02 -5.48
N THR B 93 8.13 13.10 -5.53
CA THR B 93 7.37 12.83 -6.74
C THR B 93 7.00 14.16 -7.40
N THR B 94 7.50 14.35 -8.62
CA THR B 94 7.20 15.53 -9.42
C THR B 94 6.65 15.10 -10.78
N ASN B 95 5.90 15.99 -11.40
CA ASN B 95 5.49 15.85 -12.79
C ASN B 95 6.30 16.83 -13.63
N GLY B 96 7.02 16.32 -14.62
CA GLY B 96 7.96 17.17 -15.34
C GLY B 96 8.12 16.79 -16.80
N TRP B 97 8.51 17.79 -17.58
CA TRP B 97 8.85 17.63 -18.99
C TRP B 97 10.36 17.44 -19.09
N ILE B 98 10.77 16.46 -19.88
CA ILE B 98 12.19 16.18 -20.11
C ILE B 98 12.47 16.47 -21.57
N TYR B 99 12.85 17.70 -21.87
CA TYR B 99 13.08 18.12 -23.25
C TYR B 99 14.38 17.54 -23.77
N HIS B 100 14.33 16.85 -24.90
CA HIS B 100 15.50 16.33 -25.58
C HIS B 100 15.64 17.02 -26.93
N GLU B 101 16.88 17.22 -27.37
CA GLU B 101 17.14 17.84 -28.67
C GLU B 101 18.52 17.40 -29.13
N TRP B 102 18.58 16.52 -30.12
CA TRP B 102 19.84 16.08 -30.67
C TRP B 102 19.82 16.21 -32.18
N ASN B 103 20.99 16.54 -32.74
CA ASN B 103 21.12 16.57 -34.18
C ASN B 103 21.15 15.15 -34.72
N ASP B 104 20.58 14.98 -35.91
CA ASP B 104 20.55 13.69 -36.59
C ASP B 104 21.22 13.81 -37.95
N PHE B 105 21.84 12.72 -38.38
CA PHE B 105 22.52 12.68 -39.67
C PHE B 105 21.72 11.98 -40.75
N GLN B 106 20.84 11.06 -40.38
CA GLN B 106 20.13 10.26 -41.37
C GLN B 106 18.73 10.77 -41.66
N LEU B 107 18.14 11.57 -40.76
CA LEU B 107 16.79 12.10 -40.96
C LEU B 107 16.90 13.43 -41.70
N LYS B 108 17.24 13.34 -42.99
CA LYS B 108 17.40 14.52 -43.83
C LYS B 108 16.53 14.38 -45.07
N TRP B 109 15.78 15.42 -45.41
CA TRP B 109 15.02 15.45 -46.64
C TRP B 109 14.86 16.89 -47.10
N ASN B 110 14.72 17.06 -48.40
CA ASN B 110 14.42 18.38 -48.97
C ASN B 110 12.91 18.60 -48.96
N PRO B 111 12.42 19.71 -48.40
CA PRO B 111 10.97 19.91 -48.28
C PRO B 111 10.30 20.28 -49.59
N SER B 112 11.05 20.90 -50.51
CA SER B 112 10.44 21.53 -51.69
C SER B 112 9.87 20.50 -52.66
N ASP B 113 10.48 19.32 -52.77
CA ASP B 113 9.91 18.26 -53.59
C ASP B 113 8.95 17.39 -52.81
N TYR B 114 8.71 17.68 -51.54
CA TYR B 114 7.75 16.92 -50.74
C TYR B 114 6.58 17.78 -50.28
N SER B 115 6.38 18.94 -50.92
CA SER B 115 5.28 19.89 -50.67
C SER B 115 5.27 20.35 -49.21
N GLY B 116 6.35 21.02 -48.83
CA GLY B 116 6.50 21.46 -47.45
C GLY B 116 6.84 20.31 -46.53
N LEU B 117 5.97 20.05 -45.55
CA LEU B 117 6.11 18.98 -44.55
C LEU B 117 7.43 19.11 -43.79
N LYS B 118 7.55 20.23 -43.06
CA LYS B 118 8.74 20.47 -42.27
C LYS B 118 8.74 19.73 -40.94
N LYS B 119 7.59 19.23 -40.49
CA LYS B 119 7.48 18.55 -39.22
C LYS B 119 6.81 17.20 -39.43
N ILE B 120 7.46 16.13 -38.98
CA ILE B 120 6.90 14.79 -39.03
C ILE B 120 6.86 14.24 -37.61
N ARG B 121 5.75 13.59 -37.25
CA ARG B 121 5.60 12.96 -35.95
C ARG B 121 6.02 11.49 -36.07
N ILE B 122 7.10 11.13 -35.38
CA ILE B 122 7.69 9.79 -35.47
C ILE B 122 7.70 9.17 -34.07
N PRO B 123 7.21 7.95 -33.89
CA PRO B 123 7.29 7.30 -32.57
C PRO B 123 8.72 6.91 -32.24
N VAL B 124 9.00 6.82 -30.93
CA VAL B 124 10.36 6.52 -30.49
C VAL B 124 10.73 5.07 -30.64
N ASP B 125 9.78 4.18 -30.95
CA ASP B 125 10.10 2.78 -31.13
C ASP B 125 10.82 2.52 -32.44
N ARG B 126 10.73 3.43 -33.40
CA ARG B 126 11.37 3.28 -34.70
C ARG B 126 12.44 4.34 -34.94
N ILE B 127 12.90 4.99 -33.88
CA ILE B 127 13.93 6.02 -33.98
C ILE B 127 14.95 5.80 -32.87
N TRP B 128 16.14 6.39 -33.06
CA TRP B 128 17.19 6.29 -32.06
C TRP B 128 16.81 7.06 -30.80
N THR B 129 17.19 6.51 -29.65
CA THR B 129 16.79 7.06 -28.38
C THR B 129 17.99 7.09 -27.43
N PRO B 130 18.30 8.23 -26.84
CA PRO B 130 19.34 8.26 -25.79
C PRO B 130 18.87 7.55 -24.53
N ASP B 131 19.83 7.09 -23.75
CA ASP B 131 19.57 6.31 -22.54
C ASP B 131 19.59 7.18 -21.29
N ILE B 132 19.13 8.42 -21.40
CA ILE B 132 19.17 9.34 -20.27
C ILE B 132 18.11 8.96 -19.25
N VAL B 133 18.47 9.04 -17.97
CA VAL B 133 17.66 8.49 -16.89
C VAL B 133 17.91 9.32 -15.63
N LEU B 134 17.04 9.15 -14.64
CA LEU B 134 17.32 9.67 -13.30
C LEU B 134 18.41 8.84 -12.65
N PHE B 135 19.40 9.51 -12.06
CA PHE B 135 20.42 8.77 -11.32
C PHE B 135 19.89 8.22 -10.01
N ASN B 136 18.85 8.84 -9.44
CA ASN B 136 18.24 8.38 -8.20
C ASN B 136 16.75 8.13 -8.47
N ASN B 137 16.43 6.91 -8.88
CA ASN B 137 15.07 6.52 -9.21
C ASN B 137 14.51 5.63 -8.11
N ALA B 138 13.27 5.90 -7.70
CA ALA B 138 12.61 5.11 -6.68
C ALA B 138 11.71 4.02 -7.24
N ASP B 139 11.24 4.16 -8.47
CA ASP B 139 10.40 3.14 -9.07
C ASP B 139 11.23 1.94 -9.50
N GLU B 140 10.57 0.79 -9.59
CA GLU B 140 11.25 -0.43 -10.03
C GLU B 140 11.64 -0.35 -11.50
N SER B 141 10.79 0.27 -12.32
CA SER B 141 11.07 0.47 -13.74
C SER B 141 10.78 1.92 -14.09
N TYR B 142 11.45 2.41 -15.13
CA TYR B 142 11.33 3.80 -15.53
C TYR B 142 10.02 4.00 -16.28
N ARG B 143 9.12 4.79 -15.70
CA ARG B 143 7.83 5.08 -16.31
C ARG B 143 7.95 6.30 -17.21
N TYR B 144 7.10 6.35 -18.23
CA TYR B 144 7.10 7.44 -19.20
C TYR B 144 5.67 7.65 -19.69
N VAL B 145 5.13 8.83 -19.46
CA VAL B 145 3.80 9.20 -19.89
C VAL B 145 3.91 10.03 -21.16
N VAL B 146 3.16 9.61 -22.19
CA VAL B 146 3.17 10.16 -23.55
C VAL B 146 4.60 10.20 -24.08
N ASP B 147 5.20 9.02 -24.24
CA ASP B 147 6.52 8.89 -24.82
C ASP B 147 6.47 8.19 -26.18
N LYS B 148 5.29 8.08 -26.76
CA LYS B 148 5.09 7.31 -27.98
C LYS B 148 5.14 8.16 -29.25
N LEU B 149 5.55 9.42 -29.13
CA LEU B 149 5.62 10.28 -30.31
C LEU B 149 6.69 11.34 -30.10
N ALA B 150 7.32 11.74 -31.19
CA ALA B 150 8.42 12.69 -31.16
C ALA B 150 8.53 13.38 -32.50
N VAL B 151 8.59 14.70 -32.50
CA VAL B 151 8.63 15.45 -33.75
C VAL B 151 10.05 15.45 -34.30
N VAL B 152 10.15 15.53 -35.62
CA VAL B 152 11.44 15.68 -36.30
C VAL B 152 11.31 16.84 -37.30
N TYR B 153 12.39 17.61 -37.43
CA TYR B 153 12.44 18.72 -38.37
C TYR B 153 13.22 18.31 -39.62
N TYR B 154 13.22 19.21 -40.60
CA TYR B 154 13.86 18.92 -41.88
C TYR B 154 15.37 19.00 -41.83
N THR B 155 15.95 19.52 -40.74
CA THR B 155 17.40 19.57 -40.58
C THR B 155 17.93 18.50 -39.63
N GLY B 156 17.10 17.53 -39.26
CA GLY B 156 17.51 16.54 -38.27
C GLY B 156 17.55 17.14 -36.89
N LYS B 157 16.39 17.56 -36.39
CA LYS B 157 16.29 18.33 -35.16
C LYS B 157 15.19 17.71 -34.28
N VAL B 158 15.35 16.41 -34.00
CA VAL B 158 14.40 15.66 -33.18
C VAL B 158 14.23 16.32 -31.82
N MET B 159 12.97 16.55 -31.44
CA MET B 159 12.60 17.29 -30.25
C MET B 159 11.66 16.48 -29.38
N TRP B 160 12.07 15.25 -29.06
CA TRP B 160 11.29 14.37 -28.20
C TRP B 160 11.11 14.98 -26.82
N VAL B 161 9.86 15.16 -26.42
CA VAL B 161 9.57 15.71 -25.10
C VAL B 161 8.63 14.75 -24.38
N PRO B 162 9.16 13.77 -23.65
CA PRO B 162 8.31 12.95 -22.78
C PRO B 162 8.01 13.67 -21.46
N HIS B 163 7.02 13.14 -20.76
CA HIS B 163 6.59 13.66 -19.47
C HIS B 163 6.57 12.53 -18.46
N ALA B 164 7.15 12.78 -17.29
CA ALA B 164 7.35 11.69 -16.35
C ALA B 164 6.96 12.13 -14.95
N ARG B 165 6.53 11.14 -14.17
CA ARG B 165 6.40 11.27 -12.72
C ARG B 165 7.73 10.86 -12.11
N LEU B 166 8.63 11.82 -12.00
CA LEU B 166 9.97 11.58 -11.50
C LEU B 166 9.94 11.38 -9.99
N ARG B 167 10.50 10.27 -9.53
CA ARG B 167 10.61 9.95 -8.11
C ARG B 167 12.08 10.02 -7.74
N SER B 168 12.48 11.15 -7.15
CA SER B 168 13.89 11.45 -6.91
C SER B 168 14.23 11.33 -5.42
N PHE B 169 15.52 11.30 -5.15
CA PHE B 169 16.07 11.19 -3.80
C PHE B 169 16.85 12.45 -3.47
N CYS B 170 16.49 13.09 -2.35
CA CYS B 170 17.22 14.25 -1.87
C CYS B 170 17.54 14.09 -0.40
N VAL B 171 18.56 14.82 0.04
CA VAL B 171 18.98 14.84 1.43
C VAL B 171 18.21 15.95 2.13
N LEU B 172 17.29 15.58 3.02
CA LEU B 172 16.46 16.53 3.72
C LEU B 172 17.13 16.90 5.05
N ASP B 173 17.54 18.15 5.18
CA ASP B 173 18.11 18.65 6.44
C ASP B 173 16.94 18.98 7.37
N LEU B 174 16.56 17.98 8.17
CA LEU B 174 15.39 18.09 9.03
C LEU B 174 15.70 18.74 10.37
N SER B 175 16.85 19.39 10.51
CA SER B 175 17.12 20.17 11.72
C SER B 175 16.30 21.45 11.75
N ARG B 176 15.82 21.92 10.60
CA ARG B 176 14.95 23.08 10.51
C ARG B 176 13.49 22.70 10.35
N PHE B 177 13.15 21.43 10.58
CA PHE B 177 11.78 20.95 10.40
C PHE B 177 10.86 21.60 11.42
N PRO B 178 9.67 22.07 11.02
CA PRO B 178 9.09 21.99 9.67
C PRO B 178 9.45 23.14 8.73
N PHE B 179 10.01 24.23 9.25
CA PHE B 179 10.26 25.43 8.45
C PHE B 179 11.62 25.32 7.75
N ASP B 180 11.68 24.40 6.80
CA ASP B 180 12.93 24.05 6.14
C ASP B 180 13.00 24.66 4.74
N SER B 181 14.22 24.67 4.20
CA SER B 181 14.50 25.13 2.85
C SER B 181 15.43 24.16 2.14
N GLN B 182 15.18 22.87 2.32
CA GLN B 182 16.05 21.82 1.79
C GLN B 182 15.78 21.67 0.29
N MET B 183 16.77 21.98 -0.53
CA MET B 183 16.65 21.82 -1.96
C MET B 183 16.69 20.35 -2.35
N CYS B 184 16.14 20.05 -3.52
CA CYS B 184 16.21 18.73 -4.11
C CYS B 184 16.97 18.80 -5.43
N THR B 185 17.85 17.84 -5.64
CA THR B 185 18.67 17.77 -6.84
C THR B 185 18.22 16.59 -7.70
N LEU B 186 17.96 16.84 -8.97
CA LEU B 186 17.60 15.81 -9.92
C LEU B 186 18.74 15.69 -10.94
N VAL B 187 19.20 14.46 -11.16
CA VAL B 187 20.38 14.18 -11.97
C VAL B 187 19.92 13.48 -13.24
N PHE B 188 20.41 13.96 -14.39
CA PHE B 188 20.11 13.36 -15.67
C PHE B 188 21.40 13.04 -16.39
N GLY B 189 21.60 11.78 -16.73
CA GLY B 189 22.81 11.39 -17.42
C GLY B 189 22.63 10.02 -18.03
N SER B 190 23.66 9.60 -18.77
CA SER B 190 23.67 8.31 -19.45
C SER B 190 24.73 7.43 -18.80
N TRP B 191 24.33 6.25 -18.36
CA TRP B 191 25.25 5.28 -17.81
C TRP B 191 25.92 4.42 -18.87
N THR B 192 25.37 4.39 -20.09
CA THR B 192 25.80 3.44 -21.10
C THR B 192 26.96 3.99 -21.94
N HIS B 193 26.72 5.09 -22.63
CA HIS B 193 27.75 5.74 -23.42
C HIS B 193 28.27 6.97 -22.70
N ASP B 194 29.42 7.44 -23.15
CA ASP B 194 30.22 8.44 -22.45
C ASP B 194 30.45 9.65 -23.36
N VAL B 195 31.38 10.51 -22.95
CA VAL B 195 31.66 11.74 -23.68
C VAL B 195 32.29 11.48 -25.06
N SER B 196 32.78 10.27 -25.31
CA SER B 196 33.24 9.90 -26.64
C SER B 196 32.10 9.65 -27.62
N SER B 197 30.86 9.49 -27.13
CA SER B 197 29.71 9.24 -27.98
C SER B 197 28.73 10.41 -27.98
N VAL B 198 28.20 10.79 -26.82
CA VAL B 198 27.27 11.90 -26.71
C VAL B 198 27.89 12.97 -25.83
N ASN B 199 27.33 14.17 -25.90
CA ASN B 199 27.76 15.31 -25.08
C ASN B 199 26.50 15.94 -24.50
N VAL B 200 26.13 15.51 -23.30
CA VAL B 200 24.90 15.97 -22.66
C VAL B 200 25.09 17.40 -22.17
N THR B 201 24.54 18.37 -22.89
CA THR B 201 24.74 19.78 -22.59
C THR B 201 23.42 20.45 -22.25
N LEU B 202 23.53 21.71 -21.83
CA LEU B 202 22.36 22.50 -21.50
C LEU B 202 21.62 22.94 -22.77
N ARG B 203 20.40 23.43 -22.58
CA ARG B 203 19.70 24.10 -23.66
C ARG B 203 20.37 25.43 -23.97
N ASN B 204 20.33 25.81 -25.25
CA ASN B 204 20.87 27.11 -25.65
C ASN B 204 20.07 28.25 -25.04
N GLN B 205 18.75 28.12 -25.01
CA GLN B 205 17.87 29.06 -24.33
C GLN B 205 17.44 28.40 -23.02
N SER B 206 17.93 28.94 -21.91
CA SER B 206 17.70 28.37 -20.59
C SER B 206 16.67 29.16 -19.78
N LYS B 207 15.61 29.62 -20.46
CA LYS B 207 14.56 30.39 -19.80
C LYS B 207 13.63 29.44 -19.05
N VAL B 208 14.12 28.95 -17.91
CA VAL B 208 13.37 28.05 -17.06
C VAL B 208 13.35 28.57 -15.63
N GLN B 209 13.43 29.90 -15.47
CA GLN B 209 13.45 30.53 -14.15
C GLN B 209 12.03 30.86 -13.68
N TYR B 210 11.23 29.81 -13.54
CA TYR B 210 9.84 29.96 -13.15
C TYR B 210 9.70 29.88 -11.63
N MET B 211 8.46 29.93 -11.15
CA MET B 211 8.17 29.77 -9.73
C MET B 211 6.77 29.17 -9.63
N ILE B 212 6.71 27.86 -9.38
CA ILE B 212 5.44 27.14 -9.33
C ILE B 212 4.91 27.28 -7.91
N ASP B 213 4.12 28.32 -7.67
CA ASP B 213 3.56 28.58 -6.35
C ASP B 213 2.38 27.65 -6.12
N GLY B 214 2.57 26.62 -5.30
CA GLY B 214 1.54 25.67 -4.97
C GLY B 214 0.90 25.94 -3.62
N LYS B 215 -0.11 25.14 -3.33
CA LYS B 215 -0.84 25.23 -2.07
C LYS B 215 -0.12 24.54 -0.91
N GLU B 216 0.91 23.75 -1.20
CA GLU B 216 1.63 23.01 -0.17
C GLU B 216 3.08 23.46 -0.03
N TRP B 217 3.74 23.85 -1.12
CA TRP B 217 5.14 24.25 -1.09
C TRP B 217 5.32 25.48 -1.96
N GLN B 218 6.40 26.21 -1.72
CA GLN B 218 6.89 27.23 -2.63
C GLN B 218 8.07 26.65 -3.40
N VAL B 219 7.95 26.64 -4.72
CA VAL B 219 8.94 26.00 -5.59
C VAL B 219 9.81 27.08 -6.20
N THR B 220 11.12 26.98 -5.97
CA THR B 220 12.10 27.88 -6.56
C THR B 220 12.98 27.08 -7.50
N SER B 221 12.88 27.36 -8.80
CA SER B 221 13.71 26.68 -9.78
C SER B 221 15.12 27.23 -9.74
N VAL B 222 16.10 26.34 -9.92
CA VAL B 222 17.51 26.71 -10.00
C VAL B 222 17.98 26.46 -11.42
N GLN B 223 18.78 27.37 -11.94
CA GLN B 223 19.35 27.23 -13.28
C GLN B 223 20.25 26.00 -13.32
N PRO B 224 20.01 25.07 -14.25
CA PRO B 224 20.72 23.78 -14.21
C PRO B 224 22.18 23.91 -14.57
N LYS B 225 22.98 23.00 -14.02
CA LYS B 225 24.41 22.96 -14.24
C LYS B 225 24.80 21.61 -14.82
N ARG B 226 26.03 21.55 -15.35
CA ARG B 226 26.55 20.33 -15.96
C ARG B 226 27.81 19.91 -15.22
N TYR B 227 27.86 18.64 -14.83
CA TYR B 227 29.03 18.07 -14.16
C TYR B 227 29.40 16.77 -14.84
N GLN B 228 30.71 16.47 -14.83
CA GLN B 228 31.24 15.28 -15.49
C GLN B 228 31.48 14.21 -14.44
N TRP B 229 30.48 13.35 -14.25
CA TRP B 229 30.64 12.19 -13.37
C TRP B 229 31.58 11.18 -14.02
N THR B 230 32.51 10.65 -13.23
CA THR B 230 33.53 9.73 -13.71
C THR B 230 33.26 8.33 -13.18
N TYR B 231 33.09 7.38 -14.10
CA TYR B 231 32.96 5.98 -13.70
C TYR B 231 34.29 5.43 -13.20
N ASN B 232 35.39 5.82 -13.84
CA ASN B 232 36.72 5.42 -13.44
C ASN B 232 37.70 6.53 -13.84
N SER B 233 38.99 6.25 -13.72
CA SER B 233 40.00 7.25 -14.05
C SER B 233 40.14 7.44 -15.55
N ASN B 234 40.10 6.34 -16.31
CA ASN B 234 40.36 6.42 -17.75
C ASN B 234 39.18 7.00 -18.52
N GLU B 235 37.96 6.65 -18.12
CA GLU B 235 36.76 7.05 -18.84
C GLU B 235 35.98 8.10 -18.05
N ASN B 236 35.39 9.06 -18.76
CA ASN B 236 34.61 10.12 -18.16
C ASN B 236 33.27 10.23 -18.85
N TYR B 237 32.24 10.56 -18.07
CA TYR B 237 30.87 10.63 -18.55
C TYR B 237 30.33 12.05 -18.33
N ALA B 238 29.04 12.23 -18.59
CA ALA B 238 28.40 13.53 -18.48
C ALA B 238 27.14 13.42 -17.63
N GLY B 239 26.74 14.55 -17.06
CA GLY B 239 25.54 14.62 -16.24
C GLY B 239 25.07 16.03 -16.06
N ILE B 240 23.76 16.18 -15.83
CA ILE B 240 23.12 17.47 -15.67
C ILE B 240 22.38 17.49 -14.34
N ILE B 241 22.67 18.48 -13.50
CA ILE B 241 22.02 18.68 -12.22
C ILE B 241 21.01 19.80 -12.37
N THR B 242 19.77 19.55 -11.99
CA THR B 242 18.77 20.59 -11.85
C THR B 242 18.28 20.66 -10.41
N GLY B 243 17.98 21.86 -9.96
CA GLY B 243 17.65 22.09 -8.57
C GLY B 243 16.27 22.66 -8.38
N ILE B 244 15.55 22.12 -7.41
CA ILE B 244 14.22 22.59 -7.05
C ILE B 244 14.21 22.83 -5.55
N LYS B 245 14.19 24.09 -5.13
CA LYS B 245 14.16 24.45 -3.72
C LYS B 245 12.71 24.49 -3.24
N LEU B 246 12.45 23.82 -2.11
CA LEU B 246 11.12 23.72 -1.54
C LEU B 246 11.07 24.54 -0.25
N LYS B 247 10.13 25.48 -0.19
CA LYS B 247 9.90 26.26 1.01
C LYS B 247 8.56 25.85 1.62
N ARG B 248 8.59 25.47 2.90
CA ARG B 248 7.37 25.07 3.59
C ARG B 248 6.56 26.31 3.96
N THR B 249 5.27 26.29 3.63
CA THR B 249 4.39 27.39 3.96
C THR B 249 3.06 26.95 4.56
N SER B 250 2.80 25.64 4.66
CA SER B 250 1.55 25.16 5.19
C SER B 250 1.49 25.33 6.71
N ILE B 251 0.27 25.47 7.23
CA ILE B 251 0.05 25.58 8.66
C ILE B 251 -0.44 24.24 9.24
N TYR B 252 -0.13 23.13 8.58
CA TYR B 252 -0.50 21.82 9.10
C TYR B 252 0.33 21.45 10.31
N TYR B 253 1.66 21.53 10.18
CA TYR B 253 2.55 21.11 11.26
C TYR B 253 2.55 22.10 12.43
N GLN B 254 2.13 23.34 12.20
CA GLN B 254 1.91 24.28 13.29
C GLN B 254 0.61 23.99 14.03
N TYR B 255 -0.26 23.17 13.47
CA TYR B 255 -1.53 22.80 14.09
C TYR B 255 -1.48 21.45 14.80
N VAL B 256 -0.82 20.46 14.19
CA VAL B 256 -0.80 19.12 14.79
C VAL B 256 0.32 18.94 15.80
N PHE B 257 1.38 19.75 15.74
CA PHE B 257 2.54 19.57 16.61
C PHE B 257 2.84 20.77 17.48
N ILE B 258 2.97 21.95 16.90
CA ILE B 258 3.50 23.11 17.61
C ILE B 258 2.50 23.62 18.66
N MET B 259 1.24 23.75 18.25
CA MET B 259 0.21 24.27 19.18
C MET B 259 -0.09 23.33 20.36
N PRO B 260 -0.30 22.02 20.19
CA PRO B 260 -0.45 21.18 21.40
C PRO B 260 0.79 21.10 22.27
N THR B 261 1.99 21.14 21.68
CA THR B 261 3.21 21.10 22.51
C THR B 261 3.38 22.39 23.29
N VAL B 262 3.10 23.54 22.68
CA VAL B 262 3.22 24.79 23.43
C VAL B 262 2.08 24.91 24.44
N LEU B 263 0.94 24.28 24.19
CA LEU B 263 -0.12 24.31 25.19
C LEU B 263 0.20 23.41 26.37
N LEU B 264 0.84 22.26 26.12
CA LEU B 264 1.28 21.41 27.22
C LEU B 264 2.41 22.06 27.99
N ALA B 265 3.27 22.82 27.31
CA ALA B 265 4.31 23.59 28.01
C ALA B 265 3.69 24.68 28.88
N PHE B 266 2.63 25.32 28.38
CA PHE B 266 1.89 26.30 29.18
C PHE B 266 1.22 25.65 30.39
N LEU B 267 0.70 24.43 30.20
CA LEU B 267 0.09 23.70 31.31
C LEU B 267 1.12 23.32 32.37
N THR B 268 2.31 22.89 31.94
CA THR B 268 3.36 22.57 32.90
C THR B 268 3.90 23.82 33.59
N LEU B 269 3.89 24.95 32.88
CA LEU B 269 4.25 26.22 33.50
C LEU B 269 3.24 26.59 34.57
N LEU B 270 1.95 26.32 34.33
CA LEU B 270 0.91 26.60 35.31
C LEU B 270 0.79 25.51 36.37
N MET B 271 1.48 24.38 36.20
CA MET B 271 1.37 23.28 37.15
C MET B 271 1.77 23.58 38.60
N PRO B 272 2.94 24.14 38.92
CA PRO B 272 3.39 24.11 40.32
C PRO B 272 2.68 25.07 41.26
N PHE B 273 1.66 25.79 40.82
CA PHE B 273 0.90 26.65 41.72
C PHE B 273 -0.05 25.86 42.63
N ILE B 274 -0.41 24.64 42.24
CA ILE B 274 -1.35 23.84 43.03
C ILE B 274 -0.68 23.40 44.32
N PRO B 275 -1.35 23.54 45.48
CA PRO B 275 -0.76 23.03 46.72
C PRO B 275 -0.69 21.52 46.72
N PRO B 276 0.31 20.92 47.36
CA PRO B 276 0.43 19.46 47.36
C PRO B 276 -0.63 18.76 48.20
N LEU B 277 -1.27 19.45 49.13
CA LEU B 277 -2.28 18.83 49.97
C LEU B 277 -3.62 18.67 49.27
N GLY B 278 -3.78 19.23 48.07
CA GLY B 278 -5.02 19.11 47.34
C GLY B 278 -5.22 17.79 46.64
N LYS B 279 -4.21 16.91 46.66
CA LYS B 279 -4.25 15.56 46.10
C LYS B 279 -4.56 15.55 44.61
N GLU B 280 -4.15 16.61 43.91
CA GLU B 280 -4.38 16.71 42.47
C GLU B 280 -3.12 17.08 41.69
N ARG B 281 -2.04 17.45 42.37
CA ARG B 281 -0.80 17.81 41.69
C ARG B 281 -0.16 16.60 41.03
N ILE B 282 -0.14 15.47 41.73
CA ILE B 282 0.40 14.23 41.16
C ILE B 282 -0.50 13.72 40.05
N THR B 283 -1.83 13.87 40.21
CA THR B 283 -2.75 13.52 39.14
C THR B 283 -2.57 14.40 37.93
N TYR B 284 -2.30 15.67 38.17
CA TYR B 284 -2.05 16.54 37.01
C TYR B 284 -0.79 16.01 36.33
N GLY B 285 0.28 15.85 37.11
CA GLY B 285 1.54 15.45 36.51
C GLY B 285 1.43 14.17 35.71
N ILE B 286 0.68 13.18 36.20
CA ILE B 286 0.56 11.94 35.45
C ILE B 286 -0.37 12.13 34.24
N GLY B 287 -1.33 13.06 34.32
CA GLY B 287 -2.10 13.41 33.14
C GLY B 287 -1.26 14.13 32.11
N LEU B 288 -0.31 14.95 32.56
CA LEU B 288 0.65 15.56 31.64
C LEU B 288 1.55 14.51 31.00
N VAL B 289 1.91 13.47 31.77
CA VAL B 289 2.69 12.35 31.22
C VAL B 289 1.90 11.64 30.13
N LEU B 290 0.60 11.39 30.37
CA LEU B 290 -0.25 10.74 29.38
C LEU B 290 -0.43 11.60 28.13
N GLY B 291 -0.62 12.92 28.32
CA GLY B 291 -0.77 13.80 27.18
C GLY B 291 0.51 13.92 26.35
N CYS B 292 1.65 14.02 27.02
CA CYS B 292 2.92 14.04 26.30
C CYS B 292 3.22 12.71 25.63
N THR B 293 2.74 11.60 26.21
CA THR B 293 2.89 10.30 25.57
C THR B 293 2.04 10.20 24.31
N LEU B 294 0.83 10.77 24.35
CA LEU B 294 0.01 10.81 23.13
C LEU B 294 0.64 11.71 22.07
N LEU B 295 1.26 12.81 22.49
CA LEU B 295 2.00 13.66 21.56
C LEU B 295 3.19 12.91 20.95
N LEU B 296 3.89 12.10 21.75
CA LEU B 296 4.96 11.26 21.23
C LEU B 296 4.42 10.20 20.28
N MET B 297 3.22 9.70 20.54
CA MET B 297 2.61 8.72 19.64
C MET B 297 2.30 9.34 18.29
N MET B 298 1.75 10.56 18.29
CA MET B 298 1.50 11.27 17.03
C MET B 298 2.80 11.58 16.30
N LEU B 299 3.83 12.01 17.03
CA LEU B 299 5.11 12.34 16.41
C LEU B 299 5.80 11.10 15.85
N SER B 300 5.76 9.98 16.57
CA SER B 300 6.39 8.75 16.11
C SER B 300 5.64 8.14 14.93
N ASP B 301 4.32 8.30 14.89
CA ASP B 301 3.59 7.84 13.71
C ASP B 301 3.74 8.79 12.52
N ARG B 302 4.11 10.05 12.77
CA ARG B 302 4.26 10.97 11.64
C ARG B 302 5.71 11.13 11.20
N MET B 303 6.62 11.44 12.14
CA MET B 303 8.02 11.72 11.77
C MET B 303 8.72 10.41 11.39
N PRO B 304 9.37 10.34 10.23
CA PRO B 304 9.89 9.06 9.74
C PRO B 304 11.14 8.57 10.46
N THR B 305 11.64 7.42 10.03
CA THR B 305 12.82 6.82 10.64
C THR B 305 14.11 7.52 10.22
N GLU B 306 14.11 8.22 9.10
CA GLU B 306 15.30 8.93 8.65
C GLU B 306 15.55 10.17 9.49
N LEU B 307 16.57 10.12 10.33
CA LEU B 307 17.02 11.27 11.12
C LEU B 307 18.51 11.49 10.88
N GLY B 308 18.86 12.69 10.44
CA GLY B 308 20.24 13.10 10.44
C GLY B 308 20.49 13.96 11.66
N ASN B 309 19.52 14.80 11.98
CA ASN B 309 19.52 15.60 13.20
C ASN B 309 18.13 15.54 13.81
N VAL B 310 18.07 15.73 15.13
CA VAL B 310 16.80 15.70 15.86
C VAL B 310 15.98 16.93 15.48
N PRO B 311 14.69 16.78 15.15
CA PRO B 311 13.84 17.94 14.88
C PRO B 311 13.63 18.79 16.12
N VAL B 312 13.43 20.09 15.90
CA VAL B 312 13.27 21.03 17.01
C VAL B 312 11.94 20.83 17.72
N VAL B 313 10.91 20.37 17.00
CA VAL B 313 9.64 20.03 17.65
C VAL B 313 9.81 18.79 18.52
N ALA B 314 10.61 17.83 18.06
CA ALA B 314 10.95 16.65 18.86
C ALA B 314 11.77 17.05 20.09
N ALA B 315 12.67 18.02 19.93
CA ALA B 315 13.44 18.51 21.07
C ALA B 315 12.56 19.23 22.07
N TYR B 316 11.55 19.97 21.60
CA TYR B 316 10.60 20.62 22.49
C TYR B 316 9.76 19.59 23.23
N LEU B 317 9.38 18.50 22.55
CA LEU B 317 8.61 17.44 23.21
C LEU B 317 9.45 16.73 24.25
N ALA B 318 10.73 16.89 24.01
CA ALA B 318 11.59 16.34 25.05
C ALA B 318 11.51 17.33 26.19
N TYR B 319 11.42 18.61 25.88
CA TYR B 319 11.48 19.55 27.02
C TYR B 319 10.22 19.41 27.89
N VAL B 320 9.04 19.26 27.30
CA VAL B 320 7.84 19.23 28.18
C VAL B 320 7.99 17.96 29.02
N PHE B 321 8.58 16.93 28.44
CA PHE B 321 8.66 15.65 29.19
C PHE B 321 9.62 15.86 30.33
N VAL B 322 10.76 16.48 30.06
CA VAL B 322 11.76 16.58 31.16
C VAL B 322 11.22 17.54 32.22
N MET B 323 10.30 18.42 31.82
CA MET B 323 9.66 19.28 32.85
C MET B 323 8.76 18.38 33.70
N VAL B 324 7.79 17.72 33.08
CA VAL B 324 6.88 16.90 33.91
C VAL B 324 7.76 16.08 34.82
N ALA B 325 8.84 15.47 34.31
CA ALA B 325 9.61 14.64 35.24
C ALA B 325 10.17 15.45 36.40
N ILE B 326 10.73 16.63 36.10
CA ILE B 326 11.35 17.44 37.15
C ILE B 326 10.30 18.01 38.10
N ASN B 327 9.18 18.51 37.55
CA ASN B 327 8.16 19.03 38.47
C ASN B 327 7.40 17.91 39.20
N LEU B 328 7.35 16.69 38.64
CA LEU B 328 6.78 15.58 39.39
C LEU B 328 7.69 15.17 40.54
N LEU B 329 9.01 15.20 40.31
CA LEU B 329 9.95 14.96 41.40
C LEU B 329 9.82 16.01 42.50
N PHE B 330 9.70 17.28 42.12
CA PHE B 330 9.55 18.33 43.12
C PHE B 330 8.20 18.27 43.82
N ALA B 331 7.15 17.83 43.12
CA ALA B 331 5.84 17.69 43.75
C ALA B 331 5.82 16.53 44.75
N ILE B 332 6.47 15.42 44.40
CA ILE B 332 6.58 14.29 45.32
C ILE B 332 7.40 14.67 46.55
N MET B 333 8.50 15.39 46.36
CA MET B 333 9.29 15.84 47.49
C MET B 333 8.54 16.88 48.34
N ALA B 334 7.71 17.71 47.72
CA ALA B 334 6.91 18.66 48.47
C ALA B 334 5.83 17.97 49.30
N ILE B 335 5.16 16.96 48.72
CA ILE B 335 4.13 16.26 49.49
C ILE B 335 4.75 15.33 50.52
N ASN B 336 6.01 14.94 50.35
CA ASN B 336 6.70 14.22 51.42
C ASN B 336 7.16 15.15 52.53
N MET B 337 7.57 16.37 52.19
CA MET B 337 7.96 17.35 53.21
C MET B 337 6.75 17.87 53.97
N SER B 338 5.58 17.91 53.33
CA SER B 338 4.38 18.43 53.99
C SER B 338 3.87 17.48 55.07
N MET B 339 4.07 16.17 54.89
CA MET B 339 3.60 15.20 55.88
C MET B 339 4.51 15.18 57.10
N GLN B 446 8.13 23.18 58.52
CA GLN B 446 7.81 24.53 58.07
C GLN B 446 7.24 24.52 56.65
N GLN B 447 6.49 25.56 56.32
CA GLN B 447 5.87 25.68 55.00
C GLN B 447 6.81 26.47 54.07
N LEU B 448 7.96 25.87 53.81
CA LEU B 448 8.96 26.45 52.93
C LEU B 448 8.72 26.12 51.46
N THR B 449 7.74 25.27 51.17
CA THR B 449 7.53 24.78 49.81
C THR B 449 6.97 25.86 48.88
N ARG B 450 6.34 26.90 49.41
CA ARG B 450 5.78 27.95 48.56
C ARG B 450 6.88 28.77 47.88
N VAL B 451 7.94 29.11 48.62
CA VAL B 451 9.05 29.86 48.05
C VAL B 451 9.81 29.00 47.05
N ILE B 452 9.95 27.70 47.34
CA ILE B 452 10.62 26.77 46.43
C ILE B 452 9.82 26.63 45.13
N ASP B 453 8.49 26.54 45.25
CA ASP B 453 7.65 26.45 44.06
C ASP B 453 7.66 27.75 43.26
N ARG B 454 7.76 28.90 43.94
CA ARG B 454 7.79 30.17 43.22
C ARG B 454 9.11 30.36 42.48
N LEU B 455 10.24 30.01 43.11
CA LEU B 455 11.52 30.11 42.40
C LEU B 455 11.62 29.08 41.28
N LEU B 456 11.04 27.89 41.49
CA LEU B 456 10.98 26.89 40.44
C LEU B 456 10.12 27.36 39.27
N PHE B 457 9.01 28.04 39.57
CA PHE B 457 8.15 28.60 38.54
C PHE B 457 8.86 29.71 37.76
N GLY B 458 9.64 30.55 38.45
CA GLY B 458 10.39 31.59 37.77
C GLY B 458 11.50 31.04 36.88
N SER B 459 12.21 30.02 37.37
CA SER B 459 13.25 29.37 36.56
C SER B 459 12.65 28.68 35.35
N PHE B 460 11.49 28.02 35.53
CA PHE B 460 10.83 27.41 34.40
C PHE B 460 10.26 28.44 33.43
N LEU B 461 9.86 29.60 33.96
CA LEU B 461 9.37 30.69 33.11
C LEU B 461 10.46 31.21 32.21
N VAL B 462 11.64 31.50 32.78
CA VAL B 462 12.73 32.04 31.97
C VAL B 462 13.29 30.98 31.02
N LEU B 463 13.29 29.71 31.44
CA LEU B 463 13.77 28.64 30.55
C LEU B 463 12.80 28.41 29.39
N THR B 464 11.49 28.42 29.66
CA THR B 464 10.51 28.25 28.61
C THR B 464 10.51 29.43 27.64
N VAL B 465 10.68 30.66 28.16
CA VAL B 465 10.66 31.79 27.25
C VAL B 465 11.94 31.85 26.42
N VAL B 466 13.08 31.42 26.96
CA VAL B 466 14.28 31.43 26.12
C VAL B 466 14.25 30.27 25.12
N ILE B 467 13.59 29.16 25.45
CA ILE B 467 13.43 28.08 24.48
C ILE B 467 12.45 28.48 23.38
N THR B 468 11.36 29.17 23.71
CA THR B 468 10.43 29.61 22.68
C THR B 468 10.99 30.73 21.79
N ILE B 469 11.83 31.61 22.35
CA ILE B 469 12.46 32.60 21.45
C ILE B 469 13.64 31.99 20.67
N SER B 470 14.20 30.87 21.13
CA SER B 470 15.12 30.13 20.27
C SER B 470 14.37 29.45 19.14
N MET B 471 13.16 28.97 19.42
CA MET B 471 12.34 28.34 18.38
C MET B 471 11.82 29.36 17.38
N TYR B 472 11.50 30.57 17.85
CA TYR B 472 10.85 31.58 17.02
C TYR B 472 11.77 32.20 15.98
N ALA B 473 13.07 31.92 16.03
CA ALA B 473 13.99 32.43 15.01
C ALA B 473 13.75 31.77 13.65
N HIS B 474 13.16 30.58 13.62
CA HIS B 474 12.80 29.96 12.35
C HIS B 474 11.66 30.71 11.67
N TYR B 475 10.63 31.08 12.43
CA TYR B 475 9.46 31.75 11.87
C TYR B 475 9.36 33.19 12.35
N ALA C 44 26.91 3.71 -44.09
CA ALA C 44 27.47 4.09 -42.80
C ALA C 44 28.60 3.15 -42.40
N ASP C 45 29.24 3.44 -41.27
CA ASP C 45 30.34 2.62 -40.76
C ASP C 45 29.87 1.65 -39.68
N GLU C 46 29.09 2.13 -38.72
CA GLU C 46 28.58 1.26 -37.67
C GLU C 46 27.50 0.32 -38.20
N LYS C 47 26.69 0.78 -39.16
CA LYS C 47 25.66 -0.06 -39.75
C LYS C 47 26.24 -1.18 -40.58
N ARG C 48 27.36 -0.92 -41.26
CA ARG C 48 28.04 -1.95 -42.05
C ARG C 48 28.56 -3.08 -41.18
N LEU C 49 29.14 -2.74 -40.03
CA LEU C 49 29.62 -3.77 -39.12
C LEU C 49 28.48 -4.47 -38.40
N LEU C 50 27.42 -3.71 -38.07
CA LEU C 50 26.27 -4.28 -37.39
C LEU C 50 25.47 -5.22 -38.29
N LYS C 51 25.48 -4.99 -39.60
CA LYS C 51 24.81 -5.88 -40.53
C LYS C 51 25.60 -7.15 -40.81
N CYS C 52 26.84 -7.25 -40.33
CA CYS C 52 27.68 -8.43 -40.55
C CYS C 52 28.16 -9.05 -39.24
N ILE C 53 27.44 -8.83 -38.15
CA ILE C 53 27.80 -9.42 -36.86
C ILE C 53 26.64 -10.14 -36.19
N LEU C 54 25.39 -9.91 -36.60
CA LEU C 54 24.23 -10.61 -36.06
C LEU C 54 23.48 -11.32 -37.18
N HIS C 55 24.23 -11.97 -38.07
CA HIS C 55 23.63 -12.65 -39.22
C HIS C 55 22.88 -13.90 -38.78
N ASP C 56 23.46 -14.68 -37.86
CA ASP C 56 22.86 -15.90 -37.35
C ASP C 56 22.99 -15.96 -35.83
N TYR C 57 22.69 -14.86 -35.17
CA TYR C 57 22.82 -14.74 -33.72
C TYR C 57 21.44 -14.91 -33.09
N ASP C 58 21.31 -15.90 -32.22
CA ASP C 58 20.11 -16.08 -31.42
C ASP C 58 20.37 -15.65 -29.98
N THR C 59 19.29 -15.38 -29.26
CA THR C 59 19.37 -14.96 -27.86
C THR C 59 19.39 -16.13 -26.89
N ALA C 60 19.74 -17.33 -27.36
CA ALA C 60 19.77 -18.50 -26.51
C ALA C 60 21.01 -19.37 -26.69
N ILE C 61 21.77 -19.18 -27.76
CA ILE C 61 22.96 -20.00 -28.01
C ILE C 61 24.07 -19.52 -27.10
N ARG C 62 24.63 -20.43 -26.32
CA ARG C 62 25.75 -20.09 -25.45
C ARG C 62 27.01 -19.88 -26.29
N PRO C 63 27.65 -18.72 -26.23
CA PRO C 63 28.80 -18.46 -27.11
C PRO C 63 30.04 -19.19 -26.65
N VAL C 64 30.41 -20.24 -27.38
CA VAL C 64 31.57 -21.05 -27.05
C VAL C 64 32.02 -21.75 -28.33
N GLN C 65 33.27 -22.18 -28.37
CA GLN C 65 33.81 -22.91 -29.51
C GLN C 65 33.67 -24.42 -29.31
N ASN C 66 34.25 -24.93 -28.23
CA ASN C 66 34.13 -26.34 -27.87
C ASN C 66 33.03 -26.50 -26.84
N VAL C 67 32.29 -27.61 -26.93
CA VAL C 67 31.14 -27.83 -26.06
C VAL C 67 31.57 -28.06 -24.63
N SER C 68 32.66 -28.81 -24.44
CA SER C 68 33.18 -29.07 -23.08
C SER C 68 33.80 -27.83 -22.45
N ASP C 69 34.18 -26.84 -23.24
CA ASP C 69 34.73 -25.60 -22.70
C ASP C 69 33.63 -24.76 -22.07
N VAL C 70 34.02 -23.95 -21.09
CA VAL C 70 33.06 -23.11 -20.36
C VAL C 70 33.38 -21.64 -20.64
N VAL C 71 32.55 -20.74 -20.14
CA VAL C 71 32.77 -19.30 -20.27
C VAL C 71 32.95 -18.71 -18.89
N ASN C 72 33.99 -17.90 -18.73
CA ASN C 72 34.31 -17.28 -17.45
C ASN C 72 33.53 -15.96 -17.34
N VAL C 73 32.27 -16.10 -16.93
CA VAL C 73 31.39 -14.94 -16.74
C VAL C 73 31.77 -14.30 -15.41
N ALA C 74 32.51 -13.20 -15.46
CA ALA C 74 32.88 -12.48 -14.26
C ALA C 74 31.71 -11.66 -13.75
N LEU C 75 31.82 -11.20 -12.51
CA LEU C 75 30.74 -10.46 -11.89
C LEU C 75 31.31 -9.54 -10.82
N GLU C 76 30.63 -8.41 -10.62
CA GLU C 76 30.94 -7.50 -9.53
C GLU C 76 29.67 -6.79 -9.09
N VAL C 77 29.52 -6.59 -7.79
CA VAL C 77 28.38 -5.90 -7.21
C VAL C 77 28.88 -4.61 -6.58
N THR C 78 28.20 -3.50 -6.88
CA THR C 78 28.58 -2.21 -6.29
C THR C 78 27.32 -1.49 -5.83
N VAL C 79 27.07 -1.52 -4.53
CA VAL C 79 25.93 -0.80 -3.96
C VAL C 79 26.32 0.67 -3.86
N VAL C 80 25.53 1.54 -4.49
CA VAL C 80 25.88 2.96 -4.54
C VAL C 80 25.07 3.72 -3.50
N LYS C 81 23.88 3.20 -3.16
CA LYS C 81 23.01 3.87 -2.20
C LYS C 81 22.03 2.85 -1.64
N VAL C 82 22.08 2.63 -0.33
CA VAL C 82 21.11 1.77 0.33
C VAL C 82 19.84 2.56 0.55
N ILE C 83 18.73 2.11 -0.05
CA ILE C 83 17.49 2.85 0.02
C ILE C 83 16.84 2.67 1.39
N ASP C 84 16.51 1.43 1.75
CA ASP C 84 15.79 1.21 3.00
C ASP C 84 16.05 -0.20 3.50
N LEU C 85 15.74 -0.42 4.77
CA LEU C 85 15.74 -1.75 5.39
C LEU C 85 14.51 -1.84 6.27
N ASP C 86 13.52 -2.62 5.84
CA ASP C 86 12.31 -2.83 6.60
C ASP C 86 12.28 -4.27 7.10
N GLU C 87 12.09 -4.43 8.41
CA GLU C 87 12.08 -5.74 9.03
C GLU C 87 10.67 -6.33 9.12
N LYS C 88 9.68 -5.70 8.49
CA LYS C 88 8.33 -6.24 8.47
C LYS C 88 8.26 -7.51 7.65
N GLU C 89 9.04 -7.58 6.56
CA GLU C 89 9.13 -8.81 5.77
C GLU C 89 10.57 -9.10 5.35
N HIS C 90 11.56 -8.64 6.14
CA HIS C 90 12.99 -8.88 5.93
C HIS C 90 13.46 -8.38 4.57
N VAL C 91 13.08 -7.15 4.22
CA VAL C 91 13.38 -6.59 2.91
C VAL C 91 14.47 -5.53 3.06
N LEU C 92 15.51 -5.65 2.25
CA LEU C 92 16.55 -4.63 2.14
C LEU C 92 16.55 -4.12 0.71
N THR C 93 16.20 -2.85 0.53
CA THR C 93 16.16 -2.22 -0.79
C THR C 93 17.44 -1.41 -0.96
N THR C 94 18.24 -1.78 -1.97
CA THR C 94 19.46 -1.08 -2.33
C THR C 94 19.42 -0.69 -3.80
N ASN C 95 20.18 0.33 -4.15
CA ASN C 95 20.44 0.68 -5.55
C ASN C 95 21.87 0.28 -5.87
N GLY C 96 22.05 -0.57 -6.88
CA GLY C 96 23.35 -1.14 -7.13
C GLY C 96 23.63 -1.40 -8.58
N TRP C 97 24.92 -1.40 -8.91
CA TRP C 97 25.43 -1.76 -10.23
C TRP C 97 25.80 -3.24 -10.22
N ILE C 98 25.39 -3.96 -11.25
CA ILE C 98 25.69 -5.38 -11.38
C ILE C 98 26.59 -5.52 -12.60
N TYR C 99 27.91 -5.45 -12.39
CA TYR C 99 28.86 -5.49 -13.49
C TYR C 99 28.99 -6.91 -14.01
N HIS C 100 28.79 -7.08 -15.32
CA HIS C 100 28.99 -8.36 -15.99
C HIS C 100 30.14 -8.23 -16.99
N GLU C 101 30.89 -9.31 -17.15
CA GLU C 101 31.99 -9.33 -18.11
C GLU C 101 32.25 -10.76 -18.52
N TRP C 102 31.88 -11.11 -19.75
CA TRP C 102 32.12 -12.45 -20.27
C TRP C 102 32.80 -12.36 -21.63
N ASN C 103 33.68 -13.33 -21.88
CA ASN C 103 34.30 -13.43 -23.19
C ASN C 103 33.28 -13.95 -24.20
N ASP C 104 33.39 -13.46 -25.43
CA ASP C 104 32.52 -13.88 -26.51
C ASP C 104 33.36 -14.44 -27.64
N PHE C 105 32.79 -15.40 -28.37
CA PHE C 105 33.45 -16.04 -29.49
C PHE C 105 33.00 -15.52 -30.83
N GLN C 106 31.77 -15.03 -30.94
CA GLN C 106 31.21 -14.63 -32.22
C GLN C 106 31.30 -13.13 -32.48
N LEU C 107 31.46 -12.31 -31.44
CA LEU C 107 31.55 -10.86 -31.59
C LEU C 107 33.02 -10.49 -31.79
N LYS C 108 33.54 -10.82 -32.96
CA LYS C 108 34.93 -10.53 -33.31
C LYS C 108 34.98 -9.77 -34.62
N TRP C 109 35.77 -8.70 -34.64
CA TRP C 109 36.01 -7.96 -35.87
C TRP C 109 37.38 -7.29 -35.80
N ASN C 110 37.96 -7.08 -36.96
CA ASN C 110 39.22 -6.34 -37.05
C ASN C 110 38.91 -4.84 -37.14
N PRO C 111 39.50 -4.01 -36.29
CA PRO C 111 39.15 -2.58 -36.30
C PRO C 111 39.74 -1.80 -37.46
N SER C 112 40.87 -2.27 -38.00
CA SER C 112 41.66 -1.47 -38.93
C SER C 112 40.95 -1.29 -40.27
N ASP C 113 40.17 -2.27 -40.71
CA ASP C 113 39.38 -2.10 -41.92
C ASP C 113 38.00 -1.51 -41.63
N TYR C 114 37.70 -1.20 -40.38
CA TYR C 114 36.42 -0.58 -40.03
C TYR C 114 36.61 0.81 -39.43
N SER C 115 37.79 1.42 -39.64
CA SER C 115 38.15 2.77 -39.21
C SER C 115 37.99 2.93 -37.69
N GLY C 116 38.79 2.16 -36.96
CA GLY C 116 38.69 2.14 -35.51
C GLY C 116 37.46 1.41 -35.03
N LEU C 117 36.58 2.12 -34.32
CA LEU C 117 35.33 1.60 -33.76
C LEU C 117 35.59 0.40 -32.84
N LYS C 118 36.32 0.67 -31.76
CA LYS C 118 36.63 -0.36 -30.80
C LYS C 118 35.49 -0.64 -29.83
N LYS C 119 34.50 0.25 -29.73
CA LYS C 119 33.40 0.10 -28.80
C LYS C 119 32.09 0.26 -29.57
N ILE C 120 31.21 -0.73 -29.45
CA ILE C 120 29.88 -0.68 -30.05
C ILE C 120 28.86 -0.86 -28.94
N ARG C 121 27.80 -0.05 -28.97
CA ARG C 121 26.71 -0.16 -28.01
C ARG C 121 25.63 -1.06 -28.59
N ILE C 122 25.40 -2.20 -27.96
CA ILE C 122 24.47 -3.22 -28.44
C ILE C 122 23.42 -3.48 -27.36
N PRO C 123 22.13 -3.45 -27.69
CA PRO C 123 21.11 -3.77 -26.69
C PRO C 123 21.11 -5.25 -26.35
N VAL C 124 20.63 -5.56 -25.14
CA VAL C 124 20.65 -6.93 -24.67
C VAL C 124 19.57 -7.80 -25.28
N ASP C 125 18.62 -7.22 -26.00
CA ASP C 125 17.57 -8.01 -26.62
C ASP C 125 18.07 -8.76 -27.85
N ARG C 126 19.20 -8.33 -28.42
CA ARG C 126 19.76 -8.97 -29.61
C ARG C 126 21.13 -9.60 -29.32
N ILE C 127 21.45 -9.81 -28.04
CA ILE C 127 22.72 -10.41 -27.65
C ILE C 127 22.44 -11.46 -26.57
N TRP C 128 23.41 -12.36 -26.39
CA TRP C 128 23.31 -13.39 -25.37
C TRP C 128 23.37 -12.78 -23.97
N THR C 129 22.58 -13.34 -23.06
CA THR C 129 22.46 -12.79 -21.73
C THR C 129 22.51 -13.92 -20.70
N PRO C 130 23.38 -13.82 -19.70
CA PRO C 130 23.36 -14.79 -18.60
C PRO C 130 22.11 -14.61 -17.75
N ASP C 131 21.72 -15.69 -17.07
CA ASP C 131 20.51 -15.72 -16.26
C ASP C 131 20.81 -15.47 -14.79
N ILE C 132 21.76 -14.59 -14.50
CA ILE C 132 22.16 -14.32 -13.12
C ILE C 132 21.09 -13.48 -12.44
N VAL C 133 20.78 -13.80 -11.19
CA VAL C 133 19.65 -13.25 -10.48
C VAL C 133 19.96 -13.22 -8.99
N LEU C 134 19.16 -12.46 -8.23
CA LEU C 134 19.19 -12.55 -6.78
C LEU C 134 18.58 -13.88 -6.34
N PHE C 135 19.27 -14.57 -5.43
CA PHE C 135 18.70 -15.81 -4.88
C PHE C 135 17.56 -15.52 -3.92
N ASN C 136 17.52 -14.34 -3.32
CA ASN C 136 16.46 -13.94 -2.40
C ASN C 136 15.86 -12.64 -2.93
N ASN C 137 14.85 -12.76 -3.78
CA ASN C 137 14.19 -11.61 -4.38
C ASN C 137 12.82 -11.41 -3.76
N ALA C 138 12.48 -10.16 -3.43
CA ALA C 138 11.19 -9.84 -2.85
C ALA C 138 10.16 -9.38 -3.86
N ASP C 139 10.60 -8.86 -5.01
CA ASP C 139 9.67 -8.43 -6.04
C ASP C 139 9.06 -9.64 -6.76
N GLU C 140 7.89 -9.41 -7.34
CA GLU C 140 7.22 -10.47 -8.09
C GLU C 140 7.97 -10.79 -9.39
N SER C 141 8.53 -9.77 -10.03
CA SER C 141 9.33 -9.95 -11.22
C SER C 141 10.62 -9.16 -11.07
N TYR C 142 11.65 -9.61 -11.78
CA TYR C 142 12.97 -8.99 -11.67
C TYR C 142 13.00 -7.68 -12.45
N ARG C 143 13.39 -6.60 -11.78
CA ARG C 143 13.55 -5.30 -12.48
C ARG C 143 15.00 -5.08 -12.86
N TYR C 144 15.26 -4.26 -13.89
CA TYR C 144 16.65 -3.91 -14.26
C TYR C 144 16.65 -2.52 -14.88
N VAL C 145 16.48 -1.47 -14.06
CA VAL C 145 16.48 -0.06 -14.57
C VAL C 145 17.75 0.15 -15.40
N VAL C 146 17.62 0.57 -16.66
CA VAL C 146 18.79 0.88 -17.53
C VAL C 146 19.48 -0.42 -17.94
N ASP C 147 18.75 -1.31 -18.61
CA ASP C 147 19.30 -2.58 -19.04
C ASP C 147 19.19 -2.76 -20.55
N LYS C 148 18.92 -1.68 -21.28
CA LYS C 148 18.65 -1.76 -22.70
C LYS C 148 19.87 -1.49 -23.57
N LEU C 149 21.06 -1.43 -22.97
CA LEU C 149 22.26 -1.19 -23.74
C LEU C 149 23.46 -1.81 -23.03
N ALA C 150 24.43 -2.25 -23.83
CA ALA C 150 25.60 -2.95 -23.33
C ALA C 150 26.74 -2.79 -24.31
N VAL C 151 27.90 -2.39 -23.82
CA VAL C 151 29.03 -2.13 -24.71
C VAL C 151 29.72 -3.46 -25.04
N VAL C 152 30.31 -3.52 -26.24
CA VAL C 152 31.13 -4.64 -26.65
C VAL C 152 32.46 -4.11 -27.16
N TYR C 153 33.53 -4.85 -26.90
CA TYR C 153 34.87 -4.50 -27.36
C TYR C 153 35.24 -5.35 -28.56
N TYR C 154 36.39 -5.03 -29.15
CA TYR C 154 36.83 -5.70 -30.36
C TYR C 154 37.38 -7.10 -30.10
N THR C 155 37.61 -7.47 -28.84
CA THR C 155 38.08 -8.80 -28.49
C THR C 155 36.97 -9.69 -27.93
N GLY C 156 35.72 -9.27 -28.03
CA GLY C 156 34.62 -10.00 -27.43
C GLY C 156 34.63 -9.86 -25.92
N LYS C 157 34.43 -8.63 -25.46
CA LYS C 157 34.59 -8.27 -24.05
C LYS C 157 33.36 -7.48 -23.60
N VAL C 158 32.18 -8.08 -23.78
CA VAL C 158 30.91 -7.48 -23.41
C VAL C 158 30.91 -7.09 -21.93
N MET C 159 30.55 -5.84 -21.65
CA MET C 159 30.63 -5.24 -20.32
C MET C 159 29.28 -4.67 -19.92
N TRP C 160 28.24 -5.49 -20.02
CA TRP C 160 26.90 -5.07 -19.63
C TRP C 160 26.83 -4.71 -18.16
N VAL C 161 26.43 -3.48 -17.86
CA VAL C 161 26.31 -3.03 -16.49
C VAL C 161 24.89 -2.49 -16.29
N PRO C 162 23.95 -3.35 -15.89
CA PRO C 162 22.63 -2.86 -15.48
C PRO C 162 22.65 -2.34 -14.05
N HIS C 163 21.61 -1.60 -13.71
CA HIS C 163 21.43 -1.04 -12.38
C HIS C 163 20.07 -1.43 -11.84
N ALA C 164 20.03 -1.90 -10.61
CA ALA C 164 18.81 -2.48 -10.10
C ALA C 164 18.52 -1.98 -8.68
N ARG C 165 17.22 -1.94 -8.37
CA ARG C 165 16.75 -1.78 -7.00
C ARG C 165 16.60 -3.18 -6.42
N LEU C 166 17.70 -3.68 -5.86
CA LEU C 166 17.73 -5.03 -5.32
C LEU C 166 16.99 -5.09 -4.00
N ARG C 167 16.04 -6.01 -3.90
CA ARG C 167 15.26 -6.24 -2.69
C ARG C 167 15.68 -7.61 -2.14
N SER C 168 16.55 -7.60 -1.15
CA SER C 168 17.18 -8.80 -0.64
C SER C 168 16.64 -9.18 0.74
N PHE C 169 16.94 -10.41 1.13
CA PHE C 169 16.52 -10.97 2.42
C PHE C 169 17.74 -11.26 3.27
N CYS C 170 17.75 -10.72 4.49
CA CYS C 170 18.82 -10.99 5.44
C CYS C 170 18.22 -11.38 6.78
N VAL C 171 19.04 -12.07 7.57
CA VAL C 171 18.66 -12.48 8.92
C VAL C 171 19.11 -11.38 9.86
N LEU C 172 18.15 -10.66 10.44
CA LEU C 172 18.43 -9.56 11.34
C LEU C 172 18.46 -10.07 12.77
N ASP C 173 19.63 -10.02 13.40
CA ASP C 173 19.79 -10.38 14.80
C ASP C 173 19.33 -9.20 15.64
N LEU C 174 18.04 -9.19 15.98
CA LEU C 174 17.42 -8.06 16.67
C LEU C 174 17.58 -8.15 18.19
N SER C 175 18.47 -9.00 18.69
CA SER C 175 18.78 -8.99 20.11
C SER C 175 19.61 -7.77 20.51
N ARG C 176 20.29 -7.15 19.55
CA ARG C 176 21.04 -5.92 19.78
C ARG C 176 20.29 -4.68 19.31
N PHE C 177 18.99 -4.82 19.03
CA PHE C 177 18.19 -3.71 18.53
C PHE C 177 18.05 -2.62 19.60
N PRO C 178 18.24 -1.34 19.24
CA PRO C 178 18.48 -0.81 17.89
C PRO C 178 19.95 -0.73 17.47
N PHE C 179 20.88 -0.88 18.42
CA PHE C 179 22.30 -0.69 18.14
C PHE C 179 22.92 -1.98 17.61
N ASP C 180 22.50 -2.35 16.40
CA ASP C 180 22.86 -3.64 15.81
C ASP C 180 23.94 -3.46 14.76
N SER C 181 24.54 -4.60 14.41
CA SER C 181 25.55 -4.68 13.36
C SER C 181 25.28 -5.88 12.47
N GLN C 182 24.01 -6.12 12.15
CA GLN C 182 23.60 -7.28 11.38
C GLN C 182 23.94 -7.06 9.91
N MET C 183 24.85 -7.88 9.38
CA MET C 183 25.22 -7.80 7.99
C MET C 183 24.09 -8.35 7.10
N CYS C 184 24.10 -7.93 5.84
CA CYS C 184 23.20 -8.45 4.83
C CYS C 184 24.01 -9.11 3.73
N THR C 185 23.55 -10.28 3.29
CA THR C 185 24.22 -11.05 2.26
C THR C 185 23.36 -11.04 1.00
N LEU C 186 23.98 -10.69 -0.12
CA LEU C 186 23.32 -10.72 -1.42
C LEU C 186 23.98 -11.80 -2.27
N VAL C 187 23.15 -12.66 -2.86
CA VAL C 187 23.61 -13.85 -3.56
C VAL C 187 23.33 -13.65 -5.04
N PHE C 188 24.33 -13.93 -5.87
CA PHE C 188 24.20 -13.83 -7.32
C PHE C 188 24.63 -15.15 -7.93
N GLY C 189 23.73 -15.78 -8.68
CA GLY C 189 24.05 -17.05 -9.30
C GLY C 189 23.04 -17.36 -10.39
N SER C 190 23.30 -18.45 -11.10
CA SER C 190 22.44 -18.91 -12.18
C SER C 190 21.79 -20.21 -11.78
N TRP C 191 20.46 -20.26 -11.83
CA TRP C 191 19.71 -21.47 -11.55
C TRP C 191 19.60 -22.38 -12.76
N THR C 192 19.85 -21.87 -13.96
CA THR C 192 19.55 -22.60 -15.20
C THR C 192 20.72 -23.47 -15.63
N HIS C 193 21.86 -22.85 -15.91
CA HIS C 193 23.06 -23.58 -16.28
C HIS C 193 24.03 -23.65 -15.11
N ASP C 194 24.98 -24.55 -15.22
CA ASP C 194 25.85 -24.94 -14.11
C ASP C 194 27.30 -24.73 -14.51
N VAL C 195 28.21 -25.31 -13.71
CA VAL C 195 29.64 -25.13 -13.90
C VAL C 195 30.14 -25.79 -15.20
N SER C 196 29.35 -26.67 -15.80
CA SER C 196 29.69 -27.21 -17.10
C SER C 196 29.46 -26.21 -18.24
N SER C 197 28.72 -25.13 -17.99
CA SER C 197 28.45 -24.13 -19.01
C SER C 197 29.13 -22.80 -18.72
N VAL C 198 28.86 -22.19 -17.56
CA VAL C 198 29.47 -20.92 -17.18
C VAL C 198 30.27 -21.14 -15.91
N ASN C 199 31.15 -20.18 -15.61
CA ASN C 199 31.97 -20.20 -14.39
C ASN C 199 31.88 -18.81 -13.79
N VAL C 200 30.92 -18.61 -12.88
CA VAL C 200 30.69 -17.31 -12.27
C VAL C 200 31.79 -17.00 -11.27
N THR C 201 32.72 -16.14 -11.66
CA THR C 201 33.90 -15.83 -10.87
C THR C 201 33.91 -14.36 -10.47
N LEU C 202 34.88 -14.02 -9.63
CA LEU C 202 35.05 -12.66 -9.18
C LEU C 202 35.67 -11.80 -10.28
N ARG C 203 35.62 -10.49 -10.07
CA ARG C 203 36.37 -9.57 -10.93
C ARG C 203 37.86 -9.74 -10.66
N ASN C 204 38.66 -9.55 -11.71
CA ASN C 204 40.12 -9.59 -11.55
C ASN C 204 40.60 -8.45 -10.68
N GLN C 205 40.05 -7.25 -10.87
CA GLN C 205 40.30 -6.12 -10.01
C GLN C 205 39.11 -5.95 -9.08
N SER C 206 39.31 -6.24 -7.79
CA SER C 206 38.25 -6.25 -6.79
C SER C 206 38.29 -5.02 -5.90
N LYS C 207 38.60 -3.86 -6.49
CA LYS C 207 38.67 -2.60 -5.73
C LYS C 207 37.24 -2.08 -5.50
N VAL C 208 36.56 -2.72 -4.55
CA VAL C 208 35.20 -2.34 -4.17
C VAL C 208 35.12 -2.16 -2.66
N GLN C 209 36.23 -1.77 -2.04
CA GLN C 209 36.29 -1.59 -0.59
C GLN C 209 35.92 -0.15 -0.21
N TYR C 210 34.70 0.24 -0.56
CA TYR C 210 34.23 1.59 -0.31
C TYR C 210 33.54 1.66 1.05
N MET C 211 32.99 2.83 1.38
CA MET C 211 32.22 3.03 2.60
C MET C 211 31.19 4.13 2.30
N ILE C 212 29.95 3.73 2.05
CA ILE C 212 28.89 4.67 1.69
C ILE C 212 28.30 5.18 2.99
N ASP C 213 28.85 6.28 3.49
CA ASP C 213 28.39 6.89 4.74
C ASP C 213 27.11 7.66 4.47
N GLY C 214 25.97 7.11 4.90
CA GLY C 214 24.69 7.73 4.72
C GLY C 214 24.20 8.40 5.99
N LYS C 215 23.05 9.07 5.85
CA LYS C 215 22.43 9.77 6.97
C LYS C 215 21.62 8.85 7.88
N GLU C 216 21.39 7.61 7.45
CA GLU C 216 20.62 6.65 8.23
C GLU C 216 21.42 5.45 8.70
N TRP C 217 22.38 4.98 7.90
CA TRP C 217 23.19 3.83 8.25
C TRP C 217 24.64 4.10 7.90
N GLN C 218 25.53 3.34 8.53
CA GLN C 218 26.92 3.26 8.10
C GLN C 218 27.10 1.95 7.33
N VAL C 219 27.54 2.06 6.08
CA VAL C 219 27.65 0.94 5.17
C VAL C 219 29.11 0.50 5.10
N THR C 220 29.36 -0.76 5.43
CA THR C 220 30.69 -1.35 5.33
C THR C 220 30.64 -2.44 4.28
N SER C 221 31.33 -2.23 3.17
CA SER C 221 31.39 -3.24 2.12
C SER C 221 32.32 -4.37 2.52
N VAL C 222 31.95 -5.59 2.15
CA VAL C 222 32.75 -6.78 2.39
C VAL C 222 33.23 -7.28 1.04
N GLN C 223 34.48 -7.72 0.97
CA GLN C 223 35.06 -8.28 -0.23
C GLN C 223 34.30 -9.55 -0.62
N PRO C 224 33.77 -9.65 -1.83
CA PRO C 224 32.87 -10.76 -2.16
C PRO C 224 33.60 -12.08 -2.28
N LYS C 225 32.88 -13.16 -1.98
CA LYS C 225 33.40 -14.51 -2.04
C LYS C 225 32.58 -15.34 -3.01
N ARG C 226 33.11 -16.50 -3.37
CA ARG C 226 32.48 -17.41 -4.30
C ARG C 226 32.24 -18.75 -3.63
N TYR C 227 31.01 -19.25 -3.70
CA TYR C 227 30.67 -20.55 -3.14
C TYR C 227 29.91 -21.36 -4.19
N GLN C 228 30.08 -22.67 -4.14
CA GLN C 228 29.47 -23.58 -5.11
C GLN C 228 28.23 -24.20 -4.49
N TRP C 229 27.08 -23.57 -4.74
CA TRP C 229 25.81 -24.14 -4.31
C TRP C 229 25.48 -25.37 -5.16
N THR C 230 25.03 -26.43 -4.50
CA THR C 230 24.76 -27.70 -5.16
C THR C 230 23.25 -27.94 -5.20
N TYR C 231 22.72 -28.12 -6.41
CA TYR C 231 21.32 -28.49 -6.55
C TYR C 231 21.10 -29.94 -6.13
N ASN C 232 22.04 -30.82 -6.45
CA ASN C 232 21.98 -32.22 -6.05
C ASN C 232 23.41 -32.73 -5.91
N SER C 233 23.55 -34.05 -5.75
CA SER C 233 24.88 -34.63 -5.57
C SER C 233 25.65 -34.67 -6.88
N ASN C 234 24.98 -35.02 -7.98
CA ASN C 234 25.67 -35.21 -9.25
C ASN C 234 26.07 -33.90 -9.90
N GLU C 235 25.22 -32.88 -9.80
CA GLU C 235 25.44 -31.60 -10.48
C GLU C 235 25.78 -30.52 -9.47
N ASN C 236 26.70 -29.63 -9.85
CA ASN C 236 27.13 -28.53 -9.00
C ASN C 236 27.03 -27.22 -9.78
N TYR C 237 26.69 -26.16 -9.06
CA TYR C 237 26.48 -24.84 -9.64
C TYR C 237 27.45 -23.84 -9.00
N ALA C 238 27.27 -22.56 -9.33
CA ALA C 238 28.15 -21.51 -8.85
C ALA C 238 27.32 -20.37 -8.26
N GLY C 239 27.95 -19.61 -7.36
CA GLY C 239 27.29 -18.48 -6.73
C GLY C 239 28.30 -17.54 -6.12
N ILE C 240 27.91 -16.27 -6.01
CA ILE C 240 28.76 -15.21 -5.48
C ILE C 240 28.02 -14.53 -4.33
N ILE C 241 28.67 -14.47 -3.16
CA ILE C 241 28.14 -13.80 -1.99
C ILE C 241 28.83 -12.46 -1.85
N THR C 242 28.05 -11.40 -1.73
CA THR C 242 28.58 -10.09 -1.36
C THR C 242 27.93 -9.62 -0.07
N GLY C 243 28.71 -8.93 0.74
CA GLY C 243 28.27 -8.56 2.09
C GLY C 243 28.24 -7.06 2.29
N ILE C 244 27.16 -6.60 2.91
CA ILE C 244 26.99 -5.18 3.24
C ILE C 244 26.63 -5.12 4.73
N LYS C 245 27.56 -4.65 5.55
CA LYS C 245 27.33 -4.52 6.99
C LYS C 245 26.70 -3.16 7.27
N LEU C 246 25.62 -3.17 8.05
CA LEU C 246 24.88 -1.96 8.38
C LEU C 246 25.07 -1.64 9.85
N LYS C 247 25.56 -0.43 10.14
CA LYS C 247 25.70 0.05 11.50
C LYS C 247 24.67 1.14 11.75
N ARG C 248 23.88 0.97 12.80
CA ARG C 248 22.87 1.96 13.16
C ARG C 248 23.54 3.15 13.84
N THR C 249 23.21 4.35 13.37
CA THR C 249 23.75 5.57 13.97
C THR C 249 22.70 6.65 14.20
N SER C 250 21.45 6.42 13.80
CA SER C 250 20.41 7.42 13.96
C SER C 250 19.97 7.52 15.42
N ILE C 251 19.49 8.70 15.80
CA ILE C 251 18.97 8.92 17.14
C ILE C 251 17.43 8.90 17.15
N TYR C 252 16.82 8.23 16.16
CA TYR C 252 15.37 8.12 16.12
C TYR C 252 14.87 7.19 17.22
N TYR C 253 15.43 5.98 17.30
CA TYR C 253 14.95 4.99 18.26
C TYR C 253 15.37 5.31 19.69
N GLN C 254 16.39 6.14 19.87
CA GLN C 254 16.71 6.67 21.18
C GLN C 254 15.76 7.78 21.62
N TYR C 255 14.97 8.31 20.70
CA TYR C 255 14.00 9.35 20.99
C TYR C 255 12.59 8.83 21.16
N VAL C 256 12.16 7.87 20.32
CA VAL C 256 10.80 7.38 20.41
C VAL C 256 10.63 6.24 21.41
N PHE C 257 11.70 5.55 21.78
CA PHE C 257 11.59 4.39 22.66
C PHE C 257 12.40 4.51 23.93
N ILE C 258 13.70 4.82 23.83
CA ILE C 258 14.60 4.72 24.97
C ILE C 258 14.32 5.82 25.98
N MET C 259 14.17 7.06 25.51
CA MET C 259 13.93 8.18 26.44
C MET C 259 12.58 8.11 27.15
N PRO C 260 11.42 7.85 26.50
CA PRO C 260 10.20 7.69 27.30
C PRO C 260 10.21 6.49 28.23
N THR C 261 10.86 5.39 27.85
CA THR C 261 10.92 4.23 28.74
C THR C 261 11.79 4.50 29.96
N VAL C 262 12.93 5.18 29.77
CA VAL C 262 13.77 5.50 30.92
C VAL C 262 13.12 6.59 31.77
N LEU C 263 12.29 7.44 31.17
CA LEU C 263 11.59 8.44 31.97
C LEU C 263 10.46 7.80 32.78
N LEU C 264 9.79 6.80 32.22
CA LEU C 264 8.78 6.08 32.98
C LEU C 264 9.42 5.24 34.07
N ALA C 265 10.62 4.70 33.82
CA ALA C 265 11.37 4.00 34.86
C ALA C 265 11.77 4.95 35.98
N PHE C 266 12.17 6.17 35.62
CA PHE C 266 12.48 7.20 36.62
C PHE C 266 11.23 7.58 37.42
N LEU C 267 10.08 7.65 36.76
CA LEU C 267 8.83 7.94 37.45
C LEU C 267 8.43 6.84 38.41
N THR C 268 8.61 5.57 38.01
CA THR C 268 8.32 4.47 38.92
C THR C 268 9.32 4.40 40.06
N LEU C 269 10.56 4.81 39.81
CA LEU C 269 11.55 4.92 40.88
C LEU C 269 11.14 5.98 41.89
N LEU C 270 10.57 7.09 41.40
CA LEU C 270 10.09 8.14 42.29
C LEU C 270 8.71 7.87 42.86
N MET C 271 8.03 6.81 42.39
CA MET C 271 6.67 6.52 42.86
C MET C 271 6.53 6.23 44.36
N PRO C 272 7.28 5.33 45.00
CA PRO C 272 6.87 4.88 46.34
C PRO C 272 7.10 5.88 47.46
N PHE C 273 7.56 7.09 47.19
CA PHE C 273 7.71 8.09 48.25
C PHE C 273 6.38 8.70 48.68
N ILE C 274 5.35 8.61 47.86
CA ILE C 274 4.04 9.20 48.18
C ILE C 274 3.39 8.40 49.30
N PRO C 275 2.86 9.05 50.33
CA PRO C 275 2.16 8.30 51.38
C PRO C 275 0.87 7.71 50.84
N PRO C 276 0.44 6.56 51.35
CA PRO C 276 -0.79 5.93 50.84
C PRO C 276 -2.06 6.66 51.23
N LEU C 277 -2.02 7.50 52.27
CA LEU C 277 -3.21 8.21 52.71
C LEU C 277 -3.53 9.42 51.83
N GLY C 278 -2.64 9.79 50.91
CA GLY C 278 -2.88 10.91 50.03
C GLY C 278 -3.82 10.64 48.88
N LYS C 279 -4.25 9.39 48.72
CA LYS C 279 -5.24 8.96 47.72
C LYS C 279 -4.78 9.26 46.29
N GLU C 280 -3.46 9.27 46.06
CA GLU C 280 -2.91 9.53 44.75
C GLU C 280 -1.88 8.50 44.31
N ARG C 281 -1.46 7.60 45.20
CA ARG C 281 -0.48 6.58 44.85
C ARG C 281 -1.07 5.55 43.88
N ILE C 282 -2.31 5.13 44.12
CA ILE C 282 -2.98 4.20 43.23
C ILE C 282 -3.31 4.88 41.90
N THR C 283 -3.67 6.16 41.94
CA THR C 283 -3.89 6.93 40.72
C THR C 283 -2.59 7.08 39.93
N TYR C 284 -1.51 7.26 40.65
CA TYR C 284 -0.24 7.34 39.90
C TYR C 284 -0.06 5.99 39.24
N GLY C 285 -0.09 4.93 40.04
CA GLY C 285 0.20 3.62 39.49
C GLY C 285 -0.63 3.28 38.27
N ILE C 286 -1.92 3.63 38.29
CA ILE C 286 -2.76 3.32 37.14
C ILE C 286 -2.44 4.26 35.98
N GLY C 287 -1.99 5.49 36.27
CA GLY C 287 -1.50 6.35 35.21
C GLY C 287 -0.21 5.83 34.60
N LEU C 288 0.65 5.23 35.44
CA LEU C 288 1.84 4.56 34.92
C LEU C 288 1.46 3.36 34.06
N VAL C 289 0.39 2.63 34.44
CA VAL C 289 -0.11 1.52 33.63
C VAL C 289 -0.57 2.02 32.27
N LEU C 290 -1.31 3.14 32.25
CA LEU C 290 -1.78 3.71 30.99
C LEU C 290 -0.62 4.22 30.12
N GLY C 291 0.38 4.85 30.74
CA GLY C 291 1.53 5.32 29.97
C GLY C 291 2.36 4.18 29.41
N CYS C 292 2.57 3.13 30.20
CA CYS C 292 3.29 1.96 29.70
C CYS C 292 2.48 1.22 28.65
N THR C 293 1.15 1.27 28.73
CA THR C 293 0.31 0.67 27.69
C THR C 293 0.42 1.46 26.38
N LEU C 294 0.50 2.79 26.46
CA LEU C 294 0.73 3.59 25.26
C LEU C 294 2.11 3.33 24.68
N LEU C 295 3.11 3.13 25.53
CA LEU C 295 4.43 2.75 25.07
C LEU C 295 4.42 1.38 24.37
N LEU C 296 3.65 0.43 24.92
CA LEU C 296 3.47 -0.86 24.26
C LEU C 296 2.74 -0.72 22.94
N MET C 297 1.80 0.21 22.85
CA MET C 297 1.09 0.46 21.60
C MET C 297 2.03 0.99 20.52
N MET C 298 2.91 1.93 20.89
CA MET C 298 3.92 2.42 19.96
C MET C 298 4.89 1.33 19.54
N LEU C 299 5.33 0.50 20.51
CA LEU C 299 6.26 -0.57 20.21
C LEU C 299 5.63 -1.65 19.33
N SER C 300 4.38 -2.01 19.58
CA SER C 300 3.70 -3.02 18.79
C SER C 300 3.38 -2.53 17.39
N ASP C 301 3.09 -1.23 17.25
CA ASP C 301 2.89 -0.69 15.91
C ASP C 301 4.21 -0.49 15.17
N ARG C 302 5.33 -0.38 15.89
CA ARG C 302 6.60 -0.19 15.20
C ARG C 302 7.39 -1.49 15.02
N MET C 303 7.61 -2.24 16.11
CA MET C 303 8.43 -3.44 16.03
C MET C 303 7.69 -4.56 15.31
N PRO C 304 8.29 -5.18 14.28
CA PRO C 304 7.53 -6.11 13.43
C PRO C 304 7.24 -7.46 14.08
N THR C 305 6.58 -8.33 13.33
CA THR C 305 6.22 -9.66 13.82
C THR C 305 7.40 -10.62 13.85
N GLU C 306 8.43 -10.35 13.05
CA GLU C 306 9.62 -11.21 13.04
C GLU C 306 10.45 -11.01 14.30
N LEU C 307 10.43 -12.00 15.18
CA LEU C 307 11.27 -12.01 16.38
C LEU C 307 12.04 -13.33 16.41
N GLY C 308 13.37 -13.23 16.47
CA GLY C 308 14.18 -14.38 16.79
C GLY C 308 14.54 -14.33 18.27
N ASN C 309 14.83 -13.13 18.74
CA ASN C 309 15.07 -12.86 20.14
C ASN C 309 14.31 -11.59 20.53
N VAL C 310 13.97 -11.49 21.80
CA VAL C 310 13.24 -10.31 22.31
C VAL C 310 14.18 -9.10 22.31
N PRO C 311 13.75 -7.95 21.79
CA PRO C 311 14.59 -6.75 21.85
C PRO C 311 14.77 -6.26 23.28
N VAL C 312 15.92 -5.61 23.51
CA VAL C 312 16.26 -5.16 24.86
C VAL C 312 15.38 -3.98 25.28
N VAL C 313 14.91 -3.17 24.33
CA VAL C 313 13.96 -2.11 24.65
C VAL C 313 12.61 -2.72 25.03
N ALA C 314 12.21 -3.80 24.36
CA ALA C 314 11.01 -4.54 24.73
C ALA C 314 11.15 -5.19 26.10
N ALA C 315 12.36 -5.68 26.42
CA ALA C 315 12.61 -6.26 27.74
C ALA C 315 12.55 -5.19 28.82
N TYR C 316 12.84 -3.92 28.46
CA TYR C 316 12.85 -2.84 29.47
C TYR C 316 11.43 -2.36 29.65
N LEU C 317 10.64 -2.39 28.58
CA LEU C 317 9.29 -1.86 28.79
C LEU C 317 8.71 -2.91 29.69
N ALA C 318 9.20 -4.12 29.49
CA ALA C 318 8.61 -5.19 30.28
C ALA C 318 8.96 -4.97 31.73
N TYR C 319 10.20 -4.57 31.97
CA TYR C 319 10.59 -4.27 33.36
C TYR C 319 9.70 -3.14 33.92
N VAL C 320 9.54 -2.02 33.22
CA VAL C 320 8.76 -0.93 33.87
C VAL C 320 7.36 -1.49 34.15
N PHE C 321 6.88 -2.41 33.33
CA PHE C 321 5.56 -2.98 33.67
C PHE C 321 5.68 -3.79 34.95
N VAL C 322 6.41 -4.90 34.92
CA VAL C 322 6.42 -5.78 36.12
C VAL C 322 6.75 -4.92 37.34
N MET C 323 7.39 -3.79 37.08
CA MET C 323 7.72 -2.86 38.15
C MET C 323 6.49 -2.12 38.66
N VAL C 324 5.66 -1.61 37.74
CA VAL C 324 4.42 -0.94 38.13
C VAL C 324 3.49 -1.92 38.82
N ALA C 325 3.46 -3.18 38.35
CA ALA C 325 2.65 -4.20 39.01
C ALA C 325 3.09 -4.46 40.44
N ILE C 326 4.42 -4.56 40.66
CA ILE C 326 4.93 -4.87 41.98
C ILE C 326 4.71 -3.69 42.94
N ASN C 327 4.98 -2.46 42.49
CA ASN C 327 4.75 -1.34 43.40
C ASN C 327 3.26 -1.04 43.58
N LEU C 328 2.40 -1.41 42.62
CA LEU C 328 0.96 -1.27 42.84
C LEU C 328 0.48 -2.29 43.87
N LEU C 329 1.02 -3.51 43.83
CA LEU C 329 0.72 -4.48 44.88
C LEU C 329 1.16 -4.01 46.26
N PHE C 330 2.36 -3.44 46.34
CA PHE C 330 2.85 -2.95 47.62
C PHE C 330 2.08 -1.72 48.09
N ALA C 331 1.62 -0.87 47.15
CA ALA C 331 0.83 0.29 47.52
C ALA C 331 -0.56 -0.12 48.03
N ILE C 332 -1.17 -1.11 47.38
CA ILE C 332 -2.46 -1.62 47.85
C ILE C 332 -2.33 -2.26 49.22
N MET C 333 -1.26 -3.04 49.44
CA MET C 333 -1.04 -3.63 50.76
C MET C 333 -0.71 -2.58 51.81
N ALA C 334 -0.03 -1.51 51.43
CA ALA C 334 0.25 -0.43 52.38
C ALA C 334 -1.02 0.33 52.76
N ILE C 335 -1.89 0.60 51.79
CA ILE C 335 -3.13 1.32 52.11
C ILE C 335 -4.12 0.40 52.82
N ASN C 336 -3.98 -0.92 52.68
CA ASN C 336 -4.79 -1.82 53.49
C ASN C 336 -4.24 -1.95 54.91
N MET C 337 -2.92 -1.89 55.08
CA MET C 337 -2.33 -1.93 56.41
C MET C 337 -2.57 -0.63 57.16
N SER C 338 -2.67 0.49 56.44
CA SER C 338 -2.87 1.78 57.08
C SER C 338 -4.27 1.92 57.68
N MET C 339 -5.27 1.28 57.08
CA MET C 339 -6.64 1.36 57.59
C MET C 339 -6.81 0.48 58.82
N GLN C 446 0.77 -0.10 63.44
CA GLN C 446 2.00 0.67 63.47
C GLN C 446 2.33 1.21 62.08
N GLN C 447 3.12 2.30 62.05
CA GLN C 447 3.52 2.93 60.79
C GLN C 447 4.85 2.35 60.33
N LEU C 448 4.81 1.05 60.02
CA LEU C 448 5.98 0.34 59.53
C LEU C 448 6.17 0.48 58.03
N THR C 449 5.22 1.09 57.33
CA THR C 449 5.25 1.13 55.87
C THR C 449 6.33 2.04 55.33
N ARG C 450 6.84 2.99 56.12
CA ARG C 450 7.87 3.89 55.64
C ARG C 450 9.20 3.16 55.42
N VAL C 451 9.57 2.29 56.37
CA VAL C 451 10.80 1.51 56.23
C VAL C 451 10.68 0.51 55.09
N ILE C 452 9.50 -0.08 54.93
CA ILE C 452 9.25 -1.01 53.83
C ILE C 452 9.36 -0.31 52.49
N ASP C 453 8.79 0.91 52.39
CA ASP C 453 8.89 1.67 51.16
C ASP C 453 10.32 2.13 50.88
N ARG C 454 11.09 2.44 51.94
CA ARG C 454 12.47 2.86 51.74
C ARG C 454 13.35 1.70 51.27
N LEU C 455 13.19 0.52 51.86
CA LEU C 455 13.97 -0.63 51.40
C LEU C 455 13.52 -1.09 50.02
N LEU C 456 12.23 -0.97 49.70
CA LEU C 456 11.74 -1.24 48.37
C LEU C 456 12.30 -0.25 47.35
N PHE C 457 12.41 1.02 47.74
CA PHE C 457 13.01 2.04 46.87
C PHE C 457 14.49 1.77 46.64
N GLY C 458 15.21 1.32 47.67
CA GLY C 458 16.61 1.00 47.50
C GLY C 458 16.84 -0.22 46.62
N SER C 459 16.01 -1.26 46.80
CA SER C 459 16.09 -2.44 45.95
C SER C 459 15.75 -2.10 44.49
N PHE C 460 14.74 -1.27 44.28
CA PHE C 460 14.41 -0.84 42.93
C PHE C 460 15.48 0.07 42.35
N LEU C 461 16.16 0.85 43.20
CA LEU C 461 17.25 1.70 42.74
C LEU C 461 18.42 0.87 42.22
N VAL C 462 18.83 -0.14 43.00
CA VAL C 462 19.97 -0.95 42.58
C VAL C 462 19.59 -1.85 41.39
N LEU C 463 18.33 -2.30 41.32
CA LEU C 463 17.91 -3.10 40.18
C LEU C 463 17.82 -2.28 38.90
N THR C 464 17.30 -1.05 39.01
CA THR C 464 17.22 -0.17 37.84
C THR C 464 18.61 0.26 37.37
N VAL C 465 19.53 0.52 38.30
CA VAL C 465 20.85 0.95 37.87
C VAL C 465 21.64 -0.22 37.27
N VAL C 466 21.44 -1.45 37.76
CA VAL C 466 22.16 -2.56 37.14
C VAL C 466 21.52 -2.91 35.78
N ILE C 467 20.21 -2.70 35.62
CA ILE C 467 19.59 -2.91 34.31
C ILE C 467 20.03 -1.85 33.31
N THR C 468 20.15 -0.59 33.74
CA THR C 468 20.61 0.45 32.83
C THR C 468 22.09 0.32 32.48
N ILE C 469 22.93 -0.15 33.40
CA ILE C 469 24.31 -0.38 33.00
C ILE C 469 24.48 -1.68 32.22
N SER C 470 23.52 -2.61 32.30
CA SER C 470 23.52 -3.73 31.36
C SER C 470 23.11 -3.25 29.97
N MET C 471 22.18 -2.29 29.90
CA MET C 471 21.76 -1.73 28.62
C MET C 471 22.85 -0.87 28.00
N TYR C 472 23.61 -0.15 28.82
CA TYR C 472 24.58 0.83 28.34
C TYR C 472 25.81 0.20 27.70
N ALA C 473 25.99 -1.12 27.81
CA ALA C 473 27.11 -1.80 27.16
C ALA C 473 26.98 -1.79 25.64
N HIS C 474 25.76 -1.64 25.11
CA HIS C 474 25.58 -1.51 23.67
C HIS C 474 26.12 -0.17 23.17
N TYR C 475 25.82 0.91 23.88
CA TYR C 475 26.21 2.25 23.46
C TYR C 475 27.25 2.84 24.41
N ALA D 44 28.90 -23.30 -36.18
CA ALA D 44 28.91 -23.70 -34.77
C ALA D 44 28.33 -25.10 -34.61
N ASP D 45 28.36 -25.60 -33.37
CA ASP D 45 27.83 -26.92 -33.06
C ASP D 45 26.42 -26.85 -32.46
N GLU D 46 26.22 -25.96 -31.49
CA GLU D 46 24.89 -25.80 -30.90
C GLU D 46 23.92 -25.13 -31.87
N LYS D 47 24.43 -24.20 -32.68
CA LYS D 47 23.57 -23.51 -33.66
C LYS D 47 23.11 -24.46 -34.76
N ARG D 48 23.97 -25.41 -35.15
CA ARG D 48 23.60 -26.39 -36.18
C ARG D 48 22.48 -27.28 -35.70
N LEU D 49 22.52 -27.73 -34.45
CA LEU D 49 21.45 -28.56 -33.92
C LEU D 49 20.20 -27.73 -33.64
N LEU D 50 20.37 -26.49 -33.19
CA LEU D 50 19.23 -25.63 -32.91
C LEU D 50 18.50 -25.20 -34.17
N LYS D 51 19.20 -25.10 -35.30
CA LYS D 51 18.56 -24.79 -36.57
C LYS D 51 17.83 -25.98 -37.19
N CYS D 52 17.97 -27.18 -36.62
CA CYS D 52 17.32 -28.37 -37.14
C CYS D 52 16.45 -29.05 -36.09
N ILE D 53 15.99 -28.32 -35.09
CA ILE D 53 15.11 -28.88 -34.07
C ILE D 53 13.84 -28.06 -33.86
N LEU D 54 13.79 -26.81 -34.29
CA LEU D 54 12.60 -25.97 -34.19
C LEU D 54 12.15 -25.52 -35.57
N HIS D 55 12.17 -26.44 -36.54
CA HIS D 55 11.82 -26.10 -37.91
C HIS D 55 10.32 -25.86 -38.06
N ASP D 56 9.51 -26.68 -37.41
CA ASP D 56 8.05 -26.56 -37.45
C ASP D 56 7.47 -26.72 -36.05
N TYR D 57 8.07 -26.05 -35.08
CA TYR D 57 7.66 -26.15 -33.69
C TYR D 57 6.82 -24.94 -33.33
N ASP D 58 5.59 -25.18 -32.89
CA ASP D 58 4.74 -24.13 -32.37
C ASP D 58 4.65 -24.24 -30.85
N THR D 59 4.25 -23.13 -30.21
CA THR D 59 4.11 -23.07 -28.77
C THR D 59 2.73 -23.52 -28.28
N ALA D 60 2.00 -24.28 -29.10
CA ALA D 60 0.67 -24.73 -28.73
C ALA D 60 0.40 -26.19 -29.07
N ILE D 61 1.22 -26.83 -29.89
CA ILE D 61 1.01 -28.22 -30.26
C ILE D 61 1.45 -29.11 -29.11
N ARG D 62 0.56 -29.97 -28.64
CA ARG D 62 0.90 -30.89 -27.57
C ARG D 62 1.81 -31.99 -28.13
N PRO D 63 3.00 -32.18 -27.58
CA PRO D 63 3.95 -33.15 -28.15
C PRO D 63 3.55 -34.58 -27.83
N VAL D 64 3.04 -35.29 -28.84
CA VAL D 64 2.61 -36.67 -28.68
C VAL D 64 2.64 -37.31 -30.06
N GLN D 65 2.70 -38.64 -30.09
CA GLN D 65 2.68 -39.39 -31.35
C GLN D 65 1.26 -39.79 -31.72
N ASN D 66 0.59 -40.54 -30.83
CA ASN D 66 -0.79 -40.92 -31.02
C ASN D 66 -1.69 -39.96 -30.25
N VAL D 67 -2.86 -39.65 -30.83
CA VAL D 67 -3.76 -38.67 -30.25
C VAL D 67 -4.36 -39.19 -28.94
N SER D 68 -4.72 -40.48 -28.90
CA SER D 68 -5.28 -41.06 -27.68
C SER D 68 -4.25 -41.20 -26.57
N ASP D 69 -2.96 -41.20 -26.91
CA ASP D 69 -1.91 -41.29 -25.90
C ASP D 69 -1.80 -39.96 -25.14
N VAL D 70 -1.34 -40.05 -23.90
CA VAL D 70 -1.20 -38.87 -23.05
C VAL D 70 0.27 -38.65 -22.74
N VAL D 71 0.59 -37.55 -22.05
CA VAL D 71 1.96 -37.24 -21.64
C VAL D 71 2.01 -37.22 -20.13
N ASN D 72 3.00 -37.91 -19.56
CA ASN D 72 3.15 -38.00 -18.11
C ASN D 72 3.98 -36.80 -17.63
N VAL D 73 3.29 -35.68 -17.45
CA VAL D 73 3.92 -34.45 -16.98
C VAL D 73 4.10 -34.59 -15.47
N ALA D 74 5.32 -34.89 -15.04
CA ALA D 74 5.60 -35.00 -13.62
C ALA D 74 5.73 -33.61 -13.00
N LEU D 75 5.70 -33.57 -11.67
CA LEU D 75 5.74 -32.31 -10.96
C LEU D 75 6.33 -32.53 -9.58
N GLU D 76 6.99 -31.49 -9.07
CA GLU D 76 7.48 -31.48 -7.69
C GLU D 76 7.49 -30.04 -7.20
N VAL D 77 7.13 -29.85 -5.93
CA VAL D 77 7.13 -28.54 -5.29
C VAL D 77 8.16 -28.56 -4.18
N THR D 78 9.01 -27.53 -4.15
CA THR D 78 10.03 -27.44 -3.10
C THR D 78 10.06 -26.00 -2.57
N VAL D 79 9.45 -25.79 -1.41
CA VAL D 79 9.49 -24.49 -0.76
C VAL D 79 10.85 -24.33 -0.10
N VAL D 80 11.57 -23.27 -0.46
CA VAL D 80 12.93 -23.10 0.04
C VAL D 80 12.92 -22.08 1.17
N LYS D 81 11.95 -21.17 1.16
CA LYS D 81 11.88 -20.11 2.17
C LYS D 81 10.46 -19.57 2.20
N VAL D 82 9.78 -19.71 3.34
CA VAL D 82 8.47 -19.12 3.53
C VAL D 82 8.65 -17.65 3.86
N ILE D 83 8.12 -16.78 3.01
CA ILE D 83 8.32 -15.34 3.19
C ILE D 83 7.42 -14.81 4.30
N ASP D 84 6.11 -14.96 4.15
CA ASP D 84 5.20 -14.38 5.14
C ASP D 84 3.88 -15.13 5.14
N LEU D 85 3.11 -14.92 6.20
CA LEU D 85 1.73 -15.41 6.30
C LEU D 85 0.90 -14.30 6.93
N ASP D 86 0.07 -13.65 6.12
CA ASP D 86 -0.81 -12.60 6.60
C ASP D 86 -2.24 -13.10 6.55
N GLU D 87 -2.94 -12.99 7.68
CA GLU D 87 -4.32 -13.44 7.78
C GLU D 87 -5.34 -12.36 7.47
N LYS D 88 -4.87 -11.19 7.00
CA LYS D 88 -5.79 -10.12 6.63
C LYS D 88 -6.60 -10.50 5.39
N GLU D 89 -5.99 -11.24 4.46
CA GLU D 89 -6.72 -11.75 3.30
C GLU D 89 -6.32 -13.19 2.99
N HIS D 90 -5.91 -13.95 4.01
CA HIS D 90 -5.55 -15.38 3.91
C HIS D 90 -4.45 -15.63 2.88
N VAL D 91 -3.38 -14.84 2.95
CA VAL D 91 -2.31 -14.89 1.98
C VAL D 91 -1.09 -15.53 2.63
N LEU D 92 -0.52 -16.54 1.97
CA LEU D 92 0.74 -17.15 2.35
C LEU D 92 1.72 -16.95 1.21
N THR D 93 2.77 -16.17 1.45
CA THR D 93 3.79 -15.90 0.45
C THR D 93 5.00 -16.80 0.74
N THR D 94 5.32 -17.66 -0.22
CA THR D 94 6.47 -18.55 -0.15
C THR D 94 7.34 -18.35 -1.38
N ASN D 95 8.61 -18.71 -1.24
CA ASN D 95 9.53 -18.81 -2.38
C ASN D 95 9.78 -20.28 -2.64
N GLY D 96 9.49 -20.73 -3.86
CA GLY D 96 9.53 -22.16 -4.14
C GLY D 96 9.94 -22.49 -5.55
N TRP D 97 10.50 -23.70 -5.69
CA TRP D 97 10.85 -24.27 -6.98
C TRP D 97 9.70 -25.15 -7.44
N ILE D 98 9.33 -25.01 -8.71
CA ILE D 98 8.26 -25.79 -9.29
C ILE D 98 8.90 -26.67 -10.37
N TYR D 99 9.31 -27.87 -9.99
CA TYR D 99 10.02 -28.77 -10.90
C TYR D 99 9.03 -29.38 -11.87
N HIS D 100 9.30 -29.25 -13.17
CA HIS D 100 8.53 -29.87 -14.23
C HIS D 100 9.40 -30.90 -14.95
N GLU D 101 8.77 -31.97 -15.41
CA GLU D 101 9.49 -33.00 -16.16
C GLU D 101 8.49 -33.74 -17.03
N TRP D 102 8.53 -33.51 -18.34
CA TRP D 102 7.65 -34.21 -19.26
C TRP D 102 8.46 -34.80 -20.40
N ASN D 103 8.03 -35.96 -20.86
CA ASN D 103 8.64 -36.55 -22.04
C ASN D 103 8.23 -35.77 -23.29
N ASP D 104 9.15 -35.69 -24.24
CA ASP D 104 8.91 -35.00 -25.50
C ASP D 104 9.14 -35.98 -26.65
N PHE D 105 8.39 -35.77 -27.73
CA PHE D 105 8.48 -36.62 -28.91
C PHE D 105 9.30 -35.99 -30.03
N GLN D 106 9.35 -34.66 -30.10
CA GLN D 106 9.99 -33.98 -31.22
C GLN D 106 11.41 -33.53 -30.91
N LEU D 107 11.77 -33.40 -29.63
CA LEU D 107 13.11 -32.97 -29.25
C LEU D 107 14.01 -34.20 -29.10
N LYS D 108 14.34 -34.80 -30.24
CA LYS D 108 15.18 -35.99 -30.29
C LYS D 108 16.35 -35.74 -31.23
N TRP D 109 17.55 -36.10 -30.77
CA TRP D 109 18.73 -36.05 -31.61
C TRP D 109 19.74 -37.09 -31.14
N ASN D 110 20.56 -37.55 -32.07
CA ASN D 110 21.65 -38.45 -31.72
C ASN D 110 22.88 -37.63 -31.33
N PRO D 111 23.47 -37.90 -30.16
CA PRO D 111 24.58 -37.07 -29.69
C PRO D 111 25.90 -37.33 -30.42
N SER D 112 26.07 -38.55 -30.94
CA SER D 112 27.38 -38.98 -31.43
C SER D 112 27.81 -38.24 -32.68
N ASP D 113 26.87 -37.85 -33.54
CA ASP D 113 27.20 -37.04 -34.69
C ASP D 113 27.14 -35.55 -34.40
N TYR D 114 26.83 -35.16 -33.16
CA TYR D 114 26.82 -33.75 -32.77
C TYR D 114 27.86 -33.45 -31.70
N SER D 115 28.85 -34.34 -31.53
CA SER D 115 29.97 -34.19 -30.59
C SER D 115 29.48 -34.01 -29.15
N GLY D 116 28.80 -35.04 -28.66
CA GLY D 116 28.22 -34.97 -27.33
C GLY D 116 26.99 -34.09 -27.30
N LEU D 117 27.03 -33.03 -26.50
CA LEU D 117 25.96 -32.04 -26.33
C LEU D 117 24.66 -32.73 -25.88
N LYS D 118 24.73 -33.32 -24.68
CA LYS D 118 23.57 -34.00 -24.12
C LYS D 118 22.59 -33.04 -23.47
N LYS D 119 23.00 -31.80 -23.19
CA LYS D 119 22.15 -30.82 -22.51
C LYS D 119 22.13 -29.55 -23.33
N ILE D 120 20.94 -29.07 -23.68
CA ILE D 120 20.77 -27.80 -24.38
C ILE D 120 19.86 -26.92 -23.54
N ARG D 121 20.21 -25.65 -23.41
CA ARG D 121 19.40 -24.68 -22.69
C ARG D 121 18.47 -23.98 -23.69
N ILE D 122 17.17 -24.18 -23.53
CA ILE D 122 16.16 -23.68 -24.46
C ILE D 122 15.19 -22.79 -23.69
N PRO D 123 14.91 -21.57 -24.14
CA PRO D 123 13.92 -20.75 -23.47
C PRO D 123 12.51 -21.27 -23.67
N VAL D 124 11.62 -20.96 -22.73
CA VAL D 124 10.25 -21.47 -22.77
C VAL D 124 9.38 -20.76 -23.79
N ASP D 125 9.84 -19.65 -24.36
CA ASP D 125 9.04 -18.95 -25.35
C ASP D 125 9.04 -19.67 -26.70
N ARG D 126 9.99 -20.57 -26.93
CA ARG D 126 10.08 -21.31 -28.18
C ARG D 126 9.88 -22.80 -27.97
N ILE D 127 9.31 -23.20 -26.83
CA ILE D 127 9.07 -24.60 -26.52
C ILE D 127 7.68 -24.73 -25.94
N TRP D 128 7.15 -25.96 -25.97
CA TRP D 128 5.83 -26.23 -25.41
C TRP D 128 5.85 -26.09 -23.90
N THR D 129 4.76 -25.57 -23.35
CA THR D 129 4.69 -25.27 -21.93
C THR D 129 3.35 -25.74 -21.37
N PRO D 130 3.35 -26.53 -20.30
CA PRO D 130 2.08 -26.86 -19.64
C PRO D 130 1.50 -25.64 -18.94
N ASP D 131 0.19 -25.68 -18.74
CA ASP D 131 -0.55 -24.57 -18.16
C ASP D 131 -0.79 -24.77 -16.67
N ILE D 132 0.17 -25.35 -15.97
CA ILE D 132 0.01 -25.64 -14.55
C ILE D 132 0.13 -24.36 -13.75
N VAL D 133 -0.73 -24.20 -12.74
CA VAL D 133 -0.90 -22.94 -12.03
C VAL D 133 -1.32 -23.25 -10.60
N LEU D 134 -1.23 -22.25 -9.73
CA LEU D 134 -1.85 -22.32 -8.42
C LEU D 134 -3.36 -22.24 -8.55
N PHE D 135 -4.08 -23.14 -7.88
CA PHE D 135 -5.54 -23.05 -7.88
C PHE D 135 -6.03 -21.88 -7.04
N ASN D 136 -5.26 -21.44 -6.05
CA ASN D 136 -5.61 -20.31 -5.19
C ASN D 136 -4.49 -19.28 -5.29
N ASN D 137 -4.61 -18.38 -6.24
CA ASN D 137 -3.61 -17.34 -6.47
C ASN D 137 -4.14 -16.00 -6.00
N ALA D 138 -3.29 -15.25 -5.29
CA ALA D 138 -3.66 -13.93 -4.79
C ALA D 138 -3.22 -12.80 -5.69
N ASP D 139 -2.19 -13.00 -6.52
CA ASP D 139 -1.74 -11.97 -7.43
C ASP D 139 -2.71 -11.82 -8.60
N GLU D 140 -2.69 -10.63 -9.20
CA GLU D 140 -3.55 -10.38 -10.36
C GLU D 140 -3.08 -11.17 -11.58
N SER D 141 -1.77 -11.33 -11.74
CA SER D 141 -1.20 -12.13 -12.81
C SER D 141 -0.14 -13.05 -12.23
N TYR D 142 0.08 -14.17 -12.92
CA TYR D 142 1.00 -15.19 -12.42
C TYR D 142 2.43 -14.74 -12.69
N ARG D 143 3.18 -14.50 -11.60
CA ARG D 143 4.57 -14.09 -11.70
C ARG D 143 5.49 -15.30 -11.76
N TYR D 144 6.64 -15.13 -12.41
CA TYR D 144 7.60 -16.21 -12.58
C TYR D 144 9.01 -15.61 -12.59
N VAL D 145 9.83 -16.00 -11.63
CA VAL D 145 11.21 -15.52 -11.54
C VAL D 145 12.13 -16.59 -12.11
N VAL D 146 12.99 -16.18 -13.04
CA VAL D 146 13.89 -17.02 -13.83
C VAL D 146 13.11 -18.14 -14.49
N ASP D 147 12.20 -17.77 -15.39
CA ASP D 147 11.44 -18.73 -16.18
C ASP D 147 11.81 -18.67 -17.65
N LYS D 148 12.94 -18.03 -17.98
CA LYS D 148 13.32 -17.77 -19.36
C LYS D 148 14.28 -18.82 -19.90
N LEU D 149 14.50 -19.92 -19.18
CA LEU D 149 15.41 -20.95 -19.66
C LEU D 149 15.01 -22.29 -19.08
N ALA D 150 15.25 -23.35 -19.85
CA ALA D 150 14.84 -24.69 -19.49
C ALA D 150 15.73 -25.69 -20.22
N VAL D 151 16.29 -26.64 -19.48
CA VAL D 151 17.21 -27.61 -20.06
C VAL D 151 16.42 -28.70 -20.76
N VAL D 152 17.02 -29.27 -21.81
CA VAL D 152 16.48 -30.42 -22.50
C VAL D 152 17.58 -31.47 -22.62
N TYR D 153 17.19 -32.73 -22.50
CA TYR D 153 18.11 -33.85 -22.63
C TYR D 153 17.97 -34.49 -24.01
N TYR D 154 18.85 -35.45 -24.30
CA TYR D 154 18.87 -36.09 -25.61
C TYR D 154 17.74 -37.10 -25.79
N THR D 155 17.02 -37.46 -24.74
CA THR D 155 15.89 -38.37 -24.84
C THR D 155 14.55 -37.66 -24.77
N GLY D 156 14.54 -36.34 -24.87
CA GLY D 156 13.31 -35.58 -24.70
C GLY D 156 12.87 -35.56 -23.26
N LYS D 157 13.69 -34.94 -22.41
CA LYS D 157 13.51 -34.97 -20.96
C LYS D 157 13.63 -33.56 -20.41
N VAL D 158 12.78 -32.67 -20.94
CA VAL D 158 12.74 -31.27 -20.53
C VAL D 158 12.51 -31.15 -19.03
N MET D 159 13.36 -30.36 -18.37
CA MET D 159 13.40 -30.25 -16.91
C MET D 159 13.30 -28.78 -16.50
N TRP D 160 12.27 -28.11 -17.02
CA TRP D 160 12.04 -26.71 -16.68
C TRP D 160 11.77 -26.54 -15.19
N VAL D 161 12.60 -25.73 -14.53
CA VAL D 161 12.42 -25.47 -13.11
C VAL D 161 12.33 -23.95 -12.90
N PRO D 162 11.14 -23.39 -12.97
CA PRO D 162 10.96 -21.99 -12.56
C PRO D 162 10.87 -21.85 -11.06
N HIS D 163 11.03 -20.60 -10.61
CA HIS D 163 10.96 -20.26 -9.19
C HIS D 163 9.96 -19.14 -9.01
N ALA D 164 9.08 -19.28 -8.03
CA ALA D 164 7.97 -18.34 -7.92
C ALA D 164 7.78 -17.92 -6.48
N ARG D 165 7.27 -16.70 -6.32
CA ARG D 165 6.72 -16.21 -5.06
C ARG D 165 5.24 -16.58 -5.05
N LEU D 166 4.96 -17.79 -4.58
CA LEU D 166 3.61 -18.31 -4.55
C LEU D 166 2.81 -17.64 -3.44
N ARG D 167 1.66 -17.09 -3.79
CA ARG D 167 0.74 -16.46 -2.86
C ARG D 167 -0.50 -17.34 -2.78
N SER D 168 -0.57 -18.17 -1.75
CA SER D 168 -1.60 -19.19 -1.64
C SER D 168 -2.62 -18.84 -0.56
N PHE D 169 -3.74 -19.55 -0.60
CA PHE D 169 -4.85 -19.37 0.34
C PHE D 169 -5.01 -20.64 1.17
N CYS D 170 -5.01 -20.46 2.49
CA CYS D 170 -5.24 -21.57 3.41
C CYS D 170 -6.28 -21.17 4.45
N VAL D 171 -6.92 -22.18 5.02
CA VAL D 171 -7.90 -22.00 6.08
C VAL D 171 -7.15 -22.04 7.41
N LEU D 172 -7.09 -20.89 8.08
CA LEU D 172 -6.37 -20.77 9.34
C LEU D 172 -7.35 -21.00 10.48
N ASP D 173 -7.14 -22.09 11.23
CA ASP D 173 -7.95 -22.38 12.42
C ASP D 173 -7.39 -21.54 13.56
N LEU D 174 -7.94 -20.34 13.71
CA LEU D 174 -7.44 -19.37 14.68
C LEU D 174 -8.03 -19.56 16.08
N SER D 175 -8.66 -20.70 16.34
CA SER D 175 -9.08 -21.01 17.71
C SER D 175 -7.91 -21.35 18.60
N ARG D 176 -6.78 -21.76 18.03
CA ARG D 176 -5.56 -22.02 18.77
C ARG D 176 -4.57 -20.87 18.68
N PHE D 177 -5.00 -19.71 18.22
CA PHE D 177 -4.12 -18.56 18.05
C PHE D 177 -3.63 -18.06 19.42
N PRO D 178 -2.32 -17.77 19.57
CA PRO D 178 -1.28 -17.79 18.54
C PRO D 178 -0.56 -19.13 18.36
N PHE D 179 -0.74 -20.07 19.29
CA PHE D 179 0.01 -21.33 19.28
C PHE D 179 -0.71 -22.35 18.41
N ASP D 180 -0.71 -22.08 17.11
CA ASP D 180 -1.48 -22.86 16.15
C ASP D 180 -0.58 -23.80 15.36
N SER D 181 -1.21 -24.77 14.70
CA SER D 181 -0.55 -25.72 13.84
C SER D 181 -1.34 -25.89 12.54
N GLN D 182 -1.84 -24.77 12.00
CA GLN D 182 -2.70 -24.80 10.83
C GLN D 182 -1.85 -25.03 9.58
N MET D 183 -2.05 -26.16 8.93
CA MET D 183 -1.32 -26.45 7.70
C MET D 183 -1.84 -25.58 6.55
N CYS D 184 -0.99 -25.43 5.54
CA CYS D 184 -1.36 -24.76 4.30
C CYS D 184 -1.25 -25.74 3.15
N THR D 185 -2.24 -25.72 2.27
CA THR D 185 -2.30 -26.60 1.11
C THR D 185 -2.10 -25.78 -0.15
N LEU D 186 -1.17 -26.22 -0.99
CA LEU D 186 -0.91 -25.60 -2.29
C LEU D 186 -1.31 -26.59 -3.37
N VAL D 187 -2.11 -26.11 -4.32
CA VAL D 187 -2.71 -26.95 -5.35
C VAL D 187 -2.07 -26.61 -6.69
N PHE D 188 -1.66 -27.63 -7.42
CA PHE D 188 -1.08 -27.46 -8.75
C PHE D 188 -1.84 -28.32 -9.74
N GLY D 189 -2.40 -27.69 -10.76
CA GLY D 189 -3.16 -28.42 -11.76
C GLY D 189 -3.35 -27.58 -12.99
N SER D 190 -3.94 -28.21 -14.01
CA SER D 190 -4.21 -27.55 -15.28
C SER D 190 -5.71 -27.41 -15.46
N TRP D 191 -6.16 -26.18 -15.68
CA TRP D 191 -7.57 -25.93 -15.96
C TRP D 191 -7.94 -26.12 -17.42
N THR D 192 -6.96 -26.16 -18.32
CA THR D 192 -7.22 -26.12 -19.75
C THR D 192 -7.42 -27.52 -20.32
N HIS D 193 -6.41 -28.37 -20.22
CA HIS D 193 -6.48 -29.74 -20.68
C HIS D 193 -6.66 -30.68 -19.50
N ASP D 194 -7.08 -31.90 -19.80
CA ASP D 194 -7.56 -32.85 -18.81
C ASP D 194 -6.73 -34.13 -18.91
N VAL D 195 -7.24 -35.19 -18.27
CA VAL D 195 -6.53 -36.47 -18.21
C VAL D 195 -6.44 -37.16 -19.58
N SER D 196 -7.24 -36.72 -20.55
CA SER D 196 -7.10 -37.21 -21.92
C SER D 196 -5.89 -36.63 -22.64
N SER D 197 -5.29 -35.56 -22.11
CA SER D 197 -4.13 -34.94 -22.73
C SER D 197 -2.87 -35.11 -21.90
N VAL D 198 -2.87 -34.65 -20.65
CA VAL D 198 -1.71 -34.77 -19.76
C VAL D 198 -2.12 -35.62 -18.56
N ASN D 199 -1.11 -36.11 -17.84
CA ASN D 199 -1.31 -36.88 -16.62
C ASN D 199 -0.37 -36.32 -15.57
N VAL D 200 -0.86 -35.37 -14.78
CA VAL D 200 -0.06 -34.69 -13.77
C VAL D 200 0.21 -35.63 -12.61
N THR D 201 1.42 -36.18 -12.55
CA THR D 201 1.77 -37.18 -11.55
C THR D 201 2.88 -36.68 -10.66
N LEU D 202 3.19 -37.47 -9.63
CA LEU D 202 4.26 -37.16 -8.70
C LEU D 202 5.62 -37.41 -9.35
N ARG D 203 6.66 -36.91 -8.69
CA ARG D 203 8.02 -37.27 -9.06
C ARG D 203 8.28 -38.73 -8.69
N ASN D 204 9.10 -39.39 -9.50
CA ASN D 204 9.48 -40.77 -9.18
C ASN D 204 10.32 -40.83 -7.91
N GLN D 205 11.22 -39.89 -7.72
CA GLN D 205 11.97 -39.73 -6.48
C GLN D 205 11.35 -38.57 -5.72
N SER D 206 10.69 -38.87 -4.60
CA SER D 206 9.96 -37.89 -3.82
C SER D 206 10.70 -37.51 -2.54
N LYS D 207 12.02 -37.38 -2.63
CA LYS D 207 12.84 -37.00 -1.48
C LYS D 207 12.74 -35.50 -1.24
N VAL D 208 11.59 -35.09 -0.69
CA VAL D 208 11.32 -33.70 -0.37
C VAL D 208 10.88 -33.57 1.09
N GLN D 209 11.35 -34.48 1.94
CA GLN D 209 10.97 -34.49 3.35
C GLN D 209 11.95 -33.64 4.18
N TYR D 210 12.01 -32.36 3.84
CA TYR D 210 12.93 -31.44 4.50
C TYR D 210 12.24 -30.78 5.70
N MET D 211 12.95 -29.86 6.35
CA MET D 211 12.40 -29.08 7.46
C MET D 211 13.12 -27.73 7.45
N ILE D 212 12.45 -26.70 6.93
CA ILE D 212 13.05 -25.38 6.79
C ILE D 212 12.81 -24.65 8.11
N ASP D 213 13.75 -24.79 9.03
CA ASP D 213 13.65 -24.16 10.34
C ASP D 213 13.99 -22.69 10.21
N GLY D 214 12.97 -21.83 10.27
CA GLY D 214 13.15 -20.40 10.17
C GLY D 214 13.09 -19.72 11.54
N LYS D 215 13.33 -18.41 11.50
CA LYS D 215 13.31 -17.59 12.71
C LYS D 215 11.90 -17.18 13.11
N GLU D 216 10.90 -17.39 12.25
CA GLU D 216 9.53 -17.02 12.53
C GLU D 216 8.59 -18.20 12.63
N TRP D 217 8.80 -19.26 11.85
CA TRP D 217 7.93 -20.43 11.85
C TRP D 217 8.79 -21.68 11.81
N GLN D 218 8.19 -22.79 12.23
CA GLN D 218 8.75 -24.12 11.97
C GLN D 218 7.98 -24.74 10.82
N VAL D 219 8.69 -25.09 9.75
CA VAL D 219 8.10 -25.58 8.52
C VAL D 219 8.24 -27.10 8.49
N THR D 220 7.11 -27.79 8.37
CA THR D 220 7.07 -29.24 8.23
C THR D 220 6.52 -29.57 6.86
N SER D 221 7.35 -30.13 5.99
CA SER D 221 6.90 -30.53 4.66
C SER D 221 6.07 -31.80 4.75
N VAL D 222 5.03 -31.89 3.93
CA VAL D 222 4.19 -33.07 3.81
C VAL D 222 4.42 -33.67 2.44
N GLN D 223 4.48 -35.00 2.39
CA GLN D 223 4.65 -35.71 1.13
C GLN D 223 3.45 -35.45 0.24
N PRO D 224 3.64 -34.98 -0.99
CA PRO D 224 2.52 -34.53 -1.81
C PRO D 224 1.66 -35.68 -2.30
N LYS D 225 0.37 -35.38 -2.50
CA LYS D 225 -0.60 -36.36 -2.97
C LYS D 225 -1.22 -35.87 -4.27
N ARG D 226 -1.90 -36.79 -4.95
CA ARG D 226 -2.55 -36.49 -6.22
C ARG D 226 -4.05 -36.76 -6.09
N TYR D 227 -4.86 -35.79 -6.50
CA TYR D 227 -6.31 -35.94 -6.49
C TYR D 227 -6.87 -35.50 -7.84
N GLN D 228 -7.97 -36.13 -8.24
CA GLN D 228 -8.58 -35.88 -9.54
C GLN D 228 -9.76 -34.94 -9.33
N TRP D 229 -9.51 -33.64 -9.48
CA TRP D 229 -10.58 -32.65 -9.46
C TRP D 229 -11.43 -32.77 -10.72
N THR D 230 -12.74 -32.74 -10.55
CA THR D 230 -13.69 -32.94 -11.64
C THR D 230 -14.38 -31.62 -11.95
N TYR D 231 -14.26 -31.16 -13.21
CA TYR D 231 -14.99 -29.98 -13.64
C TYR D 231 -16.47 -30.29 -13.80
N ASN D 232 -16.79 -31.48 -14.29
CA ASN D 232 -18.18 -31.93 -14.43
C ASN D 232 -18.19 -33.44 -14.31
N SER D 233 -19.35 -34.04 -14.61
CA SER D 233 -19.48 -35.50 -14.48
C SER D 233 -18.76 -36.22 -15.63
N ASN D 234 -18.86 -35.71 -16.85
CA ASN D 234 -18.32 -36.41 -18.00
C ASN D 234 -16.80 -36.30 -18.08
N GLU D 235 -16.24 -35.14 -17.74
CA GLU D 235 -14.81 -34.89 -17.88
C GLU D 235 -14.15 -34.83 -16.51
N ASN D 236 -12.93 -35.37 -16.44
CA ASN D 236 -12.16 -35.39 -15.20
C ASN D 236 -10.77 -34.83 -15.47
N TYR D 237 -10.23 -34.14 -14.46
CA TYR D 237 -8.94 -33.47 -14.56
C TYR D 237 -8.00 -34.02 -13.48
N ALA D 238 -6.83 -33.41 -13.36
CA ALA D 238 -5.81 -33.85 -12.42
C ALA D 238 -5.34 -32.69 -11.57
N GLY D 239 -4.79 -33.02 -10.40
CA GLY D 239 -4.28 -32.00 -9.49
C GLY D 239 -3.37 -32.62 -8.46
N ILE D 240 -2.45 -31.80 -7.95
CA ILE D 240 -1.44 -32.23 -6.97
C ILE D 240 -1.54 -31.31 -5.76
N ILE D 241 -1.71 -31.90 -4.58
CA ILE D 241 -1.77 -31.19 -3.32
C ILE D 241 -0.43 -31.36 -2.62
N THR D 242 0.19 -30.26 -2.23
CA THR D 242 1.35 -30.30 -1.35
C THR D 242 1.05 -29.54 -0.07
N GLY D 243 1.60 -30.03 1.03
CA GLY D 243 1.27 -29.50 2.35
C GLY D 243 2.48 -28.94 3.07
N ILE D 244 2.29 -27.77 3.68
CA ILE D 244 3.32 -27.13 4.47
C ILE D 244 2.70 -26.78 5.81
N LYS D 245 3.09 -27.50 6.87
CA LYS D 245 2.59 -27.24 8.21
C LYS D 245 3.45 -26.17 8.88
N LEU D 246 2.80 -25.18 9.46
CA LEU D 246 3.46 -24.06 10.11
C LEU D 246 3.24 -24.14 11.62
N LYS D 247 4.34 -24.18 12.37
CA LYS D 247 4.29 -24.16 13.83
C LYS D 247 4.79 -22.81 14.32
N ARG D 248 3.98 -22.15 15.13
CA ARG D 248 4.37 -20.85 15.70
C ARG D 248 5.36 -21.06 16.82
N THR D 249 6.46 -20.32 16.78
CA THR D 249 7.47 -20.40 17.84
C THR D 249 7.96 -19.04 18.30
N SER D 250 7.51 -17.95 17.70
CA SER D 250 7.96 -16.62 18.09
C SER D 250 7.35 -16.19 19.41
N ILE D 251 8.06 -15.33 20.13
CA ILE D 251 7.58 -14.78 21.38
C ILE D 251 7.04 -13.36 21.19
N TYR D 252 6.64 -13.01 19.96
CA TYR D 252 6.06 -11.70 19.71
C TYR D 252 4.67 -11.57 20.33
N TYR D 253 3.79 -12.53 20.04
CA TYR D 253 2.41 -12.44 20.52
C TYR D 253 2.29 -12.73 22.00
N GLN D 254 3.29 -13.40 22.60
CA GLN D 254 3.35 -13.53 24.05
C GLN D 254 3.82 -12.25 24.73
N TYR D 255 4.37 -11.31 23.96
CA TYR D 255 4.83 -10.04 24.49
C TYR D 255 3.83 -8.90 24.27
N VAL D 256 3.19 -8.84 23.12
CA VAL D 256 2.28 -7.74 22.85
C VAL D 256 0.86 -7.99 23.36
N PHE D 257 0.47 -9.26 23.56
CA PHE D 257 -0.90 -9.57 23.95
C PHE D 257 -0.99 -10.30 25.28
N ILE D 258 -0.25 -11.40 25.45
CA ILE D 258 -0.47 -12.29 26.58
C ILE D 258 0.00 -11.65 27.89
N MET D 259 1.20 -11.06 27.88
CA MET D 259 1.74 -10.46 29.09
C MET D 259 0.96 -9.22 29.57
N PRO D 260 0.59 -8.24 28.73
CA PRO D 260 -0.25 -7.15 29.26
C PRO D 260 -1.65 -7.60 29.70
N THR D 261 -2.24 -8.60 29.03
CA THR D 261 -3.56 -9.08 29.45
C THR D 261 -3.49 -9.81 30.77
N VAL D 262 -2.46 -10.63 30.98
CA VAL D 262 -2.34 -11.31 32.26
C VAL D 262 -1.93 -10.33 33.37
N LEU D 263 -1.24 -9.23 33.01
CA LEU D 263 -0.92 -8.24 34.03
C LEU D 263 -2.15 -7.43 34.41
N LEU D 264 -3.02 -7.15 33.44
CA LEU D 264 -4.28 -6.46 33.77
C LEU D 264 -5.21 -7.38 34.56
N ALA D 265 -5.17 -8.69 34.27
CA ALA D 265 -5.91 -9.64 35.08
C ALA D 265 -5.38 -9.70 36.51
N PHE D 266 -4.06 -9.64 36.67
CA PHE D 266 -3.45 -9.56 37.99
C PHE D 266 -3.84 -8.28 38.72
N LEU D 267 -3.91 -7.17 37.98
CA LEU D 267 -4.33 -5.90 38.57
C LEU D 267 -5.79 -5.94 39.02
N THR D 268 -6.66 -6.56 38.22
CA THR D 268 -8.07 -6.68 38.63
C THR D 268 -8.23 -7.66 39.78
N LEU D 269 -7.36 -8.67 39.85
CA LEU D 269 -7.35 -9.56 41.01
C LEU D 269 -6.94 -8.81 42.27
N LEU D 270 -5.99 -7.88 42.15
CA LEU D 270 -5.58 -7.07 43.28
C LEU D 270 -6.49 -5.89 43.54
N MET D 271 -7.45 -5.62 42.64
CA MET D 271 -8.33 -4.47 42.81
C MET D 271 -9.20 -4.44 44.07
N PRO D 272 -9.97 -5.47 44.44
CA PRO D 272 -11.00 -5.28 45.47
C PRO D 272 -10.49 -5.16 46.89
N PHE D 273 -9.17 -5.15 47.13
CA PHE D 273 -8.66 -4.94 48.48
C PHE D 273 -8.76 -3.50 48.94
N ILE D 274 -8.86 -2.55 48.02
CA ILE D 274 -8.91 -1.12 48.36
C ILE D 274 -10.24 -0.81 49.04
N PRO D 275 -10.25 -0.09 50.16
CA PRO D 275 -11.52 0.29 50.78
C PRO D 275 -12.25 1.29 49.91
N PRO D 276 -13.59 1.27 49.92
CA PRO D 276 -14.35 2.20 49.06
C PRO D 276 -14.28 3.64 49.53
N LEU D 277 -13.95 3.89 50.80
CA LEU D 277 -13.89 5.25 51.31
C LEU D 277 -12.63 5.99 50.89
N GLY D 278 -11.66 5.30 50.28
CA GLY D 278 -10.44 5.93 49.83
C GLY D 278 -10.54 6.74 48.56
N LYS D 279 -11.71 6.70 47.91
CA LYS D 279 -12.03 7.47 46.70
C LYS D 279 -11.09 7.17 45.55
N GLU D 280 -10.56 5.94 45.50
CA GLU D 280 -9.65 5.53 44.45
C GLU D 280 -10.03 4.22 43.80
N ARG D 281 -10.99 3.49 44.35
CA ARG D 281 -11.42 2.22 43.79
C ARG D 281 -12.13 2.42 42.45
N ILE D 282 -13.00 3.43 42.37
CA ILE D 282 -13.69 3.74 41.13
C ILE D 282 -12.71 4.29 40.10
N THR D 283 -11.74 5.09 40.55
CA THR D 283 -10.69 5.58 39.67
C THR D 283 -9.82 4.43 39.15
N TYR D 284 -9.58 3.47 40.01
CA TYR D 284 -8.80 2.33 39.50
C TYR D 284 -9.66 1.68 38.43
N GLY D 285 -10.89 1.33 38.80
CA GLY D 285 -11.73 0.60 37.85
C GLY D 285 -11.83 1.27 36.50
N ILE D 286 -11.97 2.60 36.49
CA ILE D 286 -12.07 3.29 35.19
C ILE D 286 -10.71 3.34 34.51
N GLY D 287 -9.61 3.35 35.27
CA GLY D 287 -8.31 3.21 34.66
C GLY D 287 -8.10 1.82 34.07
N LEU D 288 -8.65 0.80 34.73
CA LEU D 288 -8.63 -0.54 34.15
C LEU D 288 -9.48 -0.61 32.89
N VAL D 289 -10.59 0.13 32.85
CA VAL D 289 -11.42 0.21 31.64
C VAL D 289 -10.63 0.84 30.50
N LEU D 290 -9.89 1.93 30.79
CA LEU D 290 -9.08 2.58 29.77
C LEU D 290 -7.93 1.69 29.29
N GLY D 291 -7.29 0.97 30.21
CA GLY D 291 -6.21 0.08 29.81
C GLY D 291 -6.69 -1.10 28.99
N CYS D 292 -7.84 -1.68 29.37
CA CYS D 292 -8.42 -2.76 28.58
C CYS D 292 -8.93 -2.26 27.24
N THR D 293 -9.37 -0.99 27.17
CA THR D 293 -9.76 -0.41 25.89
C THR D 293 -8.56 -0.22 24.98
N LEU D 294 -7.41 0.18 25.54
CA LEU D 294 -6.19 0.28 24.74
C LEU D 294 -5.72 -1.11 24.27
N LEU D 295 -5.90 -2.13 25.12
CA LEU D 295 -5.60 -3.50 24.71
C LEU D 295 -6.54 -3.95 23.59
N LEU D 296 -7.82 -3.58 23.65
CA LEU D 296 -8.74 -3.87 22.56
C LEU D 296 -8.36 -3.11 21.29
N MET D 297 -7.83 -1.90 21.44
CA MET D 297 -7.38 -1.14 20.28
C MET D 297 -6.21 -1.82 19.58
N MET D 298 -5.24 -2.31 20.37
CA MET D 298 -4.12 -3.06 19.80
C MET D 298 -4.59 -4.35 19.16
N LEU D 299 -5.52 -5.06 19.81
CA LEU D 299 -6.02 -6.32 19.25
C LEU D 299 -6.83 -6.10 17.97
N SER D 300 -7.65 -5.06 17.94
CA SER D 300 -8.47 -4.78 16.75
C SER D 300 -7.61 -4.29 15.60
N ASP D 301 -6.52 -3.55 15.89
CA ASP D 301 -5.62 -3.16 14.82
C ASP D 301 -4.73 -4.31 14.36
N ARG D 302 -4.53 -5.32 15.21
CA ARG D 302 -3.68 -6.44 14.79
C ARG D 302 -4.48 -7.63 14.27
N MET D 303 -5.47 -8.11 15.03
CA MET D 303 -6.21 -9.32 14.64
C MET D 303 -7.14 -9.00 13.47
N PRO D 304 -7.09 -9.77 12.38
CA PRO D 304 -7.82 -9.38 11.17
C PRO D 304 -9.32 -9.60 11.25
N THR D 305 -10.01 -9.29 10.15
CA THR D 305 -11.46 -9.42 10.09
C THR D 305 -11.91 -10.87 9.91
N GLU D 306 -11.03 -11.73 9.40
CA GLU D 306 -11.37 -13.14 9.23
C GLU D 306 -11.41 -13.87 10.57
N LEU D 307 -12.60 -14.22 11.03
CA LEU D 307 -12.78 -15.02 12.23
C LEU D 307 -13.67 -16.21 11.89
N GLY D 308 -13.18 -17.41 12.15
CA GLY D 308 -14.02 -18.59 12.13
C GLY D 308 -14.41 -18.92 13.55
N ASN D 309 -13.46 -18.77 14.47
CA ASN D 309 -13.67 -18.91 15.89
C ASN D 309 -12.97 -17.77 16.61
N VAL D 310 -13.49 -17.42 17.78
CA VAL D 310 -12.90 -16.33 18.58
C VAL D 310 -11.55 -16.77 19.12
N PRO D 311 -10.51 -15.96 19.00
CA PRO D 311 -9.21 -16.32 19.59
C PRO D 311 -9.26 -16.33 21.11
N VAL D 312 -8.40 -17.18 21.70
CA VAL D 312 -8.41 -17.35 23.16
C VAL D 312 -7.85 -16.11 23.86
N VAL D 313 -6.94 -15.38 23.21
CA VAL D 313 -6.47 -14.11 23.77
C VAL D 313 -7.58 -13.07 23.73
N ALA D 314 -8.40 -13.08 22.68
CA ALA D 314 -9.57 -12.22 22.61
C ALA D 314 -10.60 -12.61 23.66
N ALA D 315 -10.76 -13.91 23.93
CA ALA D 315 -11.66 -14.36 24.98
C ALA D 315 -11.16 -13.94 26.35
N TYR D 316 -9.85 -13.97 26.57
CA TYR D 316 -9.28 -13.50 27.82
C TYR D 316 -9.48 -12.00 28.00
N LEU D 317 -9.36 -11.24 26.90
CA LEU D 317 -9.59 -9.80 26.97
C LEU D 317 -11.05 -9.48 27.27
N ALA D 318 -11.97 -10.24 26.67
CA ALA D 318 -13.40 -10.08 26.99
C ALA D 318 -13.68 -10.47 28.43
N TYR D 319 -12.73 -11.23 28.99
CA TYR D 319 -12.88 -11.61 30.41
C TYR D 319 -12.35 -10.53 31.35
N VAL D 320 -11.25 -9.86 31.01
CA VAL D 320 -10.76 -8.86 32.01
C VAL D 320 -11.79 -7.76 31.98
N PHE D 321 -12.44 -7.57 30.84
CA PHE D 321 -13.46 -6.53 30.72
C PHE D 321 -14.62 -6.98 31.55
N VAL D 322 -15.04 -8.22 31.38
CA VAL D 322 -16.26 -8.61 32.14
C VAL D 322 -15.95 -8.53 33.63
N MET D 323 -14.67 -8.59 33.99
CA MET D 323 -14.31 -8.45 35.42
C MET D 323 -14.43 -6.97 35.81
N VAL D 324 -13.68 -6.08 35.16
CA VAL D 324 -13.76 -4.67 35.60
C VAL D 324 -15.25 -4.38 35.71
N ALA D 325 -16.07 -4.85 34.77
CA ALA D 325 -17.48 -4.46 34.91
C ALA D 325 -18.09 -4.99 36.20
N ILE D 326 -17.82 -6.26 36.52
CA ILE D 326 -18.42 -6.87 37.71
C ILE D 326 -17.84 -6.27 38.99
N ASN D 327 -16.52 -6.07 39.05
CA ASN D 327 -15.97 -5.46 40.25
C ASN D 327 -16.27 -3.97 40.35
N LEU D 328 -16.51 -3.28 39.23
CA LEU D 328 -16.96 -1.89 39.30
C LEU D 328 -18.39 -1.81 39.83
N LEU D 329 -19.24 -2.76 39.43
CA LEU D 329 -20.59 -2.83 40.00
C LEU D 329 -20.55 -3.10 41.50
N PHE D 330 -19.69 -4.03 41.93
CA PHE D 330 -19.59 -4.31 43.35
C PHE D 330 -18.95 -3.16 44.13
N ALA D 331 -18.02 -2.43 43.51
CA ALA D 331 -17.42 -1.27 44.17
C ALA D 331 -18.42 -0.13 44.33
N ILE D 332 -19.25 0.10 43.30
CA ILE D 332 -20.29 1.12 43.38
C ILE D 332 -21.32 0.76 44.45
N MET D 333 -21.72 -0.52 44.50
CA MET D 333 -22.66 -0.96 45.53
C MET D 333 -22.05 -0.90 46.93
N ALA D 334 -20.74 -1.16 47.05
CA ALA D 334 -20.07 -1.04 48.34
C ALA D 334 -19.99 0.41 48.81
N ILE D 335 -19.68 1.33 47.89
CA ILE D 335 -19.60 2.73 48.30
C ILE D 335 -20.98 3.33 48.50
N ASN D 336 -22.03 2.73 47.92
CA ASN D 336 -23.38 3.15 48.24
C ASN D 336 -23.85 2.58 49.59
N MET D 337 -23.41 1.35 49.92
CA MET D 337 -23.76 0.78 51.22
C MET D 337 -22.99 1.46 52.35
N SER D 338 -21.79 1.96 52.07
CA SER D 338 -20.98 2.60 53.10
C SER D 338 -21.57 3.94 53.53
N MET D 339 -22.21 4.65 52.62
CA MET D 339 -22.80 5.96 52.95
C MET D 339 -24.08 5.80 53.76
N GLN D 446 -23.81 -1.56 58.75
CA GLN D 446 -22.73 -2.44 59.21
C GLN D 446 -21.63 -2.53 58.16
N GLN D 447 -20.42 -2.88 58.63
CA GLN D 447 -19.27 -3.02 57.74
C GLN D 447 -19.15 -4.47 57.26
N LEU D 448 -20.17 -4.88 56.51
CA LEU D 448 -20.21 -6.23 55.95
C LEU D 448 -19.46 -6.33 54.62
N THR D 449 -18.98 -5.21 54.08
CA THR D 449 -18.39 -5.20 52.75
C THR D 449 -17.03 -5.90 52.70
N ARG D 450 -16.34 -6.03 53.84
CA ARG D 450 -15.02 -6.68 53.84
C ARG D 450 -15.14 -8.17 53.55
N VAL D 451 -16.13 -8.84 54.15
CA VAL D 451 -16.35 -10.26 53.91
C VAL D 451 -16.82 -10.51 52.48
N ILE D 452 -17.66 -9.60 51.96
CA ILE D 452 -18.13 -9.69 50.59
C ILE D 452 -16.97 -9.53 49.61
N ASP D 453 -16.09 -8.57 49.88
CA ASP D 453 -14.92 -8.36 49.03
C ASP D 453 -13.94 -9.54 49.11
N ARG D 454 -13.81 -10.15 50.29
CA ARG D 454 -12.92 -11.30 50.43
C ARG D 454 -13.45 -12.53 49.70
N LEU D 455 -14.75 -12.80 49.80
CA LEU D 455 -15.31 -13.93 49.06
C LEU D 455 -15.32 -13.66 47.55
N LEU D 456 -15.53 -12.40 47.16
CA LEU D 456 -15.43 -12.01 45.76
C LEU D 456 -14.01 -12.19 45.23
N PHE D 457 -13.01 -11.84 46.06
CA PHE D 457 -11.62 -12.03 45.70
C PHE D 457 -11.27 -13.50 45.57
N GLY D 458 -11.80 -14.35 46.46
CA GLY D 458 -11.55 -15.78 46.36
C GLY D 458 -12.19 -16.41 45.13
N SER D 459 -13.43 -16.01 44.83
CA SER D 459 -14.10 -16.49 43.62
C SER D 459 -13.38 -16.03 42.36
N PHE D 460 -12.90 -14.79 42.34
CA PHE D 460 -12.13 -14.31 41.20
C PHE D 460 -10.77 -14.98 41.12
N LEU D 461 -10.19 -15.35 42.27
CA LEU D 461 -8.93 -16.07 42.28
C LEU D 461 -9.06 -17.45 41.65
N VAL D 462 -10.08 -18.20 42.06
CA VAL D 462 -10.25 -19.54 41.51
C VAL D 462 -10.70 -19.49 40.05
N LEU D 463 -11.49 -18.48 39.67
CA LEU D 463 -11.89 -18.35 38.27
C LEU D 463 -10.72 -17.96 37.38
N THR D 464 -9.86 -17.03 37.85
CA THR D 464 -8.70 -16.64 37.07
C THR D 464 -7.68 -17.77 36.96
N VAL D 465 -7.51 -18.55 38.03
CA VAL D 465 -6.53 -19.63 37.95
C VAL D 465 -7.05 -20.78 37.08
N VAL D 466 -8.37 -21.03 37.06
CA VAL D 466 -8.85 -22.09 36.17
C VAL D 466 -8.86 -21.61 34.72
N ILE D 467 -9.05 -20.30 34.48
CA ILE D 467 -8.94 -19.79 33.12
C ILE D 467 -7.49 -19.81 32.63
N THR D 468 -6.52 -19.47 33.49
CA THR D 468 -5.13 -19.52 33.07
C THR D 468 -4.62 -20.95 32.90
N ILE D 469 -5.10 -21.92 33.68
CA ILE D 469 -4.68 -23.29 33.40
C ILE D 469 -5.45 -23.89 32.23
N SER D 470 -6.61 -23.32 31.85
CA SER D 470 -7.21 -23.70 30.59
C SER D 470 -6.41 -23.13 29.41
N MET D 471 -5.87 -21.93 29.59
CA MET D 471 -5.05 -21.32 28.55
C MET D 471 -3.70 -22.03 28.41
N TYR D 472 -3.13 -22.49 29.52
CA TYR D 472 -1.78 -23.04 29.55
C TYR D 472 -1.68 -24.41 28.89
N ALA D 473 -2.80 -25.05 28.54
CA ALA D 473 -2.76 -26.33 27.83
C ALA D 473 -2.22 -26.18 26.41
N HIS D 474 -2.31 -24.98 25.82
CA HIS D 474 -1.71 -24.75 24.51
C HIS D 474 -0.18 -24.78 24.60
N TYR D 475 0.38 -24.11 25.60
CA TYR D 475 1.83 -24.00 25.74
C TYR D 475 2.33 -24.77 26.97
N ALA E 44 3.27 -34.72 -38.22
CA ALA E 44 2.40 -34.90 -37.06
C ALA E 44 0.94 -34.87 -37.47
N ASP E 45 0.05 -35.10 -36.51
CA ASP E 45 -1.39 -35.07 -36.76
C ASP E 45 -2.02 -33.74 -36.35
N GLU E 46 -1.69 -33.24 -35.16
CA GLU E 46 -2.23 -31.96 -34.72
C GLU E 46 -1.60 -30.80 -35.49
N LYS E 47 -0.32 -30.92 -35.86
CA LYS E 47 0.35 -29.87 -36.62
C LYS E 47 -0.21 -29.77 -38.04
N ARG E 48 -0.60 -30.90 -38.63
CA ARG E 48 -1.17 -30.90 -39.97
C ARG E 48 -2.51 -30.17 -40.00
N LEU E 49 -3.35 -30.39 -38.98
CA LEU E 49 -4.62 -29.70 -38.92
C LEU E 49 -4.44 -28.24 -38.52
N LEU E 50 -3.47 -27.96 -37.65
CA LEU E 50 -3.22 -26.59 -37.21
C LEU E 50 -2.62 -25.73 -38.33
N LYS E 51 -1.88 -26.34 -39.25
CA LYS E 51 -1.35 -25.61 -40.40
C LYS E 51 -2.39 -25.35 -41.47
N CYS E 52 -3.59 -25.93 -41.36
CA CYS E 52 -4.65 -25.74 -42.35
C CYS E 52 -5.92 -25.18 -41.73
N ILE E 53 -5.82 -24.50 -40.60
CA ILE E 53 -6.99 -23.89 -39.96
C ILE E 53 -6.78 -22.43 -39.63
N LEU E 54 -5.56 -21.91 -39.59
CA LEU E 54 -5.28 -20.50 -39.35
C LEU E 54 -4.52 -19.91 -40.53
N HIS E 55 -4.95 -20.25 -41.74
CA HIS E 55 -4.25 -19.78 -42.94
C HIS E 55 -4.49 -18.29 -43.17
N ASP E 56 -5.72 -17.83 -42.96
CA ASP E 56 -6.09 -16.43 -43.14
C ASP E 56 -6.96 -15.96 -41.98
N TYR E 57 -6.54 -16.29 -40.76
CA TYR E 57 -7.30 -15.97 -39.56
C TYR E 57 -6.66 -14.76 -38.90
N ASP E 58 -7.45 -13.70 -38.73
CA ASP E 58 -7.02 -12.53 -37.97
C ASP E 58 -7.73 -12.51 -36.61
N THR E 59 -7.15 -11.74 -35.69
CA THR E 59 -7.68 -11.62 -34.34
C THR E 59 -8.71 -10.51 -34.22
N ALA E 60 -9.30 -10.08 -35.34
CA ALA E 60 -10.29 -9.00 -35.32
C ALA E 60 -11.52 -9.27 -36.18
N ILE E 61 -11.47 -10.26 -37.07
CA ILE E 61 -12.61 -10.55 -37.94
C ILE E 61 -13.66 -11.30 -37.12
N ARG E 62 -14.88 -10.78 -37.11
CA ARG E 62 -15.96 -11.44 -36.41
C ARG E 62 -16.40 -12.67 -37.20
N PRO E 63 -16.36 -13.87 -36.60
CA PRO E 63 -16.67 -15.09 -37.36
C PRO E 63 -18.16 -15.24 -37.63
N VAL E 64 -18.55 -15.00 -38.88
CA VAL E 64 -19.94 -15.10 -39.29
C VAL E 64 -19.98 -15.34 -40.78
N GLN E 65 -21.09 -15.87 -41.28
CA GLN E 65 -21.27 -16.11 -42.71
C GLN E 65 -21.96 -14.92 -43.37
N ASN E 66 -23.16 -14.58 -42.90
CA ASN E 66 -23.89 -13.42 -43.37
C ASN E 66 -23.65 -12.25 -42.43
N VAL E 67 -23.57 -11.05 -43.00
CA VAL E 67 -23.25 -9.85 -42.23
C VAL E 67 -24.39 -9.50 -41.28
N SER E 68 -25.63 -9.63 -41.74
CA SER E 68 -26.77 -9.33 -40.89
C SER E 68 -26.98 -10.37 -39.79
N ASP E 69 -26.42 -11.56 -39.94
CA ASP E 69 -26.51 -12.57 -38.90
C ASP E 69 -25.62 -12.22 -37.72
N VAL E 70 -26.00 -12.69 -36.54
CA VAL E 70 -25.25 -12.41 -35.31
C VAL E 70 -24.69 -13.72 -34.76
N VAL E 71 -23.89 -13.62 -33.71
CA VAL E 71 -23.31 -14.79 -33.04
C VAL E 71 -23.85 -14.86 -31.62
N ASN E 72 -24.32 -16.04 -31.22
CA ASN E 72 -24.89 -16.23 -29.89
C ASN E 72 -23.77 -16.57 -28.92
N VAL E 73 -23.10 -15.54 -28.44
CA VAL E 73 -22.00 -15.69 -27.49
C VAL E 73 -22.63 -15.92 -26.12
N ALA E 74 -22.64 -17.17 -25.68
CA ALA E 74 -23.18 -17.50 -24.36
C ALA E 74 -22.17 -17.13 -23.28
N LEU E 75 -22.64 -17.10 -22.04
CA LEU E 75 -21.79 -16.70 -20.93
C LEU E 75 -22.30 -17.34 -19.65
N GLU E 76 -21.38 -17.60 -18.73
CA GLU E 76 -21.73 -18.06 -17.39
C GLU E 76 -20.67 -17.56 -16.41
N VAL E 77 -21.10 -17.17 -15.22
CA VAL E 77 -20.22 -16.71 -14.16
C VAL E 77 -20.29 -17.70 -13.02
N THR E 78 -19.14 -18.12 -12.50
CA THR E 78 -19.10 -19.06 -11.38
C THR E 78 -18.07 -18.57 -10.38
N VAL E 79 -18.52 -17.94 -9.30
CA VAL E 79 -17.63 -17.52 -8.23
C VAL E 79 -17.28 -18.74 -7.39
N VAL E 80 -15.98 -19.03 -7.27
CA VAL E 80 -15.56 -20.25 -6.57
C VAL E 80 -15.11 -19.89 -5.16
N LYS E 81 -14.64 -18.65 -4.96
CA LYS E 81 -14.15 -18.22 -3.66
C LYS E 81 -14.17 -16.70 -3.61
N VAL E 82 -14.95 -16.14 -2.70
CA VAL E 82 -14.96 -14.70 -2.47
C VAL E 82 -13.74 -14.35 -1.62
N ILE E 83 -12.85 -13.52 -2.17
CA ILE E 83 -11.61 -13.20 -1.46
C ILE E 83 -11.88 -12.19 -0.36
N ASP E 84 -12.39 -11.01 -0.71
CA ASP E 84 -12.57 -9.97 0.30
C ASP E 84 -13.66 -9.00 -0.14
N LEU E 85 -14.14 -8.23 0.82
CA LEU E 85 -15.06 -7.12 0.57
C LEU E 85 -14.63 -5.95 1.45
N ASP E 86 -14.04 -4.93 0.83
CA ASP E 86 -13.61 -3.73 1.54
C ASP E 86 -14.50 -2.58 1.14
N GLU E 87 -15.07 -1.90 2.13
CA GLU E 87 -15.97 -0.79 1.90
C GLU E 87 -15.25 0.56 1.88
N LYS E 88 -13.91 0.55 1.91
CA LYS E 88 -13.17 1.80 1.84
C LYS E 88 -13.29 2.43 0.45
N GLU E 89 -13.38 1.61 -0.60
CA GLU E 89 -13.63 2.12 -1.93
C GLU E 89 -14.62 1.24 -2.70
N HIS E 90 -15.52 0.56 -1.97
CA HIS E 90 -16.60 -0.28 -2.53
C HIS E 90 -16.06 -1.39 -3.43
N VAL E 91 -15.03 -2.08 -2.95
CA VAL E 91 -14.36 -3.11 -3.74
C VAL E 91 -14.74 -4.48 -3.22
N LEU E 92 -15.17 -5.36 -4.12
CA LEU E 92 -15.43 -6.76 -3.81
C LEU E 92 -14.48 -7.59 -4.68
N THR E 93 -13.54 -8.29 -4.05
CA THR E 93 -12.59 -9.14 -4.75
C THR E 93 -13.07 -10.58 -4.66
N THR E 94 -13.35 -11.18 -5.82
CA THR E 94 -13.75 -12.58 -5.93
C THR E 94 -12.83 -13.30 -6.89
N ASN E 95 -12.75 -14.62 -6.73
CA ASN E 95 -12.10 -15.49 -7.71
C ASN E 95 -13.19 -16.27 -8.45
N GLY E 96 -13.21 -16.13 -9.77
CA GLY E 96 -14.33 -16.68 -10.53
C GLY E 96 -13.94 -17.16 -11.90
N TRP E 97 -14.74 -18.11 -12.39
CA TRP E 97 -14.63 -18.63 -13.74
C TRP E 97 -15.60 -17.87 -14.63
N ILE E 98 -15.13 -17.45 -15.80
CA ILE E 98 -15.96 -16.72 -16.76
C ILE E 98 -16.10 -17.62 -17.98
N TYR E 99 -17.13 -18.45 -18.01
CA TYR E 99 -17.33 -19.41 -19.08
C TYR E 99 -17.82 -18.69 -20.33
N HIS E 100 -17.13 -18.89 -21.44
CA HIS E 100 -17.52 -18.38 -22.74
C HIS E 100 -17.84 -19.55 -23.67
N GLU E 101 -18.82 -19.34 -24.55
CA GLU E 101 -19.18 -20.38 -25.52
C GLU E 101 -19.83 -19.70 -26.72
N TRP E 102 -19.12 -19.63 -27.83
CA TRP E 102 -19.67 -19.05 -29.05
C TRP E 102 -19.48 -20.01 -30.22
N ASN E 103 -20.45 -20.01 -31.12
CA ASN E 103 -20.31 -20.77 -32.35
C ASN E 103 -19.30 -20.10 -33.27
N ASP E 104 -18.57 -20.92 -34.01
CA ASP E 104 -17.59 -20.43 -34.96
C ASP E 104 -17.92 -20.98 -36.35
N PHE E 105 -17.59 -20.19 -37.36
CA PHE E 105 -17.84 -20.57 -38.75
C PHE E 105 -16.60 -21.08 -39.46
N GLN E 106 -15.41 -20.65 -39.04
CA GLN E 106 -14.19 -20.99 -39.76
C GLN E 106 -13.44 -22.15 -39.14
N LEU E 107 -13.68 -22.46 -37.86
CA LEU E 107 -13.01 -23.57 -37.19
C LEU E 107 -13.82 -24.84 -37.39
N LYS E 108 -13.79 -25.35 -38.62
CA LYS E 108 -14.52 -26.56 -38.98
C LYS E 108 -13.57 -27.56 -39.61
N TRP E 109 -13.63 -28.81 -39.17
CA TRP E 109 -12.87 -29.89 -39.78
C TRP E 109 -13.61 -31.20 -39.59
N ASN E 110 -13.39 -32.12 -40.52
CA ASN E 110 -13.92 -33.47 -40.39
C ASN E 110 -12.95 -34.33 -39.57
N PRO E 111 -13.43 -34.99 -38.51
CA PRO E 111 -12.50 -35.74 -37.65
C PRO E 111 -12.00 -37.04 -38.25
N SER E 112 -12.81 -37.64 -39.14
CA SER E 112 -12.56 -39.01 -39.59
C SER E 112 -11.30 -39.13 -40.43
N ASP E 113 -10.96 -38.10 -41.21
CA ASP E 113 -9.71 -38.10 -41.95
C ASP E 113 -8.55 -37.51 -41.14
N TYR E 114 -8.79 -37.11 -39.90
CA TYR E 114 -7.73 -36.59 -39.04
C TYR E 114 -7.51 -37.46 -37.81
N SER E 115 -8.01 -38.71 -37.84
CA SER E 115 -7.86 -39.72 -36.79
C SER E 115 -8.41 -39.22 -35.45
N GLY E 116 -9.71 -38.96 -35.45
CA GLY E 116 -10.35 -38.40 -34.26
C GLY E 116 -10.03 -36.94 -34.08
N LEU E 117 -9.38 -36.62 -32.95
CA LEU E 117 -8.97 -35.26 -32.57
C LEU E 117 -10.16 -34.31 -32.55
N LYS E 118 -11.10 -34.60 -31.65
CA LYS E 118 -12.29 -33.77 -31.51
C LYS E 118 -12.04 -32.51 -30.69
N LYS E 119 -10.94 -32.45 -29.94
CA LYS E 119 -10.64 -31.33 -29.07
C LYS E 119 -9.23 -30.84 -29.38
N ILE E 120 -9.09 -29.55 -29.68
CA ILE E 120 -7.79 -28.92 -29.89
C ILE E 120 -7.65 -27.77 -28.91
N ARG E 121 -6.48 -27.65 -28.30
CA ARG E 121 -6.19 -26.54 -27.40
C ARG E 121 -5.53 -25.42 -28.19
N ILE E 122 -6.20 -24.27 -28.27
CA ILE E 122 -5.76 -23.14 -29.08
C ILE E 122 -5.61 -21.92 -28.17
N PRO E 123 -4.48 -21.22 -28.19
CA PRO E 123 -4.36 -20.00 -27.39
C PRO E 123 -5.21 -18.88 -27.94
N VAL E 124 -5.59 -17.95 -27.06
CA VAL E 124 -6.48 -16.86 -27.45
C VAL E 124 -5.78 -15.77 -28.25
N ASP E 125 -4.45 -15.80 -28.33
CA ASP E 125 -3.74 -14.78 -29.10
C ASP E 125 -3.87 -15.02 -30.60
N ARG E 126 -4.22 -16.23 -31.02
CA ARG E 126 -4.37 -16.56 -32.43
C ARG E 126 -5.80 -16.92 -32.80
N ILE E 127 -6.76 -16.54 -31.95
CA ILE E 127 -8.17 -16.83 -32.19
C ILE E 127 -8.98 -15.57 -31.87
N TRP E 128 -10.20 -15.52 -32.40
CA TRP E 128 -11.09 -14.40 -32.14
C TRP E 128 -11.53 -14.40 -30.68
N THR E 129 -11.66 -13.20 -30.13
CA THR E 129 -11.95 -13.04 -28.72
C THR E 129 -13.01 -11.96 -28.53
N PRO E 130 -14.11 -12.25 -27.83
CA PRO E 130 -15.07 -11.21 -27.48
C PRO E 130 -14.49 -10.24 -26.47
N ASP E 131 -15.03 -9.03 -26.47
CA ASP E 131 -14.54 -7.95 -25.62
C ASP E 131 -15.36 -7.81 -24.34
N ILE E 132 -15.79 -8.93 -23.77
CA ILE E 132 -16.64 -8.91 -22.59
C ILE E 132 -15.79 -8.58 -21.38
N VAL E 133 -16.32 -7.72 -20.50
CA VAL E 133 -15.56 -7.12 -19.40
C VAL E 133 -16.51 -6.85 -18.25
N LEU E 134 -15.94 -6.59 -17.07
CA LEU E 134 -16.70 -6.06 -15.96
C LEU E 134 -17.10 -4.62 -16.24
N PHE E 135 -18.36 -4.28 -16.02
CA PHE E 135 -18.77 -2.89 -16.17
C PHE E 135 -18.26 -2.02 -15.04
N ASN E 136 -17.98 -2.60 -13.87
CA ASN E 136 -17.45 -1.87 -12.71
C ASN E 136 -16.15 -2.55 -12.30
N ASN E 137 -15.04 -2.10 -12.87
CA ASN E 137 -13.73 -2.66 -12.61
C ASN E 137 -12.92 -1.69 -11.75
N ALA E 138 -12.26 -2.22 -10.72
CA ALA E 138 -11.44 -1.40 -9.84
C ALA E 138 -9.97 -1.40 -10.21
N ASP E 139 -9.50 -2.42 -10.92
CA ASP E 139 -8.10 -2.45 -11.34
C ASP E 139 -7.86 -1.48 -12.50
N GLU E 140 -6.61 -1.07 -12.64
CA GLU E 140 -6.23 -0.16 -13.72
C GLU E 140 -6.31 -0.86 -15.07
N SER E 141 -5.94 -2.14 -15.11
CA SER E 141 -6.04 -2.94 -16.33
C SER E 141 -6.69 -4.26 -15.98
N TYR E 142 -7.32 -4.87 -16.99
CA TYR E 142 -8.07 -6.10 -16.78
C TYR E 142 -7.10 -7.28 -16.67
N ARG E 143 -7.06 -7.91 -15.51
CA ARG E 143 -6.20 -9.05 -15.28
C ARG E 143 -6.91 -10.33 -15.65
N TYR E 144 -6.13 -11.34 -16.04
CA TYR E 144 -6.67 -12.63 -16.46
C TYR E 144 -5.67 -13.72 -16.09
N VAL E 145 -6.09 -14.64 -15.23
CA VAL E 145 -5.26 -15.75 -14.82
C VAL E 145 -5.65 -16.99 -15.61
N VAL E 146 -4.65 -17.64 -16.23
CA VAL E 146 -4.78 -18.78 -17.14
C VAL E 146 -5.62 -18.56 -18.39
N ASP E 147 -5.41 -17.43 -19.06
CA ASP E 147 -6.19 -17.06 -20.22
C ASP E 147 -5.46 -17.37 -21.52
N LYS E 148 -4.41 -18.19 -21.46
CA LYS E 148 -3.55 -18.44 -22.60
C LYS E 148 -3.92 -19.70 -23.36
N LEU E 149 -5.06 -20.31 -23.05
CA LEU E 149 -5.47 -21.53 -23.75
C LEU E 149 -6.98 -21.63 -23.74
N ALA E 150 -7.52 -22.22 -24.81
CA ALA E 150 -8.95 -22.33 -25.00
C ALA E 150 -9.24 -23.52 -25.91
N VAL E 151 -10.15 -24.38 -25.49
CA VAL E 151 -10.44 -25.59 -26.26
C VAL E 151 -11.40 -25.24 -27.40
N VAL E 152 -11.29 -25.99 -28.50
CA VAL E 152 -12.21 -25.89 -29.62
C VAL E 152 -12.69 -27.29 -29.97
N TYR E 153 -13.96 -27.38 -30.35
CA TYR E 153 -14.56 -28.65 -30.76
C TYR E 153 -14.65 -28.71 -32.28
N TYR E 154 -15.07 -29.88 -32.78
CA TYR E 154 -15.12 -30.11 -34.22
C TYR E 154 -16.30 -29.42 -34.89
N THR E 155 -17.25 -28.89 -34.12
CA THR E 155 -18.39 -28.17 -34.68
C THR E 155 -18.25 -26.66 -34.53
N GLY E 156 -17.07 -26.17 -34.15
CA GLY E 156 -16.90 -24.75 -33.89
C GLY E 156 -17.57 -24.36 -32.59
N LYS E 157 -17.08 -24.90 -31.48
CA LYS E 157 -17.71 -24.78 -30.18
C LYS E 157 -16.66 -24.37 -29.14
N VAL E 158 -15.98 -23.26 -29.43
CA VAL E 158 -14.93 -22.72 -28.56
C VAL E 158 -15.48 -22.48 -27.15
N MET E 159 -14.77 -23.01 -26.16
CA MET E 159 -15.19 -23.02 -24.76
C MET E 159 -14.13 -22.41 -23.88
N TRP E 160 -13.68 -21.21 -24.24
CA TRP E 160 -12.69 -20.49 -23.45
C TRP E 160 -13.20 -20.19 -22.05
N VAL E 161 -12.46 -20.69 -21.05
CA VAL E 161 -12.83 -20.45 -19.66
C VAL E 161 -11.64 -19.82 -18.94
N PRO E 162 -11.53 -18.49 -18.94
CA PRO E 162 -10.52 -17.84 -18.10
C PRO E 162 -11.01 -17.72 -16.66
N HIS E 163 -10.05 -17.43 -15.78
CA HIS E 163 -10.31 -17.27 -14.36
C HIS E 163 -9.74 -15.93 -13.92
N ALA E 164 -10.53 -15.17 -13.17
CA ALA E 164 -10.14 -13.81 -12.86
C ALA E 164 -10.39 -13.48 -11.40
N ARG E 165 -9.56 -12.56 -10.89
CA ARG E 165 -9.80 -11.91 -9.61
C ARG E 165 -10.63 -10.66 -9.91
N LEU E 166 -11.94 -10.85 -9.94
CA LEU E 166 -12.85 -9.76 -10.27
C LEU E 166 -12.97 -8.79 -9.10
N ARG E 167 -12.74 -7.52 -9.38
CA ARG E 167 -12.87 -6.44 -8.39
C ARG E 167 -14.07 -5.60 -8.80
N SER E 168 -15.19 -5.85 -8.15
CA SER E 168 -16.47 -5.26 -8.52
C SER E 168 -16.91 -4.19 -7.53
N PHE E 169 -17.90 -3.40 -7.96
CA PHE E 169 -18.46 -2.32 -7.17
C PHE E 169 -19.92 -2.63 -6.86
N CYS E 170 -20.27 -2.60 -5.58
CA CYS E 170 -21.65 -2.78 -5.16
C CYS E 170 -22.04 -1.68 -4.18
N VAL E 171 -23.35 -1.46 -4.09
CA VAL E 171 -23.92 -0.50 -3.16
C VAL E 171 -24.20 -1.22 -1.85
N LEU E 172 -23.43 -0.89 -0.81
CA LEU E 172 -23.57 -1.52 0.49
C LEU E 172 -24.53 -0.71 1.34
N ASP E 173 -25.68 -1.30 1.67
CA ASP E 173 -26.64 -0.67 2.57
C ASP E 173 -26.17 -0.90 3.99
N LEU E 174 -25.37 0.05 4.51
CA LEU E 174 -24.73 -0.09 5.81
C LEU E 174 -25.62 0.37 6.96
N SER E 175 -26.92 0.55 6.72
CA SER E 175 -27.84 0.81 7.82
C SER E 175 -28.07 -0.42 8.68
N ARG E 176 -27.83 -1.61 8.13
CA ARG E 176 -27.93 -2.86 8.88
C ARG E 176 -26.56 -3.37 9.34
N PHE E 177 -25.53 -2.53 9.26
CA PHE E 177 -24.18 -2.95 9.63
C PHE E 177 -24.11 -3.24 11.12
N PRO E 178 -23.46 -4.35 11.53
CA PRO E 178 -22.75 -5.32 10.70
C PRO E 178 -23.59 -6.47 10.15
N PHE E 179 -24.81 -6.65 10.65
CA PHE E 179 -25.63 -7.81 10.29
C PHE E 179 -26.44 -7.49 9.03
N ASP E 180 -25.71 -7.38 7.92
CA ASP E 180 -26.29 -6.93 6.66
C ASP E 180 -26.49 -8.10 5.70
N SER E 181 -27.29 -7.85 4.67
CA SER E 181 -27.56 -8.79 3.60
C SER E 181 -27.49 -8.10 2.26
N GLN E 182 -26.50 -7.22 2.09
CA GLN E 182 -26.37 -6.42 0.89
C GLN E 182 -25.80 -7.28 -0.23
N MET E 183 -26.60 -7.49 -1.28
CA MET E 183 -26.15 -8.26 -2.43
C MET E 183 -25.15 -7.45 -3.25
N CYS E 184 -24.34 -8.16 -4.04
CA CYS E 184 -23.43 -7.56 -4.98
C CYS E 184 -23.80 -8.00 -6.38
N THR E 185 -23.78 -7.05 -7.31
CA THR E 185 -24.12 -7.31 -8.71
C THR E 185 -22.88 -7.18 -9.56
N LEU E 186 -22.63 -8.20 -10.38
CA LEU E 186 -21.52 -8.20 -11.33
C LEU E 186 -22.10 -8.16 -12.73
N VAL E 187 -21.60 -7.23 -13.54
CA VAL E 187 -22.14 -6.96 -14.87
C VAL E 187 -21.13 -7.41 -15.90
N PHE E 188 -21.59 -8.15 -16.90
CA PHE E 188 -20.75 -8.62 -17.99
C PHE E 188 -21.38 -8.20 -19.31
N GLY E 189 -20.63 -7.44 -20.11
CA GLY E 189 -21.16 -6.99 -21.38
C GLY E 189 -20.02 -6.49 -22.25
N SER E 190 -20.38 -6.15 -23.48
CA SER E 190 -19.42 -5.65 -24.46
C SER E 190 -19.75 -4.19 -24.77
N TRP E 191 -18.76 -3.32 -24.59
CA TRP E 191 -18.90 -1.91 -24.93
C TRP E 191 -18.65 -1.62 -26.40
N THR E 192 -18.01 -2.54 -27.12
CA THR E 192 -17.53 -2.26 -28.46
C THR E 192 -18.58 -2.57 -29.52
N HIS E 193 -19.01 -3.82 -29.60
CA HIS E 193 -20.05 -4.24 -30.53
C HIS E 193 -21.37 -4.41 -29.79
N ASP E 194 -22.44 -4.46 -30.55
CA ASP E 194 -23.81 -4.38 -30.04
C ASP E 194 -24.60 -5.60 -30.48
N VAL E 195 -25.92 -5.53 -30.32
CA VAL E 195 -26.81 -6.64 -30.64
C VAL E 195 -26.85 -6.95 -32.14
N SER E 196 -26.38 -6.04 -32.98
CA SER E 196 -26.25 -6.33 -34.41
C SER E 196 -25.06 -7.24 -34.71
N SER E 197 -24.14 -7.42 -33.78
CA SER E 197 -22.98 -8.27 -33.99
C SER E 197 -23.00 -9.52 -33.12
N VAL E 198 -23.08 -9.37 -31.79
CA VAL E 198 -23.13 -10.51 -30.88
C VAL E 198 -24.45 -10.45 -30.12
N ASN E 199 -24.80 -11.58 -29.50
CA ASN E 199 -26.01 -11.68 -28.66
C ASN E 199 -25.58 -12.38 -27.38
N VAL E 200 -25.24 -11.58 -26.36
CA VAL E 200 -24.75 -12.10 -25.09
C VAL E 200 -25.91 -12.71 -24.31
N THR E 201 -26.00 -14.03 -24.30
CA THR E 201 -27.12 -14.73 -23.69
C THR E 201 -26.64 -15.60 -22.55
N LEU E 202 -27.62 -16.18 -21.85
CA LEU E 202 -27.33 -17.09 -20.74
C LEU E 202 -26.86 -18.44 -21.25
N ARG E 203 -26.31 -19.23 -20.35
CA ARG E 203 -26.03 -20.63 -20.64
C ARG E 203 -27.33 -21.40 -20.78
N ASN E 204 -27.34 -22.40 -21.67
CA ASN E 204 -28.50 -23.26 -21.82
C ASN E 204 -28.76 -24.07 -20.56
N GLN E 205 -27.71 -24.57 -19.94
CA GLN E 205 -27.79 -25.24 -18.65
C GLN E 205 -27.28 -24.26 -17.60
N SER E 206 -28.18 -23.77 -16.76
CA SER E 206 -27.88 -22.73 -15.78
C SER E 206 -27.78 -23.30 -14.36
N LYS E 207 -27.19 -24.49 -14.23
CA LYS E 207 -27.02 -25.14 -12.93
C LYS E 207 -25.84 -24.49 -12.19
N VAL E 208 -26.09 -23.29 -11.67
CA VAL E 208 -25.10 -22.54 -10.92
C VAL E 208 -25.69 -22.10 -9.58
N GLN E 209 -26.64 -22.88 -9.05
CA GLN E 209 -27.29 -22.55 -7.79
C GLN E 209 -26.55 -23.18 -6.60
N TYR E 210 -25.29 -22.76 -6.45
CA TYR E 210 -24.43 -23.29 -5.41
C TYR E 210 -24.55 -22.44 -4.14
N MET E 211 -23.76 -22.78 -3.12
CA MET E 211 -23.69 -22.00 -1.89
C MET E 211 -22.29 -22.18 -1.33
N ILE E 212 -21.43 -21.19 -1.54
CA ILE E 212 -20.03 -21.26 -1.11
C ILE E 212 -19.99 -20.79 0.34
N ASP E 213 -20.12 -21.74 1.26
CA ASP E 213 -20.11 -21.44 2.68
C ASP E 213 -18.67 -21.23 3.13
N GLY E 214 -18.30 -19.96 3.37
CA GLY E 214 -16.97 -19.61 3.81
C GLY E 214 -16.91 -19.33 5.30
N LYS E 215 -15.69 -19.09 5.77
CA LYS E 215 -15.45 -18.78 7.16
C LYS E 215 -15.72 -17.33 7.51
N GLU E 216 -15.91 -16.47 6.52
CA GLU E 216 -16.17 -15.05 6.74
C GLU E 216 -17.55 -14.60 6.30
N TRP E 217 -18.08 -15.17 5.22
CA TRP E 217 -19.39 -14.78 4.71
C TRP E 217 -20.17 -16.03 4.32
N GLN E 218 -21.49 -15.88 4.24
CA GLN E 218 -22.34 -16.87 3.61
C GLN E 218 -22.70 -16.36 2.22
N VAL E 219 -22.37 -17.14 1.20
CA VAL E 219 -22.53 -16.74 -0.19
C VAL E 219 -23.78 -17.41 -0.75
N THR E 220 -24.71 -16.60 -1.24
CA THR E 220 -25.92 -17.10 -1.89
C THR E 220 -25.87 -16.67 -3.35
N SER E 221 -25.76 -17.64 -4.24
CA SER E 221 -25.75 -17.34 -5.67
C SER E 221 -27.16 -17.03 -6.15
N VAL E 222 -27.27 -16.09 -7.07
CA VAL E 222 -28.54 -15.72 -7.69
C VAL E 222 -28.46 -16.13 -9.16
N GLN E 223 -29.56 -16.68 -9.67
CA GLN E 223 -29.66 -17.07 -11.07
C GLN E 223 -29.51 -15.83 -11.95
N PRO E 224 -28.57 -15.84 -12.89
CA PRO E 224 -28.25 -14.61 -13.63
C PRO E 224 -29.35 -14.21 -14.60
N LYS E 225 -29.45 -12.91 -14.84
CA LYS E 225 -30.45 -12.34 -15.74
C LYS E 225 -29.74 -11.56 -16.85
N ARG E 226 -30.51 -11.25 -17.89
CA ARG E 226 -30.00 -10.52 -19.04
C ARG E 226 -30.78 -9.23 -19.20
N TYR E 227 -30.06 -8.12 -19.33
CA TYR E 227 -30.68 -6.82 -19.56
C TYR E 227 -29.98 -6.12 -20.73
N GLN E 228 -30.75 -5.32 -21.46
CA GLN E 228 -30.25 -4.63 -22.65
C GLN E 228 -29.91 -3.20 -22.27
N TRP E 229 -28.64 -2.96 -21.91
CA TRP E 229 -28.17 -1.60 -21.68
C TRP E 229 -28.09 -0.85 -22.99
N THR E 230 -28.57 0.40 -22.98
CA THR E 230 -28.65 1.22 -24.18
C THR E 230 -27.62 2.35 -24.09
N TYR E 231 -26.72 2.41 -25.06
CA TYR E 231 -25.78 3.52 -25.15
C TYR E 231 -26.49 4.80 -25.57
N ASN E 232 -27.44 4.68 -26.50
CA ASN E 232 -28.24 5.81 -26.97
C ASN E 232 -29.60 5.27 -27.38
N SER E 233 -30.40 6.14 -28.02
CA SER E 233 -31.74 5.74 -28.44
C SER E 233 -31.70 4.82 -29.66
N ASN E 234 -30.82 5.12 -30.62
CA ASN E 234 -30.81 4.38 -31.88
C ASN E 234 -30.17 3.00 -31.73
N GLU E 235 -29.12 2.89 -30.93
CA GLU E 235 -28.36 1.65 -30.79
C GLU E 235 -28.60 1.04 -29.42
N ASN E 236 -28.68 -0.30 -29.39
CA ASN E 236 -28.91 -1.05 -28.16
C ASN E 236 -27.85 -2.13 -28.03
N TYR E 237 -27.45 -2.40 -26.79
CA TYR E 237 -26.41 -3.37 -26.48
C TYR E 237 -26.97 -4.46 -25.57
N ALA E 238 -26.09 -5.32 -25.09
CA ALA E 238 -26.48 -6.45 -24.25
C ALA E 238 -25.63 -6.49 -22.99
N GLY E 239 -26.18 -7.12 -21.95
CA GLY E 239 -25.47 -7.25 -20.69
C GLY E 239 -26.08 -8.34 -19.84
N ILE E 240 -25.27 -8.92 -18.97
CA ILE E 240 -25.66 -10.02 -18.09
C ILE E 240 -25.36 -9.61 -16.65
N ILE E 241 -26.37 -9.68 -15.79
CA ILE E 241 -26.24 -9.40 -14.37
C ILE E 241 -26.21 -10.72 -13.63
N THR E 242 -25.18 -10.90 -12.79
CA THR E 242 -25.16 -12.00 -11.85
C THR E 242 -25.09 -11.47 -10.43
N GLY E 243 -25.73 -12.18 -9.51
CA GLY E 243 -25.90 -11.69 -8.15
C GLY E 243 -25.28 -12.63 -7.14
N ILE E 244 -24.56 -12.04 -6.18
CA ILE E 244 -23.94 -12.78 -5.08
C ILE E 244 -24.37 -12.09 -3.80
N LYS E 245 -25.25 -12.74 -3.03
CA LYS E 245 -25.70 -12.20 -1.76
C LYS E 245 -24.75 -12.62 -0.65
N LEU E 246 -24.33 -11.66 0.16
CA LEU E 246 -23.38 -11.89 1.25
C LEU E 246 -24.10 -11.74 2.58
N LYS E 247 -24.04 -12.78 3.41
CA LYS E 247 -24.58 -12.74 4.75
C LYS E 247 -23.43 -12.74 5.75
N ARG E 248 -23.44 -11.76 6.64
CA ARG E 248 -22.40 -11.66 7.67
C ARG E 248 -22.67 -12.67 8.78
N THR E 249 -21.65 -13.44 9.13
CA THR E 249 -21.77 -14.42 10.20
C THR E 249 -20.62 -14.40 11.18
N SER E 250 -19.59 -13.57 10.95
CA SER E 250 -18.45 -13.52 11.83
C SER E 250 -18.78 -12.81 13.14
N ILE E 251 -18.07 -13.18 14.20
CA ILE E 251 -18.22 -12.55 15.50
C ILE E 251 -17.11 -11.53 15.76
N TYR E 252 -16.48 -11.01 14.69
CA TYR E 252 -15.44 -10.00 14.86
C TYR E 252 -16.04 -8.67 15.31
N TYR E 253 -17.06 -8.18 14.59
CA TYR E 253 -17.62 -6.88 14.90
C TYR E 253 -18.47 -6.89 16.15
N GLN E 254 -18.93 -8.06 16.58
CA GLN E 254 -19.58 -8.18 17.89
C GLN E 254 -18.56 -8.18 19.03
N TYR E 255 -17.28 -8.34 18.73
CA TYR E 255 -16.22 -8.33 19.73
C TYR E 255 -15.50 -6.99 19.81
N VAL E 256 -15.22 -6.35 18.68
CA VAL E 256 -14.49 -5.09 18.71
C VAL E 256 -15.37 -3.87 18.90
N PHE E 257 -16.67 -3.96 18.61
CA PHE E 257 -17.55 -2.80 18.69
C PHE E 257 -18.72 -2.99 19.64
N ILE E 258 -19.48 -4.08 19.50
CA ILE E 258 -20.75 -4.21 20.21
C ILE E 258 -20.53 -4.44 21.70
N MET E 259 -19.61 -5.35 22.05
CA MET E 259 -19.36 -5.65 23.46
C MET E 259 -18.74 -4.49 24.24
N PRO E 260 -17.70 -3.77 23.77
CA PRO E 260 -17.25 -2.60 24.54
C PRO E 260 -18.27 -1.47 24.61
N THR E 261 -19.08 -1.28 23.57
CA THR E 261 -20.09 -0.22 23.62
C THR E 261 -21.20 -0.56 24.60
N VAL E 262 -21.64 -1.82 24.63
CA VAL E 262 -22.67 -2.20 25.59
C VAL E 262 -22.09 -2.24 27.01
N LEU E 263 -20.79 -2.49 27.15
CA LEU E 263 -20.21 -2.44 28.48
C LEU E 263 -20.07 -1.00 28.98
N LEU E 264 -19.75 -0.07 28.08
CA LEU E 264 -19.71 1.34 28.47
C LEU E 264 -21.11 1.86 28.75
N ALA E 265 -22.12 1.36 28.03
CA ALA E 265 -23.50 1.71 28.35
C ALA E 265 -23.91 1.17 29.72
N PHE E 266 -23.46 -0.05 30.06
CA PHE E 266 -23.69 -0.60 31.38
C PHE E 266 -22.99 0.21 32.46
N LEU E 267 -21.78 0.68 32.17
CA LEU E 267 -21.05 1.53 33.11
C LEU E 267 -21.75 2.86 33.33
N THR E 268 -22.27 3.48 32.27
CA THR E 268 -23.01 4.73 32.42
C THR E 268 -24.34 4.51 33.12
N LEU E 269 -24.95 3.34 32.94
CA LEU E 269 -26.15 2.99 33.69
C LEU E 269 -25.83 2.87 35.17
N LEU E 270 -24.66 2.31 35.51
CA LEU E 270 -24.26 2.20 36.90
C LEU E 270 -23.64 3.47 37.46
N MET E 271 -23.38 4.47 36.61
CA MET E 271 -22.75 5.71 37.05
C MET E 271 -23.50 6.52 38.12
N PRO E 272 -24.79 6.86 38.00
CA PRO E 272 -25.35 7.88 38.90
C PRO E 272 -25.62 7.43 40.33
N PHE E 273 -25.26 6.20 40.71
CA PHE E 273 -25.41 5.78 42.10
C PHE E 273 -24.37 6.38 43.03
N ILE E 274 -23.23 6.83 42.49
CA ILE E 274 -22.15 7.38 43.31
C ILE E 274 -22.59 8.73 43.88
N PRO E 275 -22.40 8.98 45.19
CA PRO E 275 -22.72 10.29 45.73
C PRO E 275 -21.78 11.35 45.19
N PRO E 276 -22.25 12.59 45.03
CA PRO E 276 -21.39 13.64 44.47
C PRO E 276 -20.29 14.09 45.43
N LEU E 277 -20.44 13.85 46.72
CA LEU E 277 -19.44 14.28 47.69
C LEU E 277 -18.22 13.36 47.73
N GLY E 278 -18.26 12.23 47.03
CA GLY E 278 -17.13 11.32 47.00
C GLY E 278 -16.00 11.73 46.09
N LYS E 279 -16.18 12.81 45.33
CA LYS E 279 -15.17 13.40 44.44
C LYS E 279 -14.67 12.43 43.38
N GLU E 280 -15.53 11.50 42.97
CA GLU E 280 -15.19 10.51 41.96
C GLU E 280 -16.21 10.40 40.85
N ARG E 281 -17.37 11.04 40.98
CA ARG E 281 -18.40 10.99 39.95
C ARG E 281 -17.97 11.74 38.70
N ILE E 282 -17.36 12.92 38.88
CA ILE E 282 -16.86 13.69 37.74
C ILE E 282 -15.65 12.98 37.12
N THR E 283 -14.81 12.36 37.94
CA THR E 283 -13.71 11.57 37.41
C THR E 283 -14.20 10.36 36.64
N TYR E 284 -15.27 9.77 37.12
CA TYR E 284 -15.81 8.64 36.35
C TYR E 284 -16.26 9.22 35.02
N GLY E 285 -17.10 10.24 35.08
CA GLY E 285 -17.66 10.77 33.84
C GLY E 285 -16.61 11.13 32.82
N ILE E 286 -15.50 11.74 33.26
CA ILE E 286 -14.46 12.10 32.29
C ILE E 286 -13.69 10.86 31.84
N GLY E 287 -13.60 9.82 32.69
CA GLY E 287 -13.06 8.55 32.23
C GLY E 287 -13.96 7.87 31.22
N LEU E 288 -15.28 8.01 31.40
CA LEU E 288 -16.22 7.52 30.39
C LEU E 288 -16.08 8.30 29.09
N VAL E 289 -15.81 9.61 29.17
CA VAL E 289 -15.56 10.43 27.98
C VAL E 289 -14.32 9.93 27.25
N LEU E 290 -13.24 9.63 27.99
CA LEU E 290 -12.02 9.12 27.39
C LEU E 290 -12.22 7.74 26.77
N GLY E 291 -12.97 6.86 27.44
CA GLY E 291 -13.23 5.54 26.89
C GLY E 291 -14.10 5.58 25.65
N CYS E 292 -15.13 6.44 25.66
CA CYS E 292 -15.96 6.59 24.47
C CYS E 292 -15.20 7.28 23.34
N THR E 293 -14.22 8.13 23.67
CA THR E 293 -13.37 8.73 22.64
C THR E 293 -12.45 7.68 22.01
N LEU E 294 -11.94 6.76 22.82
CA LEU E 294 -11.14 5.67 22.26
C LEU E 294 -12.00 4.74 21.40
N LEU E 295 -13.26 4.53 21.80
CA LEU E 295 -14.18 3.76 20.97
C LEU E 295 -14.47 4.48 19.65
N LEU E 296 -14.61 5.81 19.68
CA LEU E 296 -14.76 6.58 18.45
C LEU E 296 -13.50 6.52 17.60
N MET E 297 -12.32 6.46 18.23
CA MET E 297 -11.08 6.33 17.47
C MET E 297 -11.01 4.99 16.74
N MET E 298 -11.40 3.91 17.41
CA MET E 298 -11.46 2.60 16.76
C MET E 298 -12.49 2.58 15.64
N LEU E 299 -13.67 3.18 15.88
CA LEU E 299 -14.71 3.21 14.85
C LEU E 299 -14.32 4.06 13.65
N SER E 300 -13.68 5.21 13.87
CA SER E 300 -13.26 6.07 12.78
C SER E 300 -12.11 5.47 12.00
N ASP E 301 -11.23 4.73 12.66
CA ASP E 301 -10.18 4.03 11.92
C ASP E 301 -10.70 2.79 11.20
N ARG E 302 -11.83 2.23 11.64
CA ARG E 302 -12.35 1.04 10.97
C ARG E 302 -13.45 1.36 9.96
N MET E 303 -14.49 2.10 10.37
CA MET E 303 -15.62 2.36 9.48
C MET E 303 -15.23 3.36 8.40
N PRO E 304 -15.46 3.06 7.13
CA PRO E 304 -14.92 3.90 6.05
C PRO E 304 -15.65 5.22 5.86
N THR E 305 -15.19 5.99 4.87
CA THR E 305 -15.78 7.30 4.59
C THR E 305 -17.11 7.19 3.85
N GLU E 306 -17.37 6.07 3.18
CA GLU E 306 -18.63 5.88 2.49
C GLU E 306 -19.78 5.64 3.46
N LEU E 307 -20.66 6.62 3.62
CA LEU E 307 -21.86 6.49 4.42
C LEU E 307 -23.06 6.91 3.57
N GLY E 308 -24.03 6.00 3.45
CA GLY E 308 -25.32 6.37 2.91
C GLY E 308 -26.27 6.59 4.06
N ASN E 309 -26.16 5.74 5.07
CA ASN E 309 -26.89 5.88 6.32
C ASN E 309 -25.94 5.62 7.48
N VAL E 310 -26.26 6.20 8.62
CA VAL E 310 -25.42 6.05 9.82
C VAL E 310 -25.55 4.61 10.33
N PRO E 311 -24.45 3.93 10.64
CA PRO E 311 -24.54 2.59 11.22
C PRO E 311 -25.15 2.61 12.62
N VAL E 312 -25.81 1.51 12.97
CA VAL E 312 -26.50 1.42 14.25
C VAL E 312 -25.51 1.34 15.41
N VAL E 313 -24.32 0.77 15.18
CA VAL E 313 -23.29 0.77 16.21
C VAL E 313 -22.75 2.19 16.42
N ALA E 314 -22.64 2.95 15.33
CA ALA E 314 -22.27 4.36 15.43
C ALA E 314 -23.34 5.17 16.13
N ALA E 315 -24.61 4.85 15.90
CA ALA E 315 -25.71 5.51 16.60
C ALA E 315 -25.70 5.18 18.08
N TYR E 316 -25.36 3.93 18.43
CA TYR E 316 -25.23 3.55 19.84
C TYR E 316 -24.07 4.27 20.51
N LEU E 317 -22.96 4.46 19.77
CA LEU E 317 -21.83 5.19 20.33
C LEU E 317 -22.16 6.67 20.53
N ALA E 318 -23.15 7.02 19.76
CA ALA E 318 -23.59 8.38 19.99
C ALA E 318 -24.41 8.30 21.27
N TYR E 319 -25.10 7.19 21.49
CA TYR E 319 -25.98 7.20 22.69
C TYR E 319 -25.12 7.22 23.96
N VAL E 320 -24.03 6.46 24.02
CA VAL E 320 -23.30 6.43 25.31
C VAL E 320 -22.73 7.82 25.49
N PHE E 321 -22.41 8.49 24.39
CA PHE E 321 -21.78 9.81 24.50
C PHE E 321 -22.83 10.76 25.05
N VAL E 322 -24.03 10.71 24.49
CA VAL E 322 -25.02 11.72 24.93
C VAL E 322 -25.42 11.40 26.36
N MET E 323 -25.23 10.15 26.77
CA MET E 323 -25.50 9.83 28.19
C MET E 323 -24.42 10.51 29.02
N VAL E 324 -23.15 10.18 28.78
CA VAL E 324 -22.12 10.78 29.64
C VAL E 324 -22.41 12.28 29.66
N ALA E 325 -22.68 12.91 28.51
CA ALA E 325 -22.86 14.36 28.60
C ALA E 325 -24.01 14.72 29.53
N ILE E 326 -25.14 14.01 29.42
CA ILE E 326 -26.31 14.33 30.22
C ILE E 326 -26.08 13.99 31.70
N ASN E 327 -25.48 12.83 31.98
CA ASN E 327 -25.23 12.52 33.39
C ASN E 327 -24.07 13.34 33.97
N LEU E 328 -23.14 13.82 33.14
CA LEU E 328 -22.13 14.74 33.65
C LEU E 328 -22.74 16.09 34.00
N LEU E 329 -23.69 16.56 33.19
CA LEU E 329 -24.43 17.78 33.52
C LEU E 329 -25.20 17.62 34.82
N PHE E 330 -25.88 16.48 34.99
CA PHE E 330 -26.63 16.27 36.22
C PHE E 330 -25.71 16.07 37.42
N ALA E 331 -24.53 15.49 37.22
CA ALA E 331 -23.58 15.33 38.33
C ALA E 331 -22.99 16.67 38.75
N ILE E 332 -22.69 17.54 37.78
CA ILE E 332 -22.19 18.88 38.09
C ILE E 332 -23.25 19.69 38.82
N MET E 333 -24.51 19.61 38.36
CA MET E 333 -25.59 20.31 39.05
C MET E 333 -25.86 19.73 40.44
N ALA E 334 -25.68 18.42 40.63
CA ALA E 334 -25.85 17.82 41.94
C ALA E 334 -24.74 18.26 42.90
N ILE E 335 -23.49 18.31 42.43
CA ILE E 335 -22.41 18.74 43.31
C ILE E 335 -22.44 20.24 43.54
N ASN E 336 -23.09 21.01 42.65
CA ASN E 336 -23.31 22.42 42.93
C ASN E 336 -24.46 22.63 43.92
N MET E 337 -25.49 21.79 43.85
CA MET E 337 -26.60 21.88 44.80
C MET E 337 -26.18 21.40 46.18
N SER E 338 -25.23 20.46 46.25
CA SER E 338 -24.80 19.93 47.53
C SER E 338 -24.00 20.94 48.34
N MET E 339 -23.26 21.82 47.67
CA MET E 339 -22.46 22.82 48.36
C MET E 339 -23.33 23.96 48.89
N GLN E 446 -31.47 20.99 50.95
CA GLN E 446 -32.03 19.67 51.19
C GLN E 446 -31.36 18.61 50.32
N GLN E 447 -31.42 17.36 50.78
CA GLN E 447 -30.80 16.25 50.05
C GLN E 447 -31.84 15.62 49.11
N LEU E 448 -32.25 16.43 48.13
CA LEU E 448 -33.22 16.00 47.13
C LEU E 448 -32.57 15.27 45.95
N THR E 449 -31.23 15.23 45.91
CA THR E 449 -30.52 14.70 44.76
C THR E 449 -30.65 13.18 44.64
N ARG E 450 -30.95 12.47 45.72
CA ARG E 450 -31.08 11.02 45.66
C ARG E 450 -32.29 10.59 44.85
N VAL E 451 -33.42 11.27 45.04
CA VAL E 451 -34.64 10.96 44.28
C VAL E 451 -34.46 11.33 42.82
N ILE E 452 -33.78 12.45 42.55
CA ILE E 452 -33.50 12.88 41.19
C ILE E 452 -32.60 11.86 40.48
N ASP E 453 -31.57 11.38 41.19
CA ASP E 453 -30.67 10.38 40.61
C ASP E 453 -31.39 9.05 40.40
N ARG E 454 -32.33 8.69 41.28
CA ARG E 454 -33.07 7.44 41.12
C ARG E 454 -34.02 7.50 39.93
N LEU E 455 -34.74 8.62 39.77
CA LEU E 455 -35.63 8.75 38.61
C LEU E 455 -34.83 8.87 37.32
N LEU E 456 -33.67 9.53 37.37
CA LEU E 456 -32.77 9.59 36.22
C LEU E 456 -32.25 8.20 35.86
N PHE E 457 -31.92 7.39 36.87
CA PHE E 457 -31.48 6.02 36.63
C PHE E 457 -32.58 5.17 36.04
N GLY E 458 -33.82 5.35 36.50
CA GLY E 458 -34.94 4.61 35.92
C GLY E 458 -35.23 4.99 34.49
N SER E 459 -35.18 6.30 34.18
CA SER E 459 -35.38 6.77 32.82
C SER E 459 -34.27 6.27 31.89
N PHE E 460 -33.02 6.28 32.38
CA PHE E 460 -31.93 5.75 31.59
C PHE E 460 -32.02 4.24 31.44
N LEU E 461 -32.57 3.55 32.44
CA LEU E 461 -32.76 2.10 32.37
C LEU E 461 -33.76 1.75 31.28
N VAL E 462 -34.91 2.42 31.27
CA VAL E 462 -35.92 2.11 30.25
C VAL E 462 -35.48 2.56 28.87
N LEU E 463 -34.73 3.67 28.77
CA LEU E 463 -34.23 4.11 27.47
C LEU E 463 -33.16 3.17 26.93
N THR E 464 -32.25 2.70 27.79
CA THR E 464 -31.22 1.77 27.36
C THR E 464 -31.82 0.41 26.98
N VAL E 465 -32.84 -0.05 27.72
CA VAL E 465 -33.40 -1.35 27.38
C VAL E 465 -34.24 -1.26 26.10
N VAL E 466 -34.90 -0.13 25.83
CA VAL E 466 -35.63 -0.05 24.57
C VAL E 466 -34.68 0.15 23.39
N ILE E 467 -33.53 0.80 23.62
CA ILE E 467 -32.53 0.91 22.56
C ILE E 467 -31.88 -0.44 22.26
N THR E 468 -31.58 -1.23 23.31
CA THR E 468 -31.00 -2.55 23.07
C THR E 468 -31.98 -3.53 22.47
N ILE E 469 -33.28 -3.45 22.79
CA ILE E 469 -34.22 -4.33 22.09
C ILE E 469 -34.56 -3.81 20.70
N SER E 470 -34.33 -2.52 20.41
CA SER E 470 -34.37 -2.08 19.02
C SER E 470 -33.18 -2.60 18.24
N MET E 471 -32.01 -2.67 18.90
CA MET E 471 -30.82 -3.22 18.25
C MET E 471 -30.93 -4.72 18.04
N TYR E 472 -31.54 -5.43 18.98
CA TYR E 472 -31.58 -6.90 18.97
C TYR E 472 -32.48 -7.47 17.88
N ALA E 473 -33.28 -6.65 17.20
CA ALA E 473 -34.09 -7.13 16.09
C ALA E 473 -33.26 -7.57 14.89
N HIS E 474 -32.03 -7.05 14.77
CA HIS E 474 -31.13 -7.51 13.72
C HIS E 474 -30.67 -8.94 13.96
N TYR E 475 -30.29 -9.24 15.20
CA TYR E 475 -29.76 -10.56 15.54
C TYR E 475 -30.72 -11.31 16.46
C1 NAG F . -10.44 24.61 -34.89
C2 NAG F . -10.00 25.60 -35.97
C3 NAG F . -10.42 27.01 -35.61
C4 NAG F . -11.91 27.08 -35.31
C5 NAG F . -12.28 26.06 -34.25
C6 NAG F . -13.76 25.99 -33.98
C7 NAG F . -8.03 25.26 -37.39
C8 NAG F . -6.53 25.23 -37.44
N2 NAG F . -8.56 25.52 -36.20
O3 NAG F . -10.09 27.90 -36.67
O4 NAG F . -12.26 28.38 -34.87
O5 NAG F . -11.86 24.74 -34.66
O6 NAG F . -14.39 27.23 -34.22
O7 NAG F . -8.71 25.05 -38.38
C1 NAG G . 30.90 19.09 -24.77
C2 NAG G . 32.31 19.06 -25.37
C3 NAG G . 33.25 19.95 -24.57
C4 NAG G . 32.69 21.36 -24.46
C5 NAG G . 31.28 21.32 -23.87
C6 NAG G . 30.61 22.67 -23.84
C7 NAG G . 33.22 17.11 -26.56
C8 NAG G . 33.72 15.71 -26.43
N2 NAG G . 32.82 17.70 -25.43
O3 NAG G . 34.53 19.98 -25.19
O4 NAG G . 33.52 22.15 -23.62
O5 NAG G . 30.45 20.46 -24.68
O6 NAG G . 31.57 23.72 -23.70
O7 NAG G . 33.18 17.70 -27.64
C1 NAG H . 36.16 -21.81 -12.38
C2 NAG H . 36.82 -23.13 -12.78
C3 NAG H . 37.60 -23.71 -11.60
C4 NAG H . 38.60 -22.69 -11.06
C5 NAG H . 37.87 -21.39 -10.72
C6 NAG H . 38.81 -20.30 -10.28
C7 NAG H . 35.89 -24.66 -14.46
C8 NAG H . 34.79 -25.62 -14.79
N2 NAG H . 35.84 -24.09 -13.25
O3 NAG H . 38.29 -24.89 -12.01
O4 NAG H . 39.25 -23.20 -9.90
O5 NAG H . 37.16 -20.90 -11.87
O6 NAG H . 39.97 -20.82 -9.66
O7 NAG H . 36.79 -24.41 -15.25
C1 NAG I . -2.07 -41.41 -14.82
C2 NAG I . -2.84 -42.49 -15.57
C3 NAG I . -3.53 -43.43 -14.59
C4 NAG I . -2.52 -44.01 -13.61
C5 NAG I . -1.77 -42.87 -12.90
C6 NAG I . -0.67 -43.37 -12.00
C7 NAG I . -3.83 -42.14 -17.78
C8 NAG I . -4.90 -41.44 -18.57
N2 NAG I . -3.82 -41.90 -16.47
O3 NAG I . -4.16 -44.49 -15.30
O4 NAG I . -3.18 -44.81 -12.63
O5 NAG I . -1.15 -42.02 -13.89
O6 NAG I . -0.98 -44.66 -11.47
O7 NAG I . -3.01 -42.88 -18.32
C1 NAG J . -30.83 -12.62 -28.70
C2 NAG J . -31.74 -12.28 -29.88
C3 NAG J . -33.17 -12.00 -29.38
C4 NAG J . -33.69 -13.16 -28.55
C5 NAG J . -32.72 -13.46 -27.41
C6 NAG J . -33.12 -14.68 -26.61
C7 NAG J . -30.95 -11.20 -31.92
C8 NAG J . -30.42 -9.95 -32.54
N2 NAG J . -31.23 -11.14 -30.62
O3 NAG J . -34.02 -11.78 -30.51
O4 NAG J . -34.97 -12.84 -28.02
O5 NAG J . -31.41 -13.72 -27.94
O6 NAG J . -34.53 -14.86 -26.60
O7 NAG J . -31.10 -12.23 -32.58
#